data_5SY5
#
_entry.id   5SY5
#
_cell.length_a   69.948
_cell.length_b   81.187
_cell.length_c   138.062
_cell.angle_alpha   90.380
_cell.angle_beta   95.080
_cell.angle_gamma   107.390
#
_symmetry.space_group_name_H-M   'P 1'
#
loop_
_entity.id
_entity.type
_entity.pdbx_description
1 polymer 'Aryl hydrocarbon receptor nuclear translocator'
2 polymer 'Neuronal PAS domain-containing protein 1'
#
loop_
_entity_poly.entity_id
_entity_poly.type
_entity_poly.pdbx_seq_one_letter_code
_entity_poly.pdbx_strand_id
1 'polypeptide(L)'
;MSSADKERLARENHSEIERRRRNKMTAYITELSDMVPTCSALARKPDKLTILRMAVSHMKSLRGTGNTSTDGSYKPSFLT
DQELKHLILEAADGFLFIVSCETGRVVYVSDSVTPVLNQPQSEWFGSTLYDQVHPDDVDKLREQLSTSENALTGRVLDLK
TGTVKKEGQQSSMRMCMGSRRSFICRMRCGTSSVDPVSMNRLSFLRNRCRNGLGSVKEGEPHFVVVHCTGYIKAWPPAGV
SLPDDDPEAGQGSKFCLVAIGRLQVTSSPNCTDMSNICQPTEFISRHNIEGIFTFVDHRCVATVGYQPQELLGKNIVEFC
HPEDQQLLRDSFQQVVKLKGQVLSVMFRFRSKTREWLWMRTSSFTFQNPYSDEIEYIICTNTNV
;
A,C,E
2 'polypeptide(L)'
;MIQAQRKEKSRNAARWRRGKENLEFFELAKLLPLPGAISSQLDKASIVRLSVTYLRLRRFAALGAPPWGLRAVGPPAGLA
PGRRGPVALVSEVFEQHLGGHILQSLDGFVFALNQEGKFLYISETVSIYLGLSQVELTGSSVFDYIHPGDHSEVLEQLGL
RAASIGPPTPPSVSSSSSSSSSSLVDTPEIEASPTEASPAFRAQERSFFVRMKSTLTKRGLNVKASGYKVIHVTGRLRAR
ALGLVALGHTLPPAPLAELPLHGHMIVFRLSLGLTILACESRVSDHMDMGPSELVGRSCYQFVHGQDATRIRQSHLDLLD
KGQVVTGYYRWLQRAGGFVWLQSVATVAGNGKSTGEHHVLWVSHVLSNAEGSQTPLDAFQLPALEHHHHHH
;
B,D,F
#
# COMPACT_ATOMS: atom_id res chain seq x y z
N ARG A 19 -33.33 34.46 2.62
CA ARG A 19 -32.72 33.88 1.42
C ARG A 19 -32.24 32.46 1.67
N ARG A 20 -31.64 31.87 0.64
CA ARG A 20 -31.26 30.46 0.71
C ARG A 20 -30.05 30.24 1.61
N ARG A 21 -29.34 31.30 2.02
CA ARG A 21 -28.18 31.11 2.88
C ARG A 21 -28.58 30.93 4.34
N ARG A 22 -29.63 31.61 4.79
CA ARG A 22 -29.94 31.66 6.21
C ARG A 22 -30.71 30.41 6.66
N ASN A 23 -31.75 30.04 5.92
CA ASN A 23 -32.41 28.75 6.16
C ASN A 23 -31.43 27.58 6.07
N LYS A 24 -30.41 27.69 5.21
CA LYS A 24 -29.36 26.67 5.15
C LYS A 24 -28.60 26.60 6.47
N MET A 25 -28.20 27.74 7.02
CA MET A 25 -27.45 27.68 8.27
C MET A 25 -28.32 27.19 9.42
N THR A 26 -29.59 27.63 9.50
CA THR A 26 -30.42 27.08 10.56
C THR A 26 -30.51 25.56 10.41
N ALA A 27 -30.50 25.09 9.16
CA ALA A 27 -30.48 23.66 8.91
C ALA A 27 -29.18 23.02 9.38
N TYR A 28 -28.04 23.73 9.28
CA TYR A 28 -26.82 23.26 9.92
C TYR A 28 -26.97 23.21 11.45
N ILE A 29 -27.43 24.31 12.05
CA ILE A 29 -27.43 24.47 13.50
C ILE A 29 -28.27 23.41 14.18
N THR A 30 -29.43 23.07 13.59
CA THR A 30 -30.27 22.05 14.24
C THR A 30 -29.58 20.68 14.22
N GLU A 31 -28.98 20.32 13.09
CA GLU A 31 -28.25 19.06 13.05
C GLU A 31 -27.10 19.09 14.03
N LEU A 32 -26.46 20.25 14.20
CA LEU A 32 -25.46 20.40 15.25
C LEU A 32 -26.06 20.09 16.62
N SER A 33 -27.30 20.56 16.87
CA SER A 33 -27.98 20.19 18.10
C SER A 33 -28.17 18.69 18.22
N ASP A 34 -28.36 17.99 17.09
CA ASP A 34 -28.51 16.53 17.14
C ASP A 34 -27.20 15.84 17.50
N MET A 35 -26.08 16.33 16.97
CA MET A 35 -24.77 15.72 17.24
C MET A 35 -24.19 16.10 18.60
N VAL A 36 -24.69 17.17 19.23
CA VAL A 36 -24.29 17.53 20.60
C VAL A 36 -25.19 16.75 21.56
N PRO A 37 -24.64 15.95 22.47
CA PRO A 37 -25.49 15.12 23.34
C PRO A 37 -26.28 15.94 24.36
N THR A 38 -25.59 16.77 25.15
CA THR A 38 -26.26 17.60 26.15
C THR A 38 -27.37 18.46 25.55
N CYS A 39 -27.46 18.53 24.22
CA CYS A 39 -28.31 19.48 23.53
C CYS A 39 -29.42 18.79 22.74
N SER A 40 -29.24 17.52 22.39
CA SER A 40 -30.24 16.75 21.69
C SER A 40 -31.21 16.10 22.65
N ALA A 41 -30.71 15.69 23.83
CA ALA A 41 -31.55 15.00 24.80
C ALA A 41 -32.47 16.02 25.49
N LEU A 42 -33.06 16.90 24.71
CA LEU A 42 -33.95 17.92 25.21
C LEU A 42 -35.26 17.76 24.50
N ALA A 43 -36.35 18.06 25.19
CA ALA A 43 -37.66 18.13 24.53
C ALA A 43 -37.66 19.23 23.48
N ARG A 44 -37.34 20.45 23.90
CA ARG A 44 -37.40 21.64 23.05
C ARG A 44 -35.99 22.02 22.60
N LYS A 45 -35.82 22.32 21.33
CA LYS A 45 -34.50 22.73 20.86
C LYS A 45 -34.19 24.14 21.35
N PRO A 46 -33.05 24.38 22.01
CA PRO A 46 -32.78 25.72 22.54
C PRO A 46 -32.42 26.72 21.45
N ASP A 47 -32.17 27.98 21.84
CA ASP A 47 -31.85 29.03 20.88
C ASP A 47 -30.49 28.76 20.21
N LYS A 48 -30.29 29.43 19.07
CA LYS A 48 -29.02 29.34 18.35
C LYS A 48 -27.82 29.58 19.26
N LEU A 49 -27.86 30.66 20.06
CA LEU A 49 -26.76 30.94 20.97
C LEU A 49 -26.51 29.77 21.94
N THR A 50 -27.56 29.11 22.42
CA THR A 50 -27.30 28.03 23.36
C THR A 50 -26.83 26.76 22.69
N ILE A 51 -27.26 26.54 21.45
CA ILE A 51 -26.79 25.40 20.68
C ILE A 51 -25.28 25.60 20.50
N LEU A 52 -24.88 26.78 20.02
CA LEU A 52 -23.45 27.09 19.85
C LEU A 52 -22.68 26.88 21.14
N ARG A 53 -23.13 27.52 22.23
CA ARG A 53 -22.48 27.37 23.53
C ARG A 53 -22.29 25.88 23.90
N MET A 54 -23.34 25.07 23.70
CA MET A 54 -23.30 23.66 24.09
C MET A 54 -22.31 22.86 23.24
N ALA A 55 -22.31 23.12 21.94
CA ALA A 55 -21.32 22.52 21.06
C ALA A 55 -19.91 22.89 21.49
N VAL A 56 -19.67 24.17 21.77
CA VAL A 56 -18.32 24.62 22.17
C VAL A 56 -17.85 23.89 23.42
N SER A 57 -18.71 23.72 24.43
CA SER A 57 -18.20 23.01 25.60
C SER A 57 -18.05 21.51 25.32
N HIS A 58 -18.95 20.95 24.49
CA HIS A 58 -18.88 19.53 24.18
C HIS A 58 -17.56 19.19 23.51
N MET A 59 -17.19 19.95 22.50
CA MET A 59 -15.94 19.71 21.83
C MET A 59 -14.77 20.03 22.75
N LYS A 60 -14.91 21.08 23.57
CA LYS A 60 -13.86 21.38 24.54
C LYS A 60 -13.58 20.19 25.45
N SER A 61 -14.54 19.27 25.61
CA SER A 61 -14.23 18.04 26.35
C SER A 61 -13.62 16.94 25.47
N LEU A 62 -12.99 17.30 24.33
CA LEU A 62 -12.29 16.33 23.48
C LEU A 62 -10.90 16.81 22.99
N PRO A 76 -1.65 15.95 10.14
CA PRO A 76 -2.39 15.58 11.34
C PRO A 76 -3.67 16.42 11.47
N SER A 77 -4.76 15.98 10.87
CA SER A 77 -5.94 16.84 10.75
C SER A 77 -7.18 15.97 10.74
N PHE A 78 -8.04 16.16 11.75
CA PHE A 78 -9.30 15.45 11.99
C PHE A 78 -9.07 14.09 12.66
N LEU A 79 -7.97 13.43 12.33
CA LEU A 79 -7.71 12.07 12.77
C LEU A 79 -6.39 12.02 13.53
N THR A 80 -6.39 11.34 14.68
CA THR A 80 -5.17 11.05 15.40
C THR A 80 -4.28 10.09 14.61
N ASP A 81 -3.00 10.05 14.97
CA ASP A 81 -2.08 9.14 14.31
C ASP A 81 -2.53 7.69 14.45
N GLN A 82 -3.06 7.34 15.61
CA GLN A 82 -3.64 6.01 15.77
C GLN A 82 -4.79 5.82 14.81
N GLU A 83 -5.81 6.67 14.91
CA GLU A 83 -6.97 6.63 14.03
C GLU A 83 -6.57 6.54 12.56
N LEU A 84 -5.56 7.30 12.17
CA LEU A 84 -5.16 7.26 10.78
C LEU A 84 -4.55 5.92 10.43
N LYS A 85 -3.72 5.37 11.33
CA LYS A 85 -3.14 4.04 11.12
C LYS A 85 -4.20 2.98 10.89
N HIS A 86 -5.25 3.01 11.71
CA HIS A 86 -6.32 2.02 11.60
C HIS A 86 -7.19 2.25 10.38
N LEU A 87 -7.34 3.50 9.95
CA LEU A 87 -8.06 3.80 8.70
C LEU A 87 -7.30 3.26 7.50
N ILE A 88 -6.01 3.55 7.39
CA ILE A 88 -5.26 2.95 6.28
C ILE A 88 -5.41 1.43 6.30
N LEU A 89 -5.43 0.86 7.51
CA LEU A 89 -5.63 -0.59 7.64
C LEU A 89 -6.98 -1.02 7.06
N GLU A 90 -8.07 -0.35 7.45
CA GLU A 90 -9.39 -0.72 6.94
C GLU A 90 -9.52 -0.49 5.44
N ALA A 91 -8.86 0.54 4.91
CA ALA A 91 -9.06 0.97 3.54
C ALA A 91 -8.31 0.11 2.54
N ALA A 92 -7.06 -0.22 2.82
CA ALA A 92 -6.37 -1.02 1.83
C ALA A 92 -5.28 -1.86 2.47
N ASP A 93 -5.48 -2.25 3.73
CA ASP A 93 -4.59 -3.19 4.41
C ASP A 93 -3.17 -2.69 4.26
N GLY A 94 -2.92 -1.54 4.85
CA GLY A 94 -1.63 -0.85 4.71
C GLY A 94 -0.97 -0.73 6.06
N PHE A 95 0.35 -0.86 6.06
CA PHE A 95 1.13 -0.72 7.27
C PHE A 95 2.35 0.12 6.90
N LEU A 96 2.78 0.94 7.86
CA LEU A 96 3.94 1.79 7.67
C LEU A 96 5.20 1.06 8.12
N PHE A 97 6.25 1.11 7.30
CA PHE A 97 7.54 0.55 7.67
C PHE A 97 8.65 1.44 7.15
N ILE A 98 9.81 1.39 7.82
CA ILE A 98 11.02 2.12 7.46
C ILE A 98 12.17 1.13 7.38
N VAL A 99 12.96 1.22 6.31
CA VAL A 99 14.09 0.33 6.08
C VAL A 99 15.30 1.20 5.78
N SER A 100 16.51 0.66 5.98
CA SER A 100 17.71 1.42 5.65
C SER A 100 18.13 1.21 4.20
N CYS A 101 18.51 2.29 3.53
CA CYS A 101 18.66 2.20 2.09
C CYS A 101 19.87 1.43 1.63
N GLU A 102 20.68 0.89 2.52
CA GLU A 102 21.85 0.15 2.08
C GLU A 102 21.88 -1.24 2.63
N THR A 103 21.59 -1.40 3.92
CA THR A 103 21.52 -2.70 4.56
C THR A 103 20.16 -3.36 4.37
N GLY A 104 19.09 -2.59 4.26
CA GLY A 104 17.78 -3.16 4.26
C GLY A 104 17.24 -3.49 5.64
N ARG A 105 17.76 -2.89 6.70
CA ARG A 105 17.33 -3.27 8.03
C ARG A 105 15.99 -2.60 8.33
N VAL A 106 15.01 -3.39 8.77
CA VAL A 106 13.75 -2.79 9.18
C VAL A 106 14.02 -2.00 10.44
N VAL A 107 14.04 -0.68 10.30
CA VAL A 107 14.27 0.19 11.44
C VAL A 107 12.95 0.57 12.10
N TYR A 108 11.84 0.59 11.35
CA TYR A 108 10.55 0.81 11.98
C TYR A 108 9.49 -0.05 11.29
N VAL A 109 8.59 -0.66 12.06
CA VAL A 109 7.40 -1.25 11.46
C VAL A 109 6.17 -0.97 12.32
N SER A 110 5.07 -0.61 11.65
CA SER A 110 3.78 -0.43 12.32
C SER A 110 3.28 -1.76 12.87
N ASP A 111 2.45 -1.71 13.91
CA ASP A 111 1.84 -2.96 14.34
C ASP A 111 0.78 -3.42 13.36
N SER A 112 0.31 -2.54 12.48
CA SER A 112 -0.58 -2.97 11.43
C SER A 112 0.05 -4.07 10.58
N VAL A 113 1.36 -4.31 10.70
CA VAL A 113 1.98 -5.40 9.95
C VAL A 113 1.43 -6.74 10.36
N THR A 114 0.85 -6.86 11.56
CA THR A 114 0.32 -8.17 11.93
C THR A 114 -0.98 -8.52 11.20
N PRO A 115 -2.01 -7.68 11.18
CA PRO A 115 -3.19 -8.03 10.38
C PRO A 115 -2.91 -8.13 8.88
N VAL A 116 -1.90 -7.41 8.36
CA VAL A 116 -1.66 -7.42 6.91
C VAL A 116 -0.79 -8.60 6.50
N LEU A 117 0.27 -8.91 7.23
CA LEU A 117 1.16 -9.96 6.80
C LEU A 117 1.15 -11.19 7.68
N ASN A 118 0.41 -11.18 8.80
CA ASN A 118 0.50 -12.22 9.82
C ASN A 118 1.94 -12.49 10.21
N GLN A 119 2.68 -11.49 10.29
CA GLN A 119 3.98 -11.52 10.92
C GLN A 119 3.82 -10.90 12.29
N PRO A 120 4.42 -11.46 13.33
CA PRO A 120 4.49 -10.72 14.60
C PRO A 120 5.44 -9.54 14.42
N GLN A 121 5.15 -8.44 15.13
CA GLN A 121 5.92 -7.22 14.95
C GLN A 121 7.40 -7.45 15.21
N SER A 122 7.71 -8.26 16.21
CA SER A 122 9.09 -8.53 16.60
C SER A 122 9.86 -9.31 15.53
N GLU A 123 9.19 -10.24 14.85
CA GLU A 123 9.81 -10.91 13.71
C GLU A 123 10.14 -9.94 12.60
N TRP A 124 9.35 -8.87 12.46
CA TRP A 124 9.61 -7.96 11.36
C TRP A 124 10.62 -6.90 11.77
N PHE A 125 10.51 -6.39 12.99
CA PHE A 125 11.43 -5.35 13.44
C PHE A 125 12.84 -5.89 13.57
N GLY A 126 13.79 -5.17 12.99
CA GLY A 126 15.17 -5.60 13.02
C GLY A 126 15.53 -6.60 11.95
N SER A 127 14.56 -7.35 11.43
CA SER A 127 14.83 -8.27 10.33
C SER A 127 15.18 -7.48 9.07
N THR A 128 15.58 -8.20 8.03
CA THR A 128 15.89 -7.52 6.78
C THR A 128 14.68 -7.57 5.86
N LEU A 129 14.53 -6.51 5.07
CA LEU A 129 13.48 -6.53 4.09
C LEU A 129 13.79 -7.57 3.02
N TYR A 130 15.07 -7.72 2.67
CA TYR A 130 15.44 -8.71 1.68
C TYR A 130 15.13 -10.15 2.15
N ASP A 131 15.17 -10.41 3.45
CA ASP A 131 14.77 -11.73 3.93
C ASP A 131 13.26 -11.95 3.89
N GLN A 132 12.49 -10.87 3.93
CA GLN A 132 11.03 -10.95 3.99
C GLN A 132 10.37 -10.98 2.61
N VAL A 133 11.09 -10.66 1.53
CA VAL A 133 10.44 -10.70 0.23
C VAL A 133 10.71 -12.04 -0.41
N HIS A 134 10.02 -12.30 -1.49
CA HIS A 134 10.16 -13.53 -2.24
C HIS A 134 11.54 -13.59 -2.89
N PRO A 135 12.18 -14.78 -2.90
CA PRO A 135 13.51 -14.93 -3.50
C PRO A 135 13.69 -14.33 -4.89
N ASP A 136 12.71 -14.42 -5.78
CA ASP A 136 12.88 -13.81 -7.09
C ASP A 136 12.70 -12.30 -7.09
N ASP A 137 12.01 -11.73 -6.11
CA ASP A 137 11.77 -10.29 -6.12
C ASP A 137 12.90 -9.49 -5.46
N VAL A 138 14.06 -10.09 -5.14
CA VAL A 138 15.07 -9.35 -4.38
C VAL A 138 15.79 -8.33 -5.25
N ASP A 139 16.14 -8.69 -6.49
CA ASP A 139 16.81 -7.74 -7.37
C ASP A 139 16.04 -6.42 -7.46
N LYS A 140 14.73 -6.48 -7.68
CA LYS A 140 13.99 -5.22 -7.76
C LYS A 140 13.99 -4.50 -6.42
N LEU A 141 13.88 -5.23 -5.31
CA LEU A 141 13.86 -4.53 -4.05
C LEU A 141 15.21 -3.86 -3.81
N ARG A 142 16.26 -4.39 -4.42
CA ARG A 142 17.59 -3.82 -4.29
C ARG A 142 17.84 -2.67 -5.28
N GLU A 143 17.10 -2.58 -6.38
CA GLU A 143 17.32 -1.47 -7.31
C GLU A 143 16.65 -0.20 -6.82
N GLN A 144 15.59 -0.34 -6.01
CA GLN A 144 15.09 0.74 -5.18
C GLN A 144 16.03 0.78 -4.00
N LEU A 145 15.93 1.81 -3.19
CA LEU A 145 16.87 1.88 -2.06
C LEU A 145 18.33 1.52 -2.42
N SER A 146 18.96 2.34 -3.25
CA SER A 146 20.37 2.25 -3.56
C SER A 146 20.78 3.58 -4.15
N THR A 147 22.09 3.78 -4.26
CA THR A 147 22.64 5.11 -4.31
C THR A 147 23.66 5.34 -5.46
N MET A 175 17.33 9.98 -5.90
CA MET A 175 18.15 9.50 -4.79
C MET A 175 18.67 10.67 -3.89
N CYS A 176 17.84 11.68 -3.68
CA CYS A 176 18.21 12.81 -2.82
C CYS A 176 17.50 12.62 -1.47
N MET A 177 16.86 13.66 -0.91
CA MET A 177 16.09 13.57 0.32
C MET A 177 14.67 14.04 0.01
N GLY A 178 13.67 13.30 0.47
CA GLY A 178 12.32 13.46 -0.06
C GLY A 178 12.11 12.87 -1.43
N SER A 179 13.11 12.16 -1.97
CA SER A 179 12.96 11.45 -3.22
C SER A 179 11.98 10.28 -3.01
N ARG A 180 11.24 9.94 -4.06
CA ARG A 180 10.17 8.98 -3.91
C ARG A 180 10.61 7.59 -4.35
N ARG A 181 9.91 6.59 -3.85
CA ARG A 181 10.05 5.19 -4.23
C ARG A 181 8.67 4.58 -4.36
N SER A 182 8.53 3.69 -5.33
CA SER A 182 7.30 2.92 -5.44
C SER A 182 7.61 1.61 -6.15
N PHE A 183 7.18 0.51 -5.55
CA PHE A 183 7.46 -0.77 -6.19
C PHE A 183 6.43 -1.78 -5.70
N ILE A 184 6.22 -2.81 -6.52
CA ILE A 184 5.42 -3.96 -6.14
C ILE A 184 6.38 -5.10 -5.84
N CYS A 185 6.17 -5.79 -4.73
CA CYS A 185 6.95 -6.99 -4.48
C CYS A 185 6.23 -7.88 -3.49
N ARG A 186 6.46 -9.19 -3.64
CA ARG A 186 5.80 -10.20 -2.83
C ARG A 186 6.43 -10.31 -1.44
N MET A 187 5.63 -10.72 -0.47
CA MET A 187 6.10 -10.75 0.92
C MET A 187 5.55 -11.97 1.65
N ARG A 188 6.39 -12.55 2.49
CA ARG A 188 6.08 -13.82 3.11
C ARG A 188 5.07 -13.62 4.23
N CYS A 189 4.09 -14.53 4.29
CA CYS A 189 2.98 -14.42 5.23
C CYS A 189 3.30 -14.95 6.62
N GLY A 190 3.52 -16.24 6.77
CA GLY A 190 3.80 -16.80 8.09
C GLY A 190 2.60 -16.77 9.05
N THR A 191 2.80 -17.38 10.22
CA THR A 191 1.70 -17.46 11.20
C THR A 191 1.84 -16.42 12.32
N ARG A 210 -2.82 -14.30 3.60
CA ARG A 210 -3.16 -15.28 2.55
C ARG A 210 -2.67 -14.87 1.15
N ASN A 211 -2.07 -15.82 0.41
CA ASN A 211 -1.45 -15.60 -0.90
C ASN A 211 -2.39 -14.87 -1.87
N GLY A 212 -1.82 -14.21 -2.88
CA GLY A 212 -2.65 -13.56 -3.87
C GLY A 212 -2.06 -13.33 -5.26
N LEU A 213 -1.47 -14.36 -5.84
CA LEU A 213 -0.89 -14.27 -7.18
C LEU A 213 -0.94 -15.66 -7.81
N GLY A 214 -2.13 -16.07 -8.21
CA GLY A 214 -2.32 -17.39 -8.81
C GLY A 214 -2.81 -18.47 -7.87
N SER A 215 -3.23 -19.60 -8.44
CA SER A 215 -3.72 -20.72 -7.65
C SER A 215 -2.73 -21.10 -6.56
N VAL A 216 -3.21 -21.17 -5.32
CA VAL A 216 -2.37 -21.51 -4.19
C VAL A 216 -1.77 -22.91 -4.35
N LYS A 217 -0.45 -23.01 -4.18
CA LYS A 217 0.24 -24.29 -4.32
C LYS A 217 -0.13 -25.21 -3.16
N GLU A 218 0.49 -26.39 -3.12
CA GLU A 218 0.24 -27.36 -2.07
C GLU A 218 1.28 -27.40 -0.95
N GLY A 219 0.88 -26.93 0.23
CA GLY A 219 1.78 -26.92 1.37
C GLY A 219 2.99 -26.01 1.26
N GLU A 220 3.02 -25.10 0.26
CA GLU A 220 4.07 -24.11 0.07
C GLU A 220 3.74 -22.84 0.84
N PRO A 221 4.71 -21.93 0.96
CA PRO A 221 4.44 -20.68 1.67
C PRO A 221 3.68 -19.67 0.83
N HIS A 222 2.90 -18.86 1.53
CA HIS A 222 2.05 -17.87 0.92
C HIS A 222 2.86 -16.59 0.78
N PHE A 223 2.68 -15.92 -0.35
CA PHE A 223 3.30 -14.63 -0.59
C PHE A 223 2.23 -13.70 -1.12
N VAL A 224 2.01 -12.57 -0.43
CA VAL A 224 1.00 -11.61 -0.89
C VAL A 224 1.70 -10.51 -1.66
N VAL A 225 1.02 -10.01 -2.68
CA VAL A 225 1.61 -8.96 -3.51
C VAL A 225 1.40 -7.66 -2.75
N VAL A 226 2.51 -6.97 -2.42
CA VAL A 226 2.46 -5.77 -1.58
C VAL A 226 2.93 -4.58 -2.40
N HIS A 227 2.12 -3.52 -2.37
CA HIS A 227 2.36 -2.26 -3.05
C HIS A 227 3.01 -1.24 -2.08
N CYS A 228 4.29 -0.93 -2.33
CA CYS A 228 5.11 -0.07 -1.51
C CYS A 228 5.25 1.30 -2.15
N THR A 229 4.89 2.33 -1.40
CA THR A 229 5.10 3.71 -1.80
C THR A 229 5.78 4.42 -0.64
N GLY A 230 6.73 5.30 -0.93
CA GLY A 230 7.44 5.96 0.17
C GLY A 230 8.42 7.02 -0.32
N TYR A 231 9.11 7.65 0.63
CA TYR A 231 10.11 8.66 0.34
C TYR A 231 11.37 8.37 1.14
N ILE A 232 12.48 9.01 0.70
CA ILE A 232 13.83 8.85 1.27
C ILE A 232 14.09 9.94 2.32
N LYS A 233 14.52 9.54 3.52
CA LYS A 233 14.58 10.48 4.64
C LYS A 233 15.61 9.96 5.65
N ALA A 234 16.75 10.65 5.78
CA ALA A 234 17.94 10.14 6.47
C ALA A 234 17.75 9.95 7.98
N TRP A 235 18.65 9.13 8.55
CA TRP A 235 18.65 8.59 9.94
C TRP A 235 17.35 7.92 10.40
N PHE A 255 20.34 7.67 5.92
CA PHE A 255 19.55 7.36 4.71
C PHE A 255 18.66 6.14 4.86
N CYS A 256 17.37 6.33 4.66
CA CYS A 256 16.44 5.23 4.80
C CYS A 256 15.15 5.53 4.02
N LEU A 257 14.34 4.48 3.82
CA LEU A 257 13.10 4.53 3.07
C LEU A 257 11.94 4.46 4.04
N VAL A 258 11.07 5.48 3.99
CA VAL A 258 9.80 5.54 4.71
C VAL A 258 8.70 5.14 3.74
N ALA A 259 7.93 4.11 4.08
CA ALA A 259 7.04 3.49 3.11
C ALA A 259 5.75 3.00 3.76
N ILE A 260 4.71 2.93 2.92
CA ILE A 260 3.53 2.12 3.17
C ILE A 260 3.64 0.90 2.29
N GLY A 261 3.40 -0.27 2.88
CA GLY A 261 3.08 -1.46 2.12
C GLY A 261 1.58 -1.66 2.28
N ARG A 262 0.89 -1.79 1.15
CA ARG A 262 -0.56 -1.96 1.19
C ARG A 262 -0.90 -3.09 0.23
N LEU A 263 -2.02 -3.77 0.51
CA LEU A 263 -2.46 -4.88 -0.31
C LEU A 263 -3.48 -4.41 -1.34
N GLN A 264 -3.38 -4.92 -2.57
CA GLN A 264 -4.35 -4.53 -3.59
C GLN A 264 -5.13 -5.78 -4.02
N VAL A 265 -5.96 -6.24 -3.09
CA VAL A 265 -6.49 -7.59 -3.16
C VAL A 265 -7.37 -7.79 -4.38
N THR A 266 -8.18 -6.77 -4.71
CA THR A 266 -9.07 -6.82 -5.85
C THR A 266 -8.31 -6.85 -7.17
N SER A 267 -7.43 -7.84 -7.32
CA SER A 267 -6.64 -7.99 -8.54
C SER A 267 -6.30 -9.46 -8.75
N SER A 268 -6.05 -10.16 -7.66
CA SER A 268 -5.72 -11.57 -7.70
C SER A 268 -6.98 -12.37 -7.94
N PRO A 269 -6.90 -13.43 -8.75
CA PRO A 269 -8.15 -14.11 -9.07
C PRO A 269 -8.52 -15.19 -8.05
N THR A 281 -12.45 -28.55 -10.98
CA THR A 281 -13.78 -29.01 -11.35
C THR A 281 -14.14 -28.61 -12.81
N GLU A 282 -13.41 -27.61 -13.33
CA GLU A 282 -13.68 -27.09 -14.66
C GLU A 282 -12.37 -26.58 -15.23
N PHE A 283 -12.37 -26.25 -16.52
CA PHE A 283 -11.20 -25.61 -17.13
C PHE A 283 -11.62 -24.77 -18.33
N ILE A 284 -10.90 -23.62 -18.54
CA ILE A 284 -11.17 -22.68 -19.62
C ILE A 284 -10.44 -23.17 -20.85
N SER A 285 -10.97 -22.89 -22.04
CA SER A 285 -10.25 -23.20 -23.27
C SER A 285 -10.62 -22.17 -24.31
N ARG A 286 -9.81 -22.06 -25.34
CA ARG A 286 -10.12 -21.16 -26.43
C ARG A 286 -10.11 -21.93 -27.72
N HIS A 287 -10.95 -21.51 -28.66
CA HIS A 287 -11.06 -22.15 -29.97
C HIS A 287 -11.08 -21.10 -31.06
N ASN A 288 -10.75 -21.50 -32.28
CA ASN A 288 -11.13 -20.64 -33.38
C ASN A 288 -12.61 -20.87 -33.64
N ILE A 289 -13.15 -20.17 -34.65
CA ILE A 289 -14.57 -20.31 -34.95
C ILE A 289 -14.91 -21.73 -35.42
N GLU A 290 -13.94 -22.46 -35.93
CA GLU A 290 -14.18 -23.80 -36.40
C GLU A 290 -14.27 -24.82 -35.28
N GLY A 291 -13.94 -24.46 -34.05
CA GLY A 291 -14.01 -25.37 -32.94
C GLY A 291 -12.67 -25.90 -32.47
N ILE A 292 -11.56 -25.39 -33.04
CA ILE A 292 -10.19 -25.88 -32.78
C ILE A 292 -9.62 -25.33 -31.49
N PHE A 293 -9.37 -26.22 -30.53
CA PHE A 293 -8.57 -25.91 -29.36
C PHE A 293 -7.31 -25.13 -29.72
N THR A 294 -7.21 -23.86 -29.30
CA THR A 294 -6.01 -23.05 -29.39
C THR A 294 -5.55 -22.54 -28.03
N PHE A 295 -6.03 -23.12 -26.94
CA PHE A 295 -5.52 -22.83 -25.61
C PHE A 295 -6.22 -23.77 -24.64
N VAL A 296 -5.48 -24.41 -23.75
CA VAL A 296 -6.15 -25.16 -22.72
C VAL A 296 -5.45 -24.87 -21.42
N ASP A 297 -6.20 -24.33 -20.48
CA ASP A 297 -5.75 -24.21 -19.11
C ASP A 297 -5.39 -25.58 -18.56
N HIS A 298 -4.44 -25.61 -17.63
CA HIS A 298 -3.89 -26.85 -17.09
C HIS A 298 -4.91 -27.69 -16.31
N ARG A 299 -5.98 -27.08 -15.79
CA ARG A 299 -6.93 -27.84 -14.99
C ARG A 299 -7.52 -29.01 -15.76
N CYS A 300 -7.36 -29.00 -17.10
CA CYS A 300 -7.88 -30.06 -17.92
C CYS A 300 -7.30 -31.41 -17.55
N VAL A 301 -6.01 -31.46 -17.14
CA VAL A 301 -5.44 -32.73 -16.66
C VAL A 301 -6.32 -33.34 -15.58
N ALA A 302 -6.72 -32.52 -14.62
CA ALA A 302 -7.50 -33.04 -13.51
C ALA A 302 -8.95 -33.23 -13.85
N THR A 303 -9.40 -32.65 -14.96
CA THR A 303 -10.81 -32.65 -15.34
C THR A 303 -11.13 -33.81 -16.27
N VAL A 304 -10.36 -33.94 -17.35
CA VAL A 304 -10.58 -35.02 -18.30
C VAL A 304 -9.29 -35.81 -18.54
N GLY A 305 -8.32 -35.70 -17.64
CA GLY A 305 -7.15 -36.55 -17.67
C GLY A 305 -6.08 -36.19 -18.67
N TYR A 306 -6.40 -35.44 -19.71
CA TYR A 306 -5.47 -35.11 -20.78
C TYR A 306 -4.57 -33.94 -20.40
N GLN A 307 -3.43 -33.89 -21.01
CA GLN A 307 -2.50 -32.75 -20.99
C GLN A 307 -2.87 -31.75 -22.06
N PRO A 308 -2.73 -30.46 -21.76
CA PRO A 308 -3.13 -29.40 -22.71
C PRO A 308 -2.68 -29.63 -24.15
N GLN A 309 -1.45 -30.04 -24.38
CA GLN A 309 -1.05 -30.21 -25.77
C GLN A 309 -1.74 -31.40 -26.42
N GLU A 310 -2.21 -32.37 -25.63
CA GLU A 310 -2.92 -33.51 -26.21
C GLU A 310 -4.29 -33.12 -26.74
N LEU A 311 -4.79 -31.91 -26.40
CA LEU A 311 -6.01 -31.31 -26.98
C LEU A 311 -5.73 -30.23 -27.99
N LEU A 312 -4.70 -29.42 -27.75
CA LEU A 312 -4.37 -28.34 -28.66
C LEU A 312 -4.32 -28.86 -30.10
N GLY A 313 -4.71 -27.98 -31.03
CA GLY A 313 -4.72 -28.30 -32.44
C GLY A 313 -5.85 -29.20 -32.92
N LYS A 314 -6.44 -30.01 -32.04
CA LYS A 314 -7.59 -30.82 -32.43
C LYS A 314 -8.89 -30.04 -32.22
N ASN A 315 -9.96 -30.53 -32.84
CA ASN A 315 -11.29 -29.97 -32.67
C ASN A 315 -12.00 -30.56 -31.46
N ILE A 316 -12.89 -29.77 -30.86
CA ILE A 316 -13.54 -30.26 -29.65
C ILE A 316 -14.50 -31.38 -29.97
N VAL A 317 -15.13 -31.31 -31.14
CA VAL A 317 -16.12 -32.33 -31.52
C VAL A 317 -15.50 -33.72 -31.61
N GLU A 318 -14.19 -33.80 -31.86
CA GLU A 318 -13.47 -35.08 -31.90
C GLU A 318 -13.49 -35.79 -30.57
N PHE A 319 -13.63 -35.06 -29.47
CA PHE A 319 -13.66 -35.64 -28.14
C PHE A 319 -15.09 -35.86 -27.67
N CYS A 320 -16.03 -35.71 -28.60
CA CYS A 320 -17.45 -35.63 -28.30
C CYS A 320 -18.12 -36.93 -28.72
N HIS A 321 -18.90 -37.52 -27.81
CA HIS A 321 -19.67 -38.73 -28.12
C HIS A 321 -20.44 -38.58 -29.43
N PRO A 322 -20.51 -39.63 -30.27
CA PRO A 322 -21.05 -39.44 -31.64
C PRO A 322 -22.52 -39.02 -31.66
N GLU A 323 -23.31 -39.51 -30.70
CA GLU A 323 -24.70 -39.05 -30.58
C GLU A 323 -24.78 -37.54 -30.33
N ASP A 324 -23.78 -36.97 -29.68
CA ASP A 324 -23.85 -35.57 -29.30
C ASP A 324 -23.18 -34.62 -30.28
N GLN A 325 -22.42 -35.13 -31.24
CA GLN A 325 -21.61 -34.23 -32.06
C GLN A 325 -22.46 -33.23 -32.81
N GLN A 326 -23.61 -33.64 -33.35
CA GLN A 326 -24.39 -32.69 -34.14
C GLN A 326 -24.87 -31.53 -33.28
N LEU A 327 -25.22 -31.81 -32.02
CA LEU A 327 -25.59 -30.71 -31.14
C LEU A 327 -24.40 -29.76 -30.95
N LEU A 328 -23.21 -30.31 -30.70
CA LEU A 328 -22.06 -29.48 -30.41
C LEU A 328 -21.62 -28.66 -31.63
N ARG A 329 -21.61 -29.26 -32.82
CA ARG A 329 -21.39 -28.46 -34.01
C ARG A 329 -22.39 -27.31 -34.09
N ASP A 330 -23.66 -27.62 -33.82
CA ASP A 330 -24.69 -26.60 -33.95
C ASP A 330 -24.45 -25.49 -32.95
N SER A 331 -24.18 -25.85 -31.71
CA SER A 331 -23.98 -24.83 -30.70
C SER A 331 -22.77 -23.96 -31.02
N PHE A 332 -21.70 -24.52 -31.57
CA PHE A 332 -20.56 -23.66 -31.91
C PHE A 332 -20.94 -22.65 -33.00
N GLN A 333 -21.54 -23.13 -34.09
CA GLN A 333 -21.97 -22.20 -35.14
C GLN A 333 -22.95 -21.17 -34.55
N GLN A 334 -23.62 -21.55 -33.46
CA GLN A 334 -24.54 -20.63 -32.82
C GLN A 334 -23.82 -19.57 -32.00
N VAL A 335 -22.83 -19.94 -31.18
CA VAL A 335 -22.16 -18.93 -30.38
C VAL A 335 -21.43 -17.98 -31.29
N VAL A 336 -21.08 -18.42 -32.50
CA VAL A 336 -20.59 -17.45 -33.48
C VAL A 336 -21.70 -16.47 -33.86
N LYS A 337 -22.91 -16.97 -34.12
CA LYS A 337 -23.90 -15.96 -34.52
C LYS A 337 -24.39 -15.10 -33.35
N LEU A 338 -24.25 -15.56 -32.10
CA LEU A 338 -24.78 -14.88 -30.93
C LEU A 338 -23.99 -13.66 -30.48
N LYS A 339 -22.91 -13.30 -31.19
CA LYS A 339 -22.00 -12.24 -30.73
C LYS A 339 -21.64 -12.48 -29.26
N GLY A 340 -21.51 -11.42 -28.52
CA GLY A 340 -21.07 -11.57 -27.14
C GLY A 340 -21.75 -12.63 -26.29
N GLN A 341 -23.02 -12.91 -26.53
CA GLN A 341 -23.80 -13.64 -25.52
C GLN A 341 -23.36 -15.09 -25.35
N VAL A 342 -23.59 -15.62 -24.13
CA VAL A 342 -23.12 -16.96 -23.76
C VAL A 342 -24.15 -17.99 -24.13
N LEU A 343 -23.68 -19.15 -24.57
CA LEU A 343 -24.52 -20.28 -24.94
C LEU A 343 -23.90 -21.52 -24.34
N SER A 344 -24.69 -22.29 -23.60
CA SER A 344 -24.16 -23.49 -22.98
C SER A 344 -24.83 -24.72 -23.55
N VAL A 345 -24.14 -25.86 -23.48
CA VAL A 345 -24.65 -27.15 -23.97
C VAL A 345 -24.02 -28.24 -23.15
N MET A 346 -24.74 -29.35 -22.98
CA MET A 346 -24.20 -30.50 -22.28
C MET A 346 -23.95 -31.59 -23.30
N PHE A 347 -22.79 -32.21 -23.23
CA PHE A 347 -22.47 -33.28 -24.16
C PHE A 347 -21.54 -34.24 -23.45
N ARG A 348 -21.20 -35.33 -24.10
CA ARG A 348 -20.37 -36.35 -23.49
C ARG A 348 -18.95 -36.29 -24.05
N PHE A 349 -17.98 -36.27 -23.14
CA PHE A 349 -16.59 -35.99 -23.45
C PHE A 349 -15.79 -37.22 -23.09
N ARG A 350 -14.99 -37.70 -24.03
CA ARG A 350 -14.20 -38.92 -23.85
C ARG A 350 -12.93 -38.55 -23.11
N SER A 351 -12.83 -38.97 -21.85
CA SER A 351 -11.64 -38.68 -21.07
C SER A 351 -10.48 -39.50 -21.61
N LYS A 352 -9.34 -39.44 -20.92
CA LYS A 352 -8.16 -40.18 -21.31
C LYS A 352 -8.19 -41.56 -20.65
N THR A 353 -9.25 -41.81 -19.87
CA THR A 353 -9.40 -43.08 -19.18
C THR A 353 -10.42 -43.77 -20.09
N ARG A 354 -10.73 -43.13 -21.21
CA ARG A 354 -11.77 -43.64 -22.12
C ARG A 354 -13.32 -43.85 -21.66
N GLU A 355 -13.52 -43.11 -20.58
CA GLU A 355 -14.81 -43.13 -19.89
C GLU A 355 -15.44 -41.93 -20.61
N TRP A 356 -16.76 -41.90 -20.64
CA TRP A 356 -17.49 -40.73 -21.10
C TRP A 356 -17.94 -39.94 -19.87
N LEU A 357 -17.57 -38.66 -19.83
CA LEU A 357 -17.99 -37.75 -18.76
C LEU A 357 -19.05 -36.79 -19.29
N TRP A 358 -20.14 -36.61 -18.53
CA TRP A 358 -21.10 -35.59 -18.91
C TRP A 358 -20.52 -34.23 -18.58
N MET A 359 -20.65 -33.31 -19.51
CA MET A 359 -19.87 -32.09 -19.48
C MET A 359 -20.71 -30.93 -19.98
N ARG A 360 -20.95 -29.95 -19.10
CA ARG A 360 -21.66 -28.73 -19.45
C ARG A 360 -20.62 -27.67 -19.82
N THR A 361 -20.58 -27.28 -21.09
CA THR A 361 -19.66 -26.22 -21.47
C THR A 361 -20.46 -25.00 -21.87
N SER A 362 -20.19 -23.89 -21.19
CA SER A 362 -20.76 -22.62 -21.57
C SER A 362 -19.70 -21.80 -22.26
N SER A 363 -20.02 -21.27 -23.44
CA SER A 363 -19.02 -20.58 -24.22
C SER A 363 -19.64 -19.38 -24.91
N PHE A 364 -18.77 -18.51 -25.41
CA PHE A 364 -19.22 -17.27 -26.04
C PHE A 364 -18.11 -16.77 -26.93
N THR A 365 -18.45 -15.83 -27.80
CA THR A 365 -17.45 -15.35 -28.72
C THR A 365 -16.81 -14.08 -28.10
N PHE A 366 -15.48 -14.06 -28.04
CA PHE A 366 -14.74 -13.01 -27.34
C PHE A 366 -14.48 -11.86 -28.32
N GLN A 367 -15.19 -10.75 -28.14
CA GLN A 367 -15.13 -9.66 -29.09
C GLN A 367 -14.30 -8.49 -28.57
N ASN A 368 -13.29 -8.14 -29.36
CA ASN A 368 -12.38 -7.05 -29.11
C ASN A 368 -13.14 -5.76 -28.84
N PRO A 369 -13.02 -5.19 -27.64
CA PRO A 369 -13.85 -4.04 -27.28
C PRO A 369 -13.64 -2.82 -28.15
N TYR A 370 -12.63 -2.80 -29.03
CA TYR A 370 -12.41 -1.67 -29.92
C TYR A 370 -12.83 -2.02 -31.33
N SER A 371 -12.08 -2.92 -31.99
CA SER A 371 -12.32 -3.24 -33.39
C SER A 371 -13.53 -4.13 -33.59
N ASP A 372 -14.00 -4.77 -32.51
CA ASP A 372 -15.12 -5.70 -32.47
C ASP A 372 -14.90 -6.97 -33.28
N GLU A 373 -13.67 -7.24 -33.71
CA GLU A 373 -13.36 -8.50 -34.37
C GLU A 373 -13.29 -9.62 -33.35
N ILE A 374 -13.49 -10.85 -33.82
CA ILE A 374 -13.54 -12.04 -32.97
C ILE A 374 -12.11 -12.46 -32.65
N GLU A 375 -11.72 -12.40 -31.38
CA GLU A 375 -10.38 -12.88 -31.08
C GLU A 375 -10.34 -14.40 -31.03
N TYR A 376 -11.40 -15.02 -30.50
CA TYR A 376 -11.50 -16.46 -30.38
C TYR A 376 -12.79 -16.79 -29.64
N ILE A 377 -13.02 -18.06 -29.28
CA ILE A 377 -14.20 -18.46 -28.51
C ILE A 377 -13.72 -19.00 -27.18
N ILE A 378 -14.23 -18.43 -26.09
CA ILE A 378 -13.87 -18.81 -24.72
C ILE A 378 -14.90 -19.83 -24.19
N CYS A 379 -14.47 -21.09 -24.03
CA CYS A 379 -15.30 -22.11 -23.40
C CYS A 379 -14.91 -22.29 -21.92
N THR A 380 -15.90 -22.56 -21.10
CA THR A 380 -15.68 -22.96 -19.71
C THR A 380 -16.28 -24.33 -19.53
N ASN A 381 -15.45 -25.37 -19.67
CA ASN A 381 -15.92 -26.75 -19.72
C ASN A 381 -15.92 -27.33 -18.32
N THR A 382 -17.07 -27.89 -17.91
CA THR A 382 -17.34 -28.30 -16.54
C THR A 382 -17.81 -29.74 -16.47
N ASN A 383 -17.48 -30.44 -15.38
CA ASN A 383 -18.04 -31.76 -15.20
C ASN A 383 -19.34 -31.67 -14.42
N VAL A 384 -20.35 -32.41 -14.88
CA VAL A 384 -21.59 -32.46 -14.12
C VAL A 384 -21.68 -33.78 -13.35
N ASN B 12 -31.68 45.99 18.41
CA ASN B 12 -30.76 46.56 19.40
C ASN B 12 -30.33 45.53 20.43
N ALA B 13 -31.29 44.68 20.85
CA ALA B 13 -30.98 43.44 21.57
C ALA B 13 -30.51 42.36 20.61
N ALA B 14 -30.97 42.43 19.35
CA ALA B 14 -30.50 41.51 18.33
C ALA B 14 -29.01 41.67 18.11
N ARG B 15 -28.50 42.90 18.18
CA ARG B 15 -27.06 43.13 18.07
C ARG B 15 -26.31 42.36 19.15
N TRP B 16 -26.74 42.46 20.39
CA TRP B 16 -26.03 41.79 21.47
C TRP B 16 -26.11 40.28 21.33
N ARG B 17 -27.30 39.76 21.01
CA ARG B 17 -27.48 38.33 20.80
C ARG B 17 -26.54 37.80 19.70
N ARG B 18 -26.53 38.47 18.53
CA ARG B 18 -25.60 38.10 17.47
C ARG B 18 -24.15 38.25 17.91
N GLY B 19 -23.84 39.19 18.78
CA GLY B 19 -22.48 39.30 19.27
C GLY B 19 -22.05 38.07 20.06
N LYS B 20 -22.93 37.60 20.94
CA LYS B 20 -22.66 36.38 21.69
C LYS B 20 -22.57 35.17 20.76
N GLU B 21 -23.43 35.10 19.73
CA GLU B 21 -23.32 34.03 18.74
C GLU B 21 -21.96 34.07 18.06
N ASN B 22 -21.54 35.24 17.59
CA ASN B 22 -20.24 35.39 16.92
C ASN B 22 -19.11 34.89 17.80
N LEU B 23 -19.04 35.41 19.02
CA LEU B 23 -18.04 34.94 19.96
C LEU B 23 -18.02 33.42 20.01
N GLU B 24 -19.22 32.79 20.07
CA GLU B 24 -19.27 31.33 20.10
C GLU B 24 -18.71 30.70 18.83
N PHE B 25 -19.03 31.27 17.65
CA PHE B 25 -18.49 30.74 16.38
C PHE B 25 -16.98 30.78 16.38
N PHE B 26 -16.40 31.92 16.79
CA PHE B 26 -14.97 32.01 17.01
C PHE B 26 -14.46 30.84 17.84
N GLU B 27 -15.10 30.55 18.97
CA GLU B 27 -14.64 29.45 19.82
C GLU B 27 -14.71 28.11 19.09
N LEU B 28 -15.85 27.86 18.45
CA LEU B 28 -16.05 26.60 17.75
C LEU B 28 -15.00 26.41 16.68
N ALA B 29 -14.62 27.50 16.01
CA ALA B 29 -13.56 27.45 15.01
C ALA B 29 -12.22 27.08 15.64
N LYS B 30 -11.89 27.71 16.78
CA LYS B 30 -10.64 27.37 17.48
C LYS B 30 -10.57 25.88 17.81
N LEU B 31 -11.70 25.27 18.18
CA LEU B 31 -11.62 23.87 18.61
C LEU B 31 -11.61 22.84 17.47
N LEU B 32 -11.77 23.25 16.21
CA LEU B 32 -11.71 22.28 15.13
C LEU B 32 -10.31 21.68 15.03
N PRO B 33 -10.20 20.38 14.67
CA PRO B 33 -8.89 19.77 14.46
C PRO B 33 -8.23 20.22 13.16
N LEU B 34 -8.00 21.52 13.03
CA LEU B 34 -7.31 22.11 11.89
C LEU B 34 -6.17 22.99 12.39
N PRO B 35 -5.24 23.37 11.50
CA PRO B 35 -4.26 24.38 11.87
C PRO B 35 -4.93 25.72 12.19
N GLY B 36 -4.29 26.47 13.09
CA GLY B 36 -4.83 27.78 13.43
C GLY B 36 -5.05 28.65 12.21
N ALA B 37 -4.10 28.63 11.27
CA ALA B 37 -4.12 29.56 10.15
C ALA B 37 -5.28 29.29 9.19
N ILE B 38 -5.74 28.04 9.11
CA ILE B 38 -6.86 27.63 8.24
C ILE B 38 -8.21 27.86 8.93
N SER B 39 -8.39 27.28 10.12
CA SER B 39 -9.67 27.41 10.81
C SER B 39 -10.00 28.87 11.06
N SER B 40 -8.97 29.66 11.41
CA SER B 40 -9.20 31.07 11.72
C SER B 40 -9.81 31.79 10.53
N GLN B 41 -9.53 31.35 9.30
CA GLN B 41 -10.03 32.02 8.11
C GLN B 41 -11.34 31.43 7.58
N LEU B 42 -12.09 30.69 8.40
CA LEU B 42 -13.34 30.11 7.96
C LEU B 42 -14.50 31.06 8.25
N ASP B 43 -15.58 30.89 7.49
CA ASP B 43 -16.84 31.58 7.71
C ASP B 43 -17.77 30.75 8.62
N LYS B 44 -18.83 31.39 9.10
CA LYS B 44 -19.75 30.75 10.05
C LYS B 44 -20.31 29.44 9.50
N ALA B 45 -20.91 29.49 8.31
CA ALA B 45 -21.52 28.30 7.72
C ALA B 45 -20.55 27.10 7.75
N SER B 46 -19.29 27.32 7.32
CA SER B 46 -18.33 26.22 7.26
C SER B 46 -17.82 25.81 8.62
N ILE B 47 -17.78 26.73 9.60
CA ILE B 47 -17.43 26.30 10.94
C ILE B 47 -18.45 25.28 11.44
N VAL B 48 -19.74 25.52 11.18
CA VAL B 48 -20.71 24.53 11.63
C VAL B 48 -20.62 23.25 10.83
N ARG B 49 -20.39 23.35 9.51
CA ARG B 49 -20.29 22.12 8.72
C ARG B 49 -19.15 21.23 9.21
N LEU B 50 -17.95 21.80 9.36
CA LEU B 50 -16.83 21.00 9.83
C LEU B 50 -17.09 20.47 11.23
N SER B 51 -17.70 21.28 12.11
CA SER B 51 -18.00 20.77 13.44
C SER B 51 -18.91 19.55 13.37
N VAL B 52 -20.00 19.65 12.60
CA VAL B 52 -20.90 18.50 12.49
C VAL B 52 -20.16 17.30 11.95
N THR B 53 -19.64 17.39 10.71
CA THR B 53 -19.08 16.18 10.13
C THR B 53 -17.91 15.66 10.95
N TYR B 54 -17.21 16.52 11.68
CA TYR B 54 -16.15 15.99 12.54
C TYR B 54 -16.73 15.15 13.67
N LEU B 55 -17.82 15.59 14.27
CA LEU B 55 -18.48 14.77 15.28
C LEU B 55 -18.99 13.45 14.67
N ARG B 56 -19.61 13.55 13.48
CA ARG B 56 -20.01 12.39 12.69
C ARG B 56 -18.84 11.44 12.43
N LEU B 57 -17.66 12.00 12.13
CA LEU B 57 -16.48 11.19 11.89
C LEU B 57 -16.10 10.42 13.15
N ARG B 58 -16.07 11.12 14.28
CA ARG B 58 -15.93 10.46 15.55
C ARG B 58 -16.88 9.26 15.66
N ARG B 59 -18.17 9.46 15.31
CA ARG B 59 -19.13 8.36 15.39
C ARG B 59 -18.76 7.22 14.46
N PHE B 60 -18.31 7.56 13.26
CA PHE B 60 -18.07 6.58 12.22
C PHE B 60 -16.88 5.69 12.55
N ALA B 61 -15.84 6.27 13.13
CA ALA B 61 -14.70 5.51 13.58
C ALA B 61 -15.00 4.80 14.88
N ALA B 62 -15.97 5.29 15.65
CA ALA B 62 -16.38 4.53 16.81
C ALA B 62 -16.84 3.14 16.40
N LEU B 63 -17.77 3.09 15.45
CA LEU B 63 -18.19 1.85 14.81
C LEU B 63 -17.02 1.27 14.02
N GLY B 64 -17.22 0.11 13.42
CA GLY B 64 -16.16 -0.52 12.65
C GLY B 64 -15.03 -1.08 13.50
N ALA B 65 -14.53 -2.26 13.12
CA ALA B 65 -13.62 -3.04 13.97
C ALA B 65 -12.20 -3.07 13.44
N PRO B 66 -11.24 -2.57 14.23
CA PRO B 66 -11.47 -1.99 15.56
C PRO B 66 -11.98 -0.55 15.52
N PRO B 67 -12.46 -0.03 16.64
CA PRO B 67 -12.56 1.42 16.76
C PRO B 67 -11.17 1.99 16.51
N TRP B 68 -11.10 3.07 15.75
CA TRP B 68 -9.81 3.60 15.34
C TRP B 68 -9.04 4.14 16.55
N GLY B 69 -8.02 3.40 16.99
CA GLY B 69 -7.29 3.68 18.22
C GLY B 69 -7.90 3.06 19.49
N GLU B 95 7.91 7.32 19.01
CA GLU B 95 7.57 7.56 17.60
C GLU B 95 6.09 7.99 17.37
N GLN B 96 5.88 9.30 17.46
CA GLN B 96 4.60 9.94 17.19
C GLN B 96 4.56 10.65 15.85
N HIS B 97 5.65 10.59 15.07
CA HIS B 97 5.70 11.19 13.75
C HIS B 97 4.94 10.40 12.69
N LEU B 98 4.02 9.53 13.10
CA LEU B 98 3.54 8.46 12.24
C LEU B 98 2.61 8.98 11.15
N GLY B 99 1.55 9.69 11.54
CA GLY B 99 0.54 10.09 10.57
C GLY B 99 1.12 10.92 9.43
N GLY B 100 2.09 11.79 9.75
CA GLY B 100 2.73 12.55 8.69
C GLY B 100 3.39 11.63 7.67
N HIS B 101 4.10 10.62 8.15
CA HIS B 101 4.76 9.67 7.28
C HIS B 101 3.75 8.88 6.46
N ILE B 102 2.66 8.44 7.08
CA ILE B 102 1.64 7.71 6.32
C ILE B 102 1.14 8.57 5.17
N LEU B 103 0.68 9.79 5.47
CA LEU B 103 0.07 10.63 4.43
C LEU B 103 1.07 10.98 3.34
N GLN B 104 2.29 11.38 3.73
CA GLN B 104 3.21 11.71 2.65
C GLN B 104 3.84 10.47 2.02
N SER B 105 3.57 9.30 2.58
CA SER B 105 4.05 8.06 1.98
C SER B 105 3.13 7.52 0.92
N LEU B 106 1.85 7.85 0.94
CA LEU B 106 0.95 7.36 -0.10
C LEU B 106 1.16 8.16 -1.37
N ASP B 107 0.95 7.52 -2.52
CA ASP B 107 0.92 8.26 -3.77
C ASP B 107 -0.47 8.72 -4.11
N GLY B 108 -1.35 8.82 -3.13
CA GLY B 108 -2.70 9.27 -3.36
C GLY B 108 -3.30 9.73 -2.07
N PHE B 109 -4.61 9.96 -2.10
CA PHE B 109 -5.30 10.51 -0.96
C PHE B 109 -6.17 9.44 -0.33
N VAL B 110 -6.53 9.69 0.91
CA VAL B 110 -7.30 8.74 1.70
C VAL B 110 -8.63 9.36 2.07
N PHE B 111 -9.72 8.60 1.96
CA PHE B 111 -10.99 9.22 2.30
C PHE B 111 -11.98 8.21 2.80
N ALA B 112 -13.01 8.73 3.49
CA ALA B 112 -14.11 7.96 4.04
C ALA B 112 -15.42 8.67 3.79
N LEU B 113 -16.35 7.97 3.11
CA LEU B 113 -17.73 8.35 2.86
C LEU B 113 -18.68 7.69 3.87
N ASN B 114 -19.81 8.34 4.13
CA ASN B 114 -20.88 7.69 4.90
C ASN B 114 -21.88 7.06 3.94
N GLN B 115 -22.94 6.46 4.50
CA GLN B 115 -23.94 5.75 3.70
C GLN B 115 -24.52 6.66 2.64
N GLU B 116 -24.64 7.95 2.93
CA GLU B 116 -25.16 8.89 1.96
C GLU B 116 -24.16 9.11 0.82
N GLY B 117 -22.90 9.33 1.18
CA GLY B 117 -21.88 9.69 0.21
C GLY B 117 -21.18 10.98 0.56
N LYS B 118 -21.52 11.59 1.68
CA LYS B 118 -20.81 12.78 2.14
C LYS B 118 -19.44 12.39 2.61
N PHE B 119 -18.45 13.20 2.27
CA PHE B 119 -17.13 12.96 2.82
C PHE B 119 -17.14 13.09 4.34
N LEU B 120 -16.92 12.00 5.05
CA LEU B 120 -16.65 12.18 6.46
C LEU B 120 -15.18 12.46 6.74
N TYR B 121 -14.28 12.05 5.86
CA TYR B 121 -12.87 12.42 5.99
C TYR B 121 -12.20 12.47 4.62
N ILE B 122 -11.35 13.47 4.39
CA ILE B 122 -10.40 13.38 3.29
C ILE B 122 -9.09 14.01 3.71
N SER B 123 -7.99 13.35 3.38
CA SER B 123 -6.66 13.80 3.74
C SER B 123 -6.28 15.05 2.96
N GLU B 124 -5.62 16.01 3.65
CA GLU B 124 -5.14 17.24 3.03
C GLU B 124 -4.46 16.99 1.69
N THR B 125 -3.82 15.84 1.53
CA THR B 125 -3.08 15.52 0.32
C THR B 125 -3.97 15.45 -0.92
N VAL B 126 -5.30 15.51 -0.79
CA VAL B 126 -6.09 15.63 -2.02
C VAL B 126 -5.64 16.85 -2.80
N SER B 127 -5.24 17.92 -2.10
CA SER B 127 -4.77 19.12 -2.77
C SER B 127 -3.59 18.82 -3.68
N ILE B 128 -2.75 17.84 -3.33
CA ILE B 128 -1.60 17.53 -4.18
C ILE B 128 -2.04 17.06 -5.56
N TYR B 129 -3.12 16.26 -5.64
CA TYR B 129 -3.49 15.60 -6.90
C TYR B 129 -4.71 16.19 -7.59
N LEU B 130 -5.72 16.62 -6.85
CA LEU B 130 -6.86 17.28 -7.49
C LEU B 130 -6.88 18.78 -7.27
N GLY B 131 -6.05 19.30 -6.36
CA GLY B 131 -6.11 20.71 -6.02
C GLY B 131 -7.35 21.13 -5.27
N LEU B 132 -8.20 20.19 -4.87
CA LEU B 132 -9.30 20.54 -4.01
C LEU B 132 -8.83 20.63 -2.58
N SER B 133 -9.50 21.50 -1.83
CA SER B 133 -9.14 21.72 -0.44
C SER B 133 -9.79 20.62 0.38
N GLN B 134 -9.05 20.10 1.36
CA GLN B 134 -9.69 19.25 2.34
C GLN B 134 -10.84 19.96 3.02
N VAL B 135 -10.69 21.26 3.26
CA VAL B 135 -11.70 21.99 4.03
C VAL B 135 -12.95 22.17 3.19
N GLU B 136 -12.77 22.27 1.87
CA GLU B 136 -13.88 22.42 0.94
C GLU B 136 -14.67 21.13 0.79
N LEU B 137 -14.00 19.97 0.73
CA LEU B 137 -14.68 18.71 0.45
C LEU B 137 -15.36 18.13 1.69
N THR B 138 -14.73 18.27 2.87
CA THR B 138 -15.22 17.63 4.09
C THR B 138 -16.67 18.04 4.35
N GLY B 139 -17.53 17.04 4.50
CA GLY B 139 -18.91 17.32 4.74
C GLY B 139 -19.75 17.37 3.48
N SER B 140 -19.12 17.42 2.32
CA SER B 140 -19.81 17.52 1.05
C SER B 140 -20.10 16.16 0.47
N SER B 141 -21.05 16.13 -0.46
CA SER B 141 -21.34 14.91 -1.19
C SER B 141 -20.26 14.65 -2.23
N VAL B 142 -19.80 13.40 -2.29
CA VAL B 142 -18.77 13.04 -3.26
C VAL B 142 -19.22 13.32 -4.68
N PHE B 143 -20.52 13.21 -4.94
CA PHE B 143 -21.02 13.38 -6.30
C PHE B 143 -20.86 14.81 -6.80
N ASP B 144 -20.80 15.79 -5.88
CA ASP B 144 -20.49 17.15 -6.28
C ASP B 144 -19.08 17.30 -6.83
N TYR B 145 -18.27 16.23 -6.77
CA TYR B 145 -16.90 16.24 -7.27
C TYR B 145 -16.57 15.10 -8.23
N ILE B 146 -17.52 14.20 -8.51
CA ILE B 146 -17.41 13.16 -9.52
C ILE B 146 -17.97 13.67 -10.83
N HIS B 147 -17.28 13.42 -11.92
CA HIS B 147 -17.84 13.67 -13.24
C HIS B 147 -19.23 13.05 -13.32
N PRO B 148 -20.25 13.79 -13.77
CA PRO B 148 -21.59 13.21 -13.91
C PRO B 148 -21.54 12.20 -15.03
N GLY B 149 -22.35 11.16 -14.92
CA GLY B 149 -22.25 10.09 -15.88
C GLY B 149 -21.38 8.95 -15.40
N ASP B 150 -20.41 9.27 -14.55
CA ASP B 150 -19.83 8.26 -13.67
C ASP B 150 -20.68 8.16 -12.41
N HIS B 151 -21.69 9.03 -12.30
CA HIS B 151 -22.57 9.07 -11.13
C HIS B 151 -23.28 7.76 -10.94
N SER B 152 -23.90 7.26 -12.01
CA SER B 152 -24.60 5.99 -11.95
C SER B 152 -23.71 4.88 -11.39
N GLU B 153 -22.53 4.66 -11.99
CA GLU B 153 -21.63 3.60 -11.54
C GLU B 153 -21.20 3.78 -10.09
N VAL B 154 -20.82 5.00 -9.70
CA VAL B 154 -20.41 5.30 -8.32
C VAL B 154 -21.56 5.00 -7.35
N LEU B 155 -22.76 5.46 -7.69
CA LEU B 155 -23.97 5.14 -6.96
C LEU B 155 -24.15 3.64 -6.81
N GLU B 156 -23.76 2.88 -7.84
CA GLU B 156 -23.85 1.43 -7.80
C GLU B 156 -22.82 0.85 -6.82
N GLN B 157 -21.62 1.46 -6.76
CA GLN B 157 -20.54 0.93 -5.92
C GLN B 157 -20.82 1.14 -4.44
N LEU B 158 -21.48 2.24 -4.08
CA LEU B 158 -21.73 2.40 -2.65
C LEU B 158 -22.99 1.66 -2.20
N GLY B 159 -23.83 1.20 -3.12
CA GLY B 159 -25.09 0.56 -2.76
C GLY B 159 -26.19 1.57 -2.55
N LEU B 160 -26.54 2.31 -3.61
CA LEU B 160 -27.47 3.42 -3.49
C LEU B 160 -28.40 3.56 -4.71
N GLN B 204 -17.22 -7.42 -0.45
CA GLN B 204 -17.47 -6.06 0.03
C GLN B 204 -16.25 -5.15 -0.21
N GLU B 205 -15.21 -5.69 -0.84
CA GLU B 205 -14.18 -4.85 -1.42
C GLU B 205 -14.72 -4.09 -2.61
N ARG B 206 -14.21 -2.87 -2.82
CA ARG B 206 -14.58 -2.07 -3.98
C ARG B 206 -13.31 -1.66 -4.72
N SER B 207 -13.45 -1.50 -6.05
CA SER B 207 -12.32 -1.09 -6.87
C SER B 207 -12.82 -0.60 -8.22
N PHE B 208 -12.88 0.71 -8.41
CA PHE B 208 -13.42 1.28 -9.65
C PHE B 208 -12.57 2.44 -10.16
N PHE B 209 -12.79 2.82 -11.42
CA PHE B 209 -12.16 4.00 -11.99
C PHE B 209 -13.21 5.06 -12.22
N VAL B 210 -12.91 6.31 -11.84
CA VAL B 210 -13.89 7.39 -11.84
C VAL B 210 -13.19 8.70 -12.16
N ARG B 211 -13.89 9.62 -12.80
CA ARG B 211 -13.31 10.93 -13.08
C ARG B 211 -13.67 11.93 -11.97
N MET B 212 -12.67 12.57 -11.41
CA MET B 212 -12.90 13.53 -10.34
C MET B 212 -12.40 14.91 -10.75
N LYS B 213 -13.01 15.92 -10.13
CA LYS B 213 -12.71 17.29 -10.48
C LYS B 213 -11.30 17.61 -10.06
N SER B 214 -10.48 18.02 -11.02
CA SER B 214 -9.13 18.49 -10.74
C SER B 214 -8.99 19.91 -11.24
N THR B 215 -8.19 20.70 -10.54
CA THR B 215 -7.99 22.07 -10.94
C THR B 215 -6.53 22.40 -11.21
N LEU B 216 -5.84 21.64 -12.05
CA LEU B 216 -4.39 21.81 -12.17
C LEU B 216 -3.93 21.95 -13.63
N GLY B 227 -10.83 18.74 -17.78
CA GLY B 227 -10.48 19.26 -16.46
C GLY B 227 -10.98 18.35 -15.37
N TYR B 228 -10.73 17.06 -15.61
CA TYR B 228 -10.97 15.96 -14.69
C TYR B 228 -9.72 15.12 -14.60
N LYS B 229 -9.67 14.24 -13.62
CA LYS B 229 -8.56 13.31 -13.51
C LYS B 229 -9.17 11.95 -13.26
N VAL B 230 -8.60 10.93 -13.89
CA VAL B 230 -9.08 9.58 -13.65
C VAL B 230 -8.47 9.08 -12.35
N ILE B 231 -9.33 8.72 -11.41
CA ILE B 231 -8.95 8.35 -10.06
C ILE B 231 -9.31 6.90 -9.87
N HIS B 232 -8.32 6.09 -9.52
CA HIS B 232 -8.55 4.72 -9.12
C HIS B 232 -8.91 4.70 -7.65
N VAL B 233 -10.12 4.27 -7.33
CA VAL B 233 -10.55 4.12 -5.95
C VAL B 233 -10.46 2.63 -5.58
N THR B 234 -9.87 2.33 -4.42
CA THR B 234 -9.85 0.97 -3.89
C THR B 234 -10.22 1.02 -2.41
N GLY B 235 -11.17 0.18 -1.98
CA GLY B 235 -11.54 0.29 -0.58
C GLY B 235 -12.54 -0.73 -0.10
N ARG B 236 -13.34 -0.40 0.90
CA ARG B 236 -14.28 -1.36 1.48
C ARG B 236 -15.60 -0.67 1.83
N LEU B 237 -16.71 -1.43 1.80
CA LEU B 237 -18.04 -0.86 1.91
C LEU B 237 -18.74 -1.00 3.27
N ARG B 238 -18.45 -1.98 4.12
CA ARG B 238 -19.05 -2.07 5.46
C ARG B 238 -20.53 -2.52 5.56
N ALA B 239 -21.21 -2.87 4.46
CA ALA B 239 -22.66 -3.16 4.50
C ALA B 239 -23.50 -1.93 4.85
N LEU B 242 -23.38 1.08 3.57
CA LEU B 242 -23.28 1.89 4.80
C LEU B 242 -21.94 2.67 5.03
N GLY B 243 -21.31 3.15 3.94
CA GLY B 243 -20.08 3.92 4.03
C GLY B 243 -18.84 3.23 3.52
N LEU B 244 -18.09 3.94 2.69
CA LEU B 244 -16.89 3.46 2.01
C LEU B 244 -15.63 4.01 2.68
N VAL B 245 -14.58 3.21 2.76
CA VAL B 245 -13.29 3.65 3.28
C VAL B 245 -12.27 3.28 2.23
N ALA B 246 -11.53 4.25 1.72
CA ALA B 246 -10.79 3.90 0.51
C ALA B 246 -9.61 4.83 0.26
N LEU B 247 -8.84 4.44 -0.73
CA LEU B 247 -7.71 5.17 -1.24
C LEU B 247 -8.04 5.62 -2.65
N GLY B 248 -7.72 6.88 -2.94
CA GLY B 248 -7.78 7.40 -4.29
C GLY B 248 -6.36 7.61 -4.80
N HIS B 249 -6.11 7.15 -6.01
CA HIS B 249 -4.81 7.28 -6.62
C HIS B 249 -5.03 7.90 -7.98
N THR B 250 -4.26 8.95 -8.28
CA THR B 250 -4.31 9.48 -9.63
C THR B 250 -3.59 8.54 -10.59
N LEU B 251 -3.91 8.69 -11.86
CA LEU B 251 -3.35 7.86 -12.90
C LEU B 251 -2.47 8.64 -13.89
N PRO B 252 -1.17 8.24 -14.02
CA PRO B 252 -0.48 7.16 -13.30
C PRO B 252 0.36 7.62 -12.13
N GLU B 258 6.29 13.46 -18.54
CA GLU B 258 6.84 12.75 -17.38
C GLU B 258 6.58 11.26 -17.50
N LEU B 259 7.52 10.41 -17.04
CA LEU B 259 7.45 8.95 -17.27
C LEU B 259 8.63 8.19 -16.65
N PRO B 260 8.66 7.95 -15.30
CA PRO B 260 9.80 7.23 -14.70
C PRO B 260 9.71 5.71 -14.75
N LEU B 261 10.32 5.12 -15.76
CA LEU B 261 10.42 3.68 -15.90
C LEU B 261 11.55 3.20 -15.01
N HIS B 262 11.48 1.96 -14.54
CA HIS B 262 12.60 1.38 -13.81
C HIS B 262 12.97 0.04 -14.45
N GLY B 263 13.63 -0.84 -13.67
CA GLY B 263 14.17 -2.07 -14.24
C GLY B 263 13.14 -3.13 -14.54
N HIS B 264 12.22 -3.35 -13.62
CA HIS B 264 11.23 -4.40 -13.79
C HIS B 264 9.93 -3.88 -14.37
N MET B 265 9.99 -3.10 -15.44
CA MET B 265 8.75 -2.70 -16.08
C MET B 265 9.03 -2.35 -17.53
N ILE B 266 8.26 -2.97 -18.43
CA ILE B 266 8.46 -2.83 -19.86
C ILE B 266 7.36 -1.93 -20.38
N VAL B 267 7.71 -1.04 -21.29
CA VAL B 267 6.72 -0.22 -21.98
C VAL B 267 6.30 -0.88 -23.29
N PHE B 268 5.00 -0.88 -23.56
CA PHE B 268 4.46 -1.24 -24.85
C PHE B 268 3.71 -0.06 -25.45
N ARG B 269 3.79 0.07 -26.76
CA ARG B 269 2.89 0.93 -27.50
C ARG B 269 1.97 0.04 -28.32
N LEU B 270 0.66 0.18 -28.07
CA LEU B 270 -0.40 -0.68 -28.58
C LEU B 270 -1.39 0.19 -29.33
N SER B 271 -2.10 -0.43 -30.28
CA SER B 271 -3.23 0.22 -30.92
C SER B 271 -4.43 0.29 -29.95
N LEU B 272 -5.48 0.99 -30.37
CA LEU B 272 -6.64 1.02 -29.48
C LEU B 272 -7.31 -0.34 -29.35
N GLY B 273 -6.98 -1.32 -30.21
CA GLY B 273 -7.42 -2.69 -30.05
C GLY B 273 -6.40 -3.59 -29.38
N LEU B 274 -5.33 -3.02 -28.80
CA LEU B 274 -4.32 -3.78 -28.08
C LEU B 274 -3.47 -4.70 -28.96
N THR B 275 -3.31 -4.38 -30.24
CA THR B 275 -2.24 -5.03 -30.97
C THR B 275 -0.94 -4.28 -30.73
N ILE B 276 0.15 -5.04 -30.68
CA ILE B 276 1.43 -4.53 -30.24
C ILE B 276 2.10 -3.80 -31.40
N LEU B 277 2.25 -2.49 -31.26
CA LEU B 277 2.96 -1.65 -32.21
C LEU B 277 4.47 -1.61 -31.94
N ALA B 278 4.88 -1.28 -30.71
CA ALA B 278 6.29 -1.19 -30.40
C ALA B 278 6.54 -1.70 -28.99
N CYS B 279 7.73 -2.25 -28.78
CA CYS B 279 8.05 -2.86 -27.50
C CYS B 279 9.51 -2.56 -27.18
N GLU B 280 9.78 -2.15 -25.93
CA GLU B 280 11.16 -2.00 -25.48
C GLU B 280 11.96 -3.28 -25.69
N SER B 281 13.20 -3.13 -26.15
CA SER B 281 14.09 -4.28 -26.27
C SER B 281 14.40 -4.89 -24.91
N ARG B 282 14.20 -4.12 -23.84
CA ARG B 282 14.32 -4.59 -22.45
C ARG B 282 13.36 -5.73 -22.09
N VAL B 283 12.29 -5.94 -22.86
CA VAL B 283 11.35 -7.03 -22.56
C VAL B 283 12.07 -8.36 -22.38
N SER B 284 13.18 -8.56 -23.09
CA SER B 284 13.91 -9.82 -23.05
C SER B 284 14.63 -10.05 -21.75
N ASP B 285 14.76 -9.03 -20.88
CA ASP B 285 15.25 -9.26 -19.52
C ASP B 285 14.25 -10.03 -18.66
N HIS B 286 12.96 -10.03 -19.02
CA HIS B 286 11.95 -10.73 -18.25
C HIS B 286 11.17 -11.78 -19.02
N MET B 287 11.26 -11.83 -20.35
CA MET B 287 10.46 -12.73 -21.15
C MET B 287 11.30 -13.34 -22.27
N ASP B 288 10.75 -14.41 -22.86
CA ASP B 288 11.36 -15.17 -23.94
C ASP B 288 11.25 -14.46 -25.28
N MET B 289 10.25 -13.60 -25.42
CA MET B 289 10.04 -12.87 -26.67
C MET B 289 10.93 -11.64 -26.71
N GLY B 290 11.39 -11.30 -27.92
CA GLY B 290 11.89 -9.97 -28.19
C GLY B 290 10.90 -9.12 -28.97
N PRO B 291 11.15 -7.81 -29.05
CA PRO B 291 10.24 -6.94 -29.80
C PRO B 291 10.03 -7.37 -31.24
N SER B 292 10.93 -8.15 -31.79
CA SER B 292 10.72 -8.76 -33.11
C SER B 292 9.57 -9.75 -33.09
N GLU B 293 9.49 -10.60 -32.06
CA GLU B 293 8.52 -11.69 -31.97
C GLU B 293 7.20 -11.29 -31.29
N LEU B 294 7.00 -10.02 -30.95
CA LEU B 294 5.77 -9.52 -30.33
C LEU B 294 5.00 -8.55 -31.20
N VAL B 295 5.69 -7.67 -31.91
CA VAL B 295 4.98 -6.66 -32.68
C VAL B 295 4.16 -7.33 -33.75
N GLY B 296 2.95 -6.80 -33.98
CA GLY B 296 2.02 -7.32 -34.95
C GLY B 296 0.90 -8.17 -34.37
N ARG B 297 1.11 -8.80 -33.22
CA ARG B 297 0.08 -9.63 -32.62
C ARG B 297 -0.75 -8.82 -31.61
N SER B 298 -1.87 -9.39 -31.16
CA SER B 298 -2.75 -8.72 -30.19
C SER B 298 -2.49 -9.25 -28.78
N CYS B 299 -2.51 -8.34 -27.79
CA CYS B 299 -2.30 -8.78 -26.41
C CYS B 299 -3.26 -9.87 -26.02
N TYR B 300 -4.43 -9.93 -26.68
CA TYR B 300 -5.41 -10.96 -26.36
C TYR B 300 -4.88 -12.36 -26.66
N GLN B 301 -3.90 -12.46 -27.55
CA GLN B 301 -3.23 -13.72 -27.87
C GLN B 301 -2.28 -14.17 -26.78
N PHE B 302 -1.79 -13.22 -25.98
CA PHE B 302 -0.79 -13.49 -24.97
C PHE B 302 -1.39 -13.55 -23.58
N VAL B 303 -2.57 -12.99 -23.37
CA VAL B 303 -3.21 -13.13 -22.08
C VAL B 303 -3.64 -14.58 -21.89
N HIS B 304 -3.23 -15.17 -20.78
CA HIS B 304 -3.71 -16.49 -20.39
C HIS B 304 -5.24 -16.52 -20.45
N GLY B 305 -5.79 -17.67 -20.85
CA GLY B 305 -7.23 -17.76 -21.09
C GLY B 305 -8.09 -17.43 -19.88
N GLN B 306 -7.58 -17.63 -18.68
CA GLN B 306 -8.37 -17.30 -17.51
C GLN B 306 -8.44 -15.83 -17.23
N ASP B 307 -7.56 -15.04 -17.83
CA ASP B 307 -7.55 -13.59 -17.60
C ASP B 307 -8.03 -12.79 -18.80
N ALA B 308 -8.28 -13.44 -19.93
CA ALA B 308 -8.84 -12.74 -21.06
C ALA B 308 -10.06 -11.90 -20.68
N THR B 309 -10.99 -12.46 -19.89
CA THR B 309 -12.18 -11.68 -19.58
C THR B 309 -11.84 -10.52 -18.65
N ARG B 310 -10.94 -10.71 -17.69
CA ARG B 310 -10.61 -9.56 -16.86
C ARG B 310 -9.86 -8.49 -17.66
N ILE B 311 -8.89 -8.90 -18.48
CA ILE B 311 -8.18 -7.93 -19.32
C ILE B 311 -9.16 -7.22 -20.22
N ARG B 312 -10.14 -7.94 -20.76
CA ARG B 312 -11.13 -7.29 -21.62
C ARG B 312 -11.89 -6.21 -20.89
N GLN B 313 -12.40 -6.51 -19.69
CA GLN B 313 -13.10 -5.48 -18.94
C GLN B 313 -12.19 -4.28 -18.73
N SER B 314 -10.91 -4.53 -18.44
CA SER B 314 -9.97 -3.42 -18.31
C SER B 314 -9.84 -2.63 -19.60
N HIS B 315 -9.81 -3.32 -20.74
CA HIS B 315 -9.75 -2.65 -22.03
C HIS B 315 -10.97 -1.78 -22.24
N LEU B 316 -12.13 -2.23 -21.78
CA LEU B 316 -13.35 -1.43 -21.85
C LEU B 316 -13.19 -0.15 -21.08
N ASP B 317 -12.75 -0.26 -19.83
CA ASP B 317 -12.57 0.93 -19.00
C ASP B 317 -11.50 1.84 -19.60
N LEU B 318 -10.51 1.27 -20.30
CA LEU B 318 -9.46 2.04 -20.94
C LEU B 318 -10.02 2.91 -22.06
N LEU B 319 -10.90 2.34 -22.89
CA LEU B 319 -11.50 3.14 -23.96
C LEU B 319 -12.53 4.12 -23.39
N ASP B 320 -13.15 3.79 -22.26
CA ASP B 320 -14.22 4.57 -21.67
C ASP B 320 -13.69 5.81 -20.96
N LYS B 321 -12.64 5.66 -20.13
CA LYS B 321 -12.19 6.78 -19.31
C LYS B 321 -10.79 7.24 -19.60
N GLY B 322 -10.02 6.53 -20.44
CA GLY B 322 -8.72 6.98 -20.91
C GLY B 322 -7.53 6.41 -20.17
N GLN B 323 -7.73 5.96 -18.93
CA GLN B 323 -6.68 5.32 -18.17
C GLN B 323 -7.25 4.10 -17.50
N VAL B 324 -6.41 3.10 -17.26
CA VAL B 324 -6.84 1.88 -16.59
C VAL B 324 -5.66 1.19 -15.95
N VAL B 325 -5.95 0.40 -14.92
CA VAL B 325 -5.01 -0.49 -14.26
C VAL B 325 -5.58 -1.89 -14.20
N THR B 326 -4.85 -2.85 -14.74
CA THR B 326 -5.35 -4.21 -14.74
C THR B 326 -5.17 -4.81 -13.36
N GLY B 327 -5.71 -6.00 -13.19
CA GLY B 327 -5.34 -6.80 -12.07
C GLY B 327 -4.07 -7.57 -12.39
N TYR B 328 -3.63 -8.37 -11.43
CA TYR B 328 -2.52 -9.24 -11.71
C TYR B 328 -2.97 -10.28 -12.74
N TYR B 329 -2.32 -10.32 -13.90
CA TYR B 329 -2.69 -11.30 -14.91
C TYR B 329 -1.45 -12.02 -15.40
N ARG B 330 -1.64 -13.09 -16.16
CA ARG B 330 -0.55 -13.95 -16.64
C ARG B 330 -0.33 -13.70 -18.11
N TRP B 331 0.93 -13.50 -18.50
CA TRP B 331 1.33 -13.33 -19.90
C TRP B 331 2.09 -14.57 -20.36
N LEU B 332 1.56 -15.25 -21.37
CA LEU B 332 2.12 -16.54 -21.76
C LEU B 332 3.48 -16.34 -22.44
N GLN B 333 4.43 -17.22 -22.10
CA GLN B 333 5.79 -17.18 -22.61
C GLN B 333 5.96 -18.12 -23.80
N ARG B 334 7.03 -17.92 -24.57
CA ARG B 334 7.18 -18.64 -25.84
C ARG B 334 7.36 -20.15 -25.63
N ALA B 335 8.07 -20.56 -24.59
CA ALA B 335 8.20 -22.00 -24.36
C ALA B 335 6.91 -22.58 -23.81
N GLY B 336 6.50 -22.04 -22.67
CA GLY B 336 5.32 -22.44 -21.94
C GLY B 336 5.16 -21.46 -20.80
N GLY B 337 4.30 -21.80 -19.86
CA GLY B 337 4.13 -20.94 -18.72
C GLY B 337 3.85 -19.48 -19.09
N PHE B 338 4.13 -18.60 -18.13
CA PHE B 338 3.71 -17.22 -18.22
C PHE B 338 4.52 -16.42 -17.20
N VAL B 339 4.46 -15.10 -17.31
CA VAL B 339 4.99 -14.23 -16.27
C VAL B 339 3.87 -13.31 -15.81
N TRP B 340 3.81 -13.06 -14.52
CA TRP B 340 2.71 -12.25 -14.03
C TRP B 340 3.02 -10.77 -14.25
N LEU B 341 2.00 -10.00 -14.57
CA LEU B 341 2.19 -8.60 -14.86
C LEU B 341 1.07 -7.84 -14.17
N GLN B 342 1.32 -6.59 -13.83
CA GLN B 342 0.23 -5.65 -13.66
C GLN B 342 0.51 -4.50 -14.60
N SER B 343 -0.50 -3.93 -15.23
CA SER B 343 -0.21 -2.94 -16.26
C SER B 343 -1.03 -1.68 -16.04
N VAL B 344 -0.40 -0.52 -16.24
CA VAL B 344 -1.07 0.77 -16.26
C VAL B 344 -1.07 1.29 -17.69
N ALA B 345 -2.23 1.78 -18.14
CA ALA B 345 -2.44 2.08 -19.54
C ALA B 345 -3.16 3.40 -19.69
N THR B 346 -2.68 4.21 -20.63
CA THR B 346 -3.26 5.53 -20.91
C THR B 346 -3.33 5.71 -22.43
N VAL B 347 -4.26 6.56 -22.90
CA VAL B 347 -4.43 6.76 -24.34
C VAL B 347 -3.76 8.07 -24.77
N ALA B 348 -3.22 8.09 -25.99
CA ALA B 348 -2.50 9.28 -26.51
C ALA B 348 -2.67 9.51 -28.03
N HIS B 357 -5.17 8.88 -29.76
CA HIS B 357 -5.49 7.66 -30.47
C HIS B 357 -4.32 6.62 -30.66
N HIS B 358 -3.50 6.42 -29.61
CA HIS B 358 -2.74 5.17 -29.41
C HIS B 358 -2.63 4.90 -27.91
N VAL B 359 -2.18 3.70 -27.54
CA VAL B 359 -2.29 3.20 -26.17
C VAL B 359 -0.90 2.91 -25.61
N LEU B 360 -0.59 3.50 -24.45
CA LEU B 360 0.64 3.21 -23.71
C LEU B 360 0.34 2.22 -22.61
N TRP B 361 1.14 1.16 -22.57
CA TRP B 361 0.88 -0.05 -21.81
C TRP B 361 2.15 -0.32 -21.02
N VAL B 362 2.18 0.15 -19.78
CA VAL B 362 3.32 0.00 -18.89
C VAL B 362 3.10 -1.25 -18.04
N SER B 363 3.95 -2.25 -18.20
CA SER B 363 3.75 -3.52 -17.53
C SER B 363 4.81 -3.67 -16.45
N HIS B 364 4.41 -3.59 -15.18
CA HIS B 364 5.28 -4.04 -14.10
C HIS B 364 5.38 -5.55 -14.14
N VAL B 365 6.62 -6.06 -14.17
CA VAL B 365 6.86 -7.49 -14.10
C VAL B 365 6.84 -7.92 -12.66
N LEU B 366 6.01 -8.92 -12.36
CA LEU B 366 5.65 -9.25 -11.00
C LEU B 366 6.29 -10.52 -10.51
N SER B 367 6.79 -11.36 -11.43
CA SER B 367 7.37 -12.66 -11.13
C SER B 367 8.22 -13.14 -12.28
N ASN B 368 9.06 -14.12 -11.99
CA ASN B 368 9.77 -14.81 -13.05
C ASN B 368 8.81 -15.82 -13.68
N ALA B 369 9.26 -16.56 -14.70
CA ALA B 369 8.36 -17.50 -15.35
C ALA B 369 7.93 -18.63 -14.42
N GLU B 370 6.68 -19.10 -14.63
CA GLU B 370 6.03 -20.16 -13.84
C GLU B 370 5.47 -21.21 -14.77
N GLY B 371 5.56 -22.49 -14.34
CA GLY B 371 5.10 -23.63 -15.10
C GLY B 371 5.51 -23.63 -16.57
N SER B 372 6.80 -23.39 -16.84
CA SER B 372 7.26 -23.19 -18.21
C SER B 372 7.36 -24.47 -18.99
N GLN B 373 7.16 -25.61 -18.33
CA GLN B 373 7.16 -26.88 -19.01
C GLN B 373 5.93 -27.00 -19.88
N THR B 374 4.78 -27.13 -19.24
CA THR B 374 3.54 -27.40 -19.97
C THR B 374 3.14 -26.22 -20.86
N PRO B 375 3.02 -26.43 -22.18
CA PRO B 375 2.42 -25.40 -23.02
C PRO B 375 0.90 -25.40 -22.89
N LEU B 376 0.33 -24.26 -23.27
CA LEU B 376 -1.08 -24.01 -23.08
C LEU B 376 -1.74 -23.49 -24.34
N ASP B 377 -1.03 -22.68 -25.10
CA ASP B 377 -1.61 -22.10 -26.29
C ASP B 377 -0.99 -22.76 -27.52
N ALA B 378 -1.61 -22.46 -28.65
CA ALA B 378 -1.06 -22.88 -29.93
C ALA B 378 0.32 -22.29 -30.14
N PHE B 379 0.47 -20.98 -29.94
CA PHE B 379 1.74 -20.32 -30.27
C PHE B 379 2.90 -20.88 -29.47
N GLN B 380 2.63 -21.66 -28.43
CA GLN B 380 3.66 -22.33 -27.65
C GLN B 380 4.01 -23.73 -28.21
N LEU B 381 3.76 -23.96 -29.50
CA LEU B 381 4.13 -25.20 -30.19
C LEU B 381 4.60 -24.82 -31.60
N PRO B 382 5.55 -25.59 -32.15
CA PRO B 382 6.20 -26.75 -31.55
C PRO B 382 7.28 -26.37 -30.52
N ASN C 23 19.34 -14.20 20.00
CA ASN C 23 17.96 -14.06 19.54
C ASN C 23 17.45 -15.30 18.75
N LYS C 24 16.76 -15.05 17.64
CA LYS C 24 15.89 -16.06 17.04
C LYS C 24 16.66 -17.08 16.21
N MET C 25 17.31 -16.64 15.13
CA MET C 25 18.02 -17.57 14.26
C MET C 25 19.32 -18.08 14.87
N THR C 26 20.01 -17.27 15.68
CA THR C 26 21.32 -17.66 16.20
C THR C 26 21.32 -19.01 16.93
N ALA C 27 20.27 -19.28 17.71
CA ALA C 27 20.18 -20.56 18.40
C ALA C 27 19.95 -21.71 17.42
N TYR C 28 19.20 -21.45 16.35
CA TYR C 28 19.13 -22.42 15.26
C TYR C 28 20.52 -22.71 14.70
N ILE C 29 21.31 -21.67 14.43
CA ILE C 29 22.64 -21.87 13.82
C ILE C 29 23.57 -22.66 14.73
N THR C 30 23.50 -22.42 16.05
CA THR C 30 24.32 -23.25 16.93
C THR C 30 23.82 -24.71 16.93
N GLU C 31 22.49 -24.93 16.92
CA GLU C 31 21.98 -26.31 16.87
C GLU C 31 22.47 -27.02 15.61
N LEU C 32 22.42 -26.34 14.46
CA LEU C 32 23.01 -26.89 13.26
C LEU C 32 24.47 -27.19 13.48
N SER C 33 25.18 -26.29 14.17
CA SER C 33 26.60 -26.53 14.44
C SER C 33 26.82 -27.80 15.26
N ASP C 34 25.93 -28.13 16.18
CA ASP C 34 26.08 -29.38 16.92
C ASP C 34 25.82 -30.59 16.04
N MET C 35 24.83 -30.51 15.14
CA MET C 35 24.54 -31.70 14.35
C MET C 35 25.57 -31.98 13.27
N VAL C 36 26.33 -30.98 12.84
CA VAL C 36 27.37 -31.18 11.84
C VAL C 36 28.62 -31.61 12.58
N PRO C 37 29.19 -32.80 12.26
CA PRO C 37 30.36 -33.29 13.01
C PRO C 37 31.60 -32.47 12.75
N THR C 38 31.98 -32.28 11.49
CA THR C 38 33.18 -31.53 11.14
C THR C 38 33.21 -30.17 11.83
N CYS C 39 32.10 -29.80 12.45
CA CYS C 39 31.87 -28.46 12.94
C CYS C 39 31.71 -28.41 14.46
N SER C 40 31.36 -29.54 15.10
CA SER C 40 31.14 -29.61 16.53
C SER C 40 32.41 -29.88 17.32
N ALA C 41 33.33 -30.70 16.80
CA ALA C 41 34.56 -31.03 17.51
C ALA C 41 35.52 -29.84 17.55
N LEU C 42 34.99 -28.64 17.71
CA LEU C 42 35.73 -27.40 17.69
C LEU C 42 35.79 -26.76 19.07
N ALA C 43 36.89 -26.04 19.32
CA ALA C 43 37.02 -25.26 20.54
C ALA C 43 35.88 -24.25 20.55
N ARG C 44 35.98 -23.23 19.72
CA ARG C 44 34.89 -22.30 19.53
C ARG C 44 34.10 -22.68 18.28
N LYS C 45 32.82 -22.36 18.30
CA LYS C 45 32.01 -22.48 17.10
C LYS C 45 32.53 -21.51 16.04
N PRO C 46 32.52 -21.88 14.78
CA PRO C 46 32.93 -20.94 13.73
C PRO C 46 31.79 -20.00 13.35
N ASP C 47 32.07 -19.13 12.38
CA ASP C 47 31.08 -18.16 11.92
C ASP C 47 29.96 -18.82 11.11
N LYS C 48 28.84 -18.10 11.05
CA LYS C 48 27.69 -18.56 10.30
C LYS C 48 28.11 -19.02 8.93
N LEU C 49 28.88 -18.20 8.20
CA LEU C 49 29.23 -18.60 6.84
C LEU C 49 29.90 -19.97 6.83
N THR C 50 30.78 -20.25 7.78
CA THR C 50 31.39 -21.57 7.67
C THR C 50 30.54 -22.67 8.31
N ILE C 51 29.74 -22.40 9.34
CA ILE C 51 28.87 -23.47 9.81
C ILE C 51 27.95 -23.91 8.69
N LEU C 52 27.34 -22.96 8.00
CA LEU C 52 26.51 -23.31 6.84
C LEU C 52 27.35 -24.06 5.81
N ARG C 53 28.50 -23.51 5.42
CA ARG C 53 29.32 -24.22 4.45
C ARG C 53 29.49 -25.68 4.86
N MET C 54 29.74 -25.91 6.16
CA MET C 54 30.00 -27.26 6.66
C MET C 54 28.74 -28.12 6.69
N ALA C 55 27.62 -27.58 7.14
CA ALA C 55 26.37 -28.33 7.01
C ALA C 55 26.07 -28.68 5.55
N VAL C 56 26.26 -27.73 4.63
CA VAL C 56 26.00 -28.01 3.24
C VAL C 56 26.88 -29.15 2.77
N SER C 57 28.17 -29.16 3.12
CA SER C 57 28.99 -30.26 2.60
C SER C 57 28.68 -31.57 3.29
N HIS C 58 28.41 -31.51 4.60
CA HIS C 58 28.08 -32.71 5.37
C HIS C 58 26.84 -33.36 4.81
N MET C 59 25.80 -32.57 4.58
CA MET C 59 24.58 -33.12 4.01
C MET C 59 24.78 -33.54 2.57
N LYS C 60 25.51 -32.74 1.80
CA LYS C 60 25.76 -33.07 0.41
C LYS C 60 26.40 -34.43 0.29
N SER C 61 27.08 -34.90 1.33
CA SER C 61 27.61 -36.26 1.30
C SER C 61 26.59 -37.32 1.72
N LEU C 62 25.30 -37.06 1.63
CA LEU C 62 24.28 -38.07 1.93
C LEU C 62 23.17 -38.11 0.85
N SER C 77 10.20 -37.96 0.96
CA SER C 77 10.12 -36.63 1.56
C SER C 77 10.23 -36.69 3.11
N PHE C 78 11.49 -36.65 3.59
CA PHE C 78 11.97 -36.80 4.97
C PHE C 78 12.15 -38.25 5.37
N LEU C 79 11.25 -39.13 4.91
CA LEU C 79 11.34 -40.56 5.20
C LEU C 79 11.23 -41.35 3.91
N THR C 80 12.14 -42.30 3.75
CA THR C 80 12.05 -43.24 2.66
C THR C 80 10.79 -44.06 2.84
N ASP C 81 10.34 -44.68 1.75
CA ASP C 81 9.11 -45.48 1.82
C ASP C 81 9.23 -46.55 2.89
N GLN C 82 10.40 -47.20 2.96
CA GLN C 82 10.69 -48.20 3.98
C GLN C 82 10.65 -47.63 5.39
N GLU C 83 11.48 -46.60 5.67
CA GLU C 83 11.52 -45.98 6.99
C GLU C 83 10.12 -45.71 7.50
N LEU C 84 9.26 -45.28 6.61
CA LEU C 84 7.88 -45.02 6.97
C LEU C 84 7.16 -46.31 7.33
N LYS C 85 7.43 -47.39 6.57
CA LYS C 85 6.88 -48.70 6.90
C LYS C 85 7.20 -49.10 8.34
N HIS C 86 8.45 -48.85 8.76
CA HIS C 86 8.87 -49.19 10.12
C HIS C 86 8.33 -48.21 11.17
N LEU C 87 8.14 -46.94 10.79
CA LEU C 87 7.50 -45.99 11.72
C LEU C 87 6.08 -46.42 12.06
N ILE C 88 5.29 -46.73 11.03
CA ILE C 88 3.94 -47.22 11.27
C ILE C 88 3.98 -48.47 12.12
N LEU C 89 4.98 -49.34 11.91
CA LEU C 89 5.08 -50.53 12.75
C LEU C 89 5.31 -50.18 14.23
N GLU C 90 6.19 -49.21 14.52
CA GLU C 90 6.51 -48.91 15.91
C GLU C 90 5.32 -48.35 16.66
N ALA C 91 4.56 -47.45 16.05
CA ALA C 91 3.38 -46.85 16.64
C ALA C 91 2.13 -47.59 16.19
N ALA C 92 1.44 -48.20 17.12
CA ALA C 92 0.18 -48.90 16.83
C ALA C 92 0.30 -50.06 15.82
N ASP C 93 1.48 -50.66 15.61
CA ASP C 93 1.62 -52.02 15.05
C ASP C 93 0.79 -52.25 13.78
N GLY C 94 1.16 -51.54 12.72
CA GLY C 94 0.38 -51.53 11.49
C GLY C 94 1.15 -52.07 10.29
N PHE C 95 0.42 -52.71 9.38
CA PHE C 95 0.96 -53.28 8.15
C PHE C 95 0.06 -52.93 6.98
N LEU C 96 0.67 -52.73 5.81
CA LEU C 96 -0.05 -52.44 4.57
C LEU C 96 -0.44 -53.74 3.89
N PHE C 97 -1.70 -53.85 3.48
CA PHE C 97 -2.13 -55.00 2.70
C PHE C 97 -3.16 -54.53 1.69
N ILE C 98 -3.23 -55.25 0.56
CA ILE C 98 -4.13 -54.95 -0.54
C ILE C 98 -4.87 -56.23 -0.86
N VAL C 99 -6.19 -56.15 -0.99
CA VAL C 99 -7.05 -57.29 -1.29
C VAL C 99 -8.02 -56.93 -2.39
N SER C 100 -8.48 -57.96 -3.10
CA SER C 100 -9.39 -57.74 -4.23
C SER C 100 -10.81 -57.56 -3.72
N CYS C 101 -11.55 -56.66 -4.35
CA CYS C 101 -12.85 -56.32 -3.78
C CYS C 101 -13.90 -57.40 -3.98
N GLU C 102 -13.74 -58.29 -4.95
CA GLU C 102 -14.80 -59.28 -5.11
C GLU C 102 -14.36 -60.58 -4.47
N THR C 103 -13.36 -61.22 -5.08
CA THR C 103 -12.86 -62.49 -4.58
C THR C 103 -12.35 -62.39 -3.14
N GLY C 104 -11.78 -61.25 -2.76
CA GLY C 104 -11.16 -61.09 -1.46
C GLY C 104 -9.74 -61.60 -1.34
N ARG C 105 -9.13 -62.02 -2.44
CA ARG C 105 -7.82 -62.66 -2.39
C ARG C 105 -6.72 -61.62 -2.21
N VAL C 106 -5.78 -61.88 -1.31
CA VAL C 106 -4.81 -60.84 -0.97
C VAL C 106 -3.80 -60.75 -2.10
N VAL C 107 -3.75 -59.60 -2.72
CA VAL C 107 -2.77 -59.30 -3.75
C VAL C 107 -1.44 -58.86 -3.13
N TYR C 108 -1.47 -58.10 -2.03
CA TYR C 108 -0.20 -57.74 -1.40
C TYR C 108 -0.29 -57.70 0.11
N VAL C 109 0.78 -58.11 0.79
CA VAL C 109 0.92 -57.82 2.21
C VAL C 109 2.32 -57.32 2.44
N SER C 110 2.44 -56.28 3.26
CA SER C 110 3.74 -55.85 3.73
C SER C 110 4.34 -56.93 4.59
N ASP C 111 5.65 -56.96 4.66
CA ASP C 111 6.22 -57.96 5.54
C ASP C 111 5.95 -57.65 7.00
N SER C 112 5.47 -56.43 7.31
CA SER C 112 5.08 -56.10 8.68
C SER C 112 3.96 -57.00 9.19
N VAL C 113 3.29 -57.73 8.30
CA VAL C 113 2.28 -58.66 8.76
C VAL C 113 2.92 -59.73 9.61
N THR C 114 4.23 -59.95 9.48
CA THR C 114 4.86 -60.99 10.30
C THR C 114 5.06 -60.55 11.76
N PRO C 115 5.68 -59.40 12.06
CA PRO C 115 5.73 -58.97 13.47
C PRO C 115 4.37 -58.66 14.09
N VAL C 116 3.36 -58.24 13.32
CA VAL C 116 2.06 -57.84 13.89
C VAL C 116 1.16 -59.04 14.11
N LEU C 117 1.07 -59.96 13.14
CA LEU C 117 0.15 -61.08 13.26
C LEU C 117 0.86 -62.39 13.49
N ASN C 118 2.19 -62.42 13.47
CA ASN C 118 2.91 -63.69 13.48
C ASN C 118 2.37 -64.62 12.41
N GLN C 119 2.04 -64.06 11.27
CA GLN C 119 1.84 -64.82 10.07
C GLN C 119 3.07 -64.65 9.21
N PRO C 120 3.63 -65.67 8.57
CA PRO C 120 4.64 -65.41 7.54
C PRO C 120 3.98 -64.80 6.32
N GLN C 121 4.74 -63.96 5.63
CA GLN C 121 4.22 -63.22 4.50
C GLN C 121 3.54 -64.13 3.47
N SER C 122 4.06 -65.34 3.29
CA SER C 122 3.48 -66.28 2.33
C SER C 122 2.09 -66.77 2.74
N GLU C 123 1.89 -67.11 4.01
CA GLU C 123 0.59 -67.66 4.42
C GLU C 123 -0.54 -66.67 4.20
N TRP C 124 -0.25 -65.38 4.24
CA TRP C 124 -1.24 -64.40 3.81
C TRP C 124 -1.31 -64.34 2.30
N PHE C 125 -0.16 -64.30 1.66
CA PHE C 125 -0.07 -63.97 0.26
C PHE C 125 -0.78 -65.02 -0.60
N GLY C 126 -1.65 -64.54 -1.49
CA GLY C 126 -2.41 -65.45 -2.32
C GLY C 126 -3.65 -66.03 -1.65
N SER C 127 -3.68 -66.14 -0.32
CA SER C 127 -4.91 -66.54 0.36
C SER C 127 -5.95 -65.41 0.32
N THR C 128 -7.13 -65.71 0.86
CA THR C 128 -8.20 -64.71 0.96
C THR C 128 -8.27 -64.10 2.36
N LEU C 129 -8.71 -62.84 2.43
CA LEU C 129 -8.89 -62.19 3.74
C LEU C 129 -9.97 -62.89 4.56
N TYR C 130 -11.04 -63.36 3.90
CA TYR C 130 -12.12 -64.04 4.62
C TYR C 130 -11.62 -65.28 5.34
N ASP C 131 -10.53 -65.88 4.86
CA ASP C 131 -9.87 -66.97 5.59
C ASP C 131 -9.11 -66.48 6.82
N GLN C 132 -8.71 -65.22 6.80
CA GLN C 132 -7.82 -64.65 7.81
C GLN C 132 -8.56 -64.00 8.97
N VAL C 133 -9.84 -63.68 8.84
CA VAL C 133 -10.58 -63.06 9.91
C VAL C 133 -11.35 -64.11 10.70
N HIS C 134 -11.91 -63.69 11.83
CA HIS C 134 -12.70 -64.57 12.66
C HIS C 134 -13.97 -64.91 11.90
N PRO C 135 -14.43 -66.17 11.97
CA PRO C 135 -15.65 -66.56 11.23
C PRO C 135 -16.82 -65.62 11.42
N ASP C 136 -17.03 -65.18 12.65
CA ASP C 136 -18.15 -64.29 12.94
C ASP C 136 -17.92 -62.91 12.37
N ASP C 137 -16.68 -62.54 12.08
CA ASP C 137 -16.43 -61.25 11.49
C ASP C 137 -16.48 -61.28 9.95
N VAL C 138 -16.91 -62.40 9.34
CA VAL C 138 -16.88 -62.44 7.88
C VAL C 138 -18.03 -61.64 7.28
N ASP C 139 -19.23 -61.77 7.86
CA ASP C 139 -20.38 -61.01 7.36
C ASP C 139 -20.04 -59.53 7.23
N LYS C 140 -19.42 -58.97 8.26
CA LYS C 140 -19.06 -57.55 8.19
C LYS C 140 -17.96 -57.31 7.16
N LEU C 141 -16.97 -58.19 7.08
CA LEU C 141 -15.86 -57.92 6.16
C LEU C 141 -16.33 -57.93 4.72
N ARG C 142 -17.01 -59.01 4.31
CA ARG C 142 -17.69 -59.12 3.02
C ARG C 142 -18.46 -57.87 2.62
N GLU C 143 -19.09 -57.17 3.58
CA GLU C 143 -19.96 -56.07 3.20
C GLU C 143 -19.16 -54.81 2.83
N GLN C 144 -17.87 -54.75 3.24
CA GLN C 144 -16.94 -53.69 2.86
C GLN C 144 -16.31 -53.84 1.48
N LEU C 145 -16.41 -55.00 0.84
CA LEU C 145 -15.75 -55.22 -0.44
C LEU C 145 -16.80 -55.67 -1.46
N SER C 146 -17.50 -54.70 -2.08
CA SER C 146 -18.44 -55.00 -3.18
C SER C 146 -18.83 -53.77 -4.04
N GLY C 178 -11.60 -44.02 -5.42
CA GLY C 178 -11.12 -43.21 -4.31
C GLY C 178 -11.99 -43.23 -3.06
N SER C 179 -13.02 -44.06 -3.06
CA SER C 179 -13.87 -44.20 -1.89
C SER C 179 -13.09 -44.82 -0.74
N ARG C 180 -13.49 -44.47 0.50
CA ARG C 180 -12.81 -44.83 1.72
C ARG C 180 -13.43 -46.08 2.36
N ARG C 181 -12.67 -46.73 3.22
CA ARG C 181 -13.17 -47.82 4.04
C ARG C 181 -12.59 -47.75 5.44
N SER C 182 -13.39 -48.17 6.42
CA SER C 182 -13.03 -48.31 7.83
C SER C 182 -13.78 -49.48 8.42
N PHE C 183 -13.07 -50.40 9.05
CA PHE C 183 -13.78 -51.46 9.74
C PHE C 183 -12.88 -52.08 10.78
N ILE C 184 -13.49 -52.59 11.83
CA ILE C 184 -12.79 -53.31 12.88
C ILE C 184 -13.11 -54.78 12.68
N CYS C 185 -12.09 -55.64 12.74
CA CYS C 185 -12.40 -57.07 12.71
C CYS C 185 -11.28 -57.93 13.29
N ARG C 186 -11.66 -59.08 13.84
CA ARG C 186 -10.67 -59.93 14.43
C ARG C 186 -9.84 -60.63 13.36
N MET C 187 -8.61 -61.03 13.71
CA MET C 187 -7.70 -61.64 12.75
C MET C 187 -6.87 -62.69 13.46
N ARG C 188 -6.65 -63.82 12.79
CA ARG C 188 -5.99 -64.95 13.43
C ARG C 188 -4.48 -64.75 13.49
N CYS C 189 -3.91 -65.06 14.67
CA CYS C 189 -2.50 -64.88 14.98
C CYS C 189 -1.62 -66.04 14.50
N GLY C 190 -1.44 -67.09 15.31
CA GLY C 190 -0.59 -68.19 14.90
C GLY C 190 0.91 -67.88 15.01
N THR C 191 1.72 -68.91 14.73
CA THR C 191 3.20 -68.88 14.95
C THR C 191 4.03 -68.46 13.72
N ARG C 210 -0.74 -61.60 19.97
CA ARG C 210 -1.50 -62.27 21.03
C ARG C 210 -2.92 -61.70 21.20
N ASN C 211 -3.87 -62.52 21.68
CA ASN C 211 -5.30 -62.18 21.62
C ASN C 211 -5.58 -60.87 22.35
N GLY C 212 -6.64 -60.18 21.91
CA GLY C 212 -6.92 -58.89 22.50
C GLY C 212 -8.40 -58.57 22.69
N LEU C 213 -9.27 -59.59 22.71
CA LEU C 213 -10.70 -59.32 22.82
C LEU C 213 -11.36 -60.18 23.89
N GLY C 214 -10.61 -60.72 24.83
CA GLY C 214 -11.18 -61.59 25.84
C GLY C 214 -10.11 -62.30 26.62
N VAL C 216 -9.00 -64.67 27.11
CA VAL C 216 -8.33 -65.78 26.46
C VAL C 216 -9.10 -67.09 26.68
N LYS C 217 -8.70 -68.12 25.96
CA LYS C 217 -9.34 -69.43 26.07
C LYS C 217 -8.36 -70.50 26.52
N GLU C 218 -8.65 -71.76 26.18
CA GLU C 218 -7.79 -72.87 26.55
C GLU C 218 -7.42 -73.71 25.33
N GLY C 219 -6.25 -73.43 24.75
CA GLY C 219 -5.79 -74.16 23.59
C GLY C 219 -6.47 -73.82 22.28
N GLU C 220 -7.28 -72.76 22.26
CA GLU C 220 -8.02 -72.29 21.09
C GLU C 220 -7.14 -71.32 20.31
N PRO C 221 -7.55 -70.88 19.11
CA PRO C 221 -6.72 -69.90 18.38
C PRO C 221 -6.96 -68.48 18.88
N HIS C 222 -5.90 -67.66 18.80
CA HIS C 222 -5.95 -66.26 19.26
C HIS C 222 -6.43 -65.40 18.12
N PHE C 223 -7.20 -64.36 18.45
CA PHE C 223 -7.64 -63.41 17.43
C PHE C 223 -7.44 -62.00 17.95
N VAL C 224 -6.64 -61.23 17.26
CA VAL C 224 -6.35 -59.87 17.66
C VAL C 224 -7.20 -58.89 16.85
N VAL C 225 -7.72 -57.86 17.52
CA VAL C 225 -8.65 -56.92 16.90
C VAL C 225 -7.87 -55.95 16.04
N VAL C 226 -8.18 -55.92 14.76
CA VAL C 226 -7.42 -55.13 13.80
C VAL C 226 -8.30 -54.03 13.24
N HIS C 227 -7.79 -52.81 13.26
CA HIS C 227 -8.47 -51.64 12.76
C HIS C 227 -7.98 -51.38 11.34
N CYS C 228 -8.86 -51.62 10.37
CA CYS C 228 -8.53 -51.50 8.95
C CYS C 228 -9.08 -50.20 8.38
N THR C 229 -8.20 -49.41 7.80
CA THR C 229 -8.58 -48.19 7.11
C THR C 229 -7.92 -48.25 5.75
N GLY C 230 -8.62 -47.79 4.72
CA GLY C 230 -8.02 -47.92 3.40
C GLY C 230 -8.85 -47.20 2.37
N TYR C 231 -8.38 -47.28 1.11
CA TYR C 231 -9.05 -46.68 -0.03
C TYR C 231 -9.10 -47.69 -1.16
N ILE C 232 -10.00 -47.44 -2.13
CA ILE C 232 -10.16 -48.30 -3.31
C ILE C 232 -9.34 -47.77 -4.47
N LYS C 233 -8.46 -48.61 -5.03
CA LYS C 233 -7.59 -48.23 -6.14
C LYS C 233 -7.63 -49.37 -7.15
N ALA C 234 -8.14 -49.10 -8.35
CA ALA C 234 -8.31 -50.17 -9.32
C ALA C 234 -6.96 -50.67 -9.82
N TRP C 235 -6.91 -51.96 -10.16
CA TRP C 235 -5.75 -52.56 -10.80
C TRP C 235 -6.08 -53.96 -11.30
N PHE C 255 -10.79 -53.69 -9.34
CA PHE C 255 -11.06 -53.05 -8.05
C PHE C 255 -10.56 -53.77 -6.80
N CYS C 256 -9.77 -53.06 -6.00
CA CYS C 256 -9.25 -53.66 -4.79
C CYS C 256 -8.94 -52.58 -3.76
N LEU C 257 -8.80 -53.03 -2.51
CA LEU C 257 -8.65 -52.21 -1.32
C LEU C 257 -7.19 -52.18 -0.88
N VAL C 258 -6.62 -50.97 -0.82
CA VAL C 258 -5.31 -50.67 -0.27
C VAL C 258 -5.53 -50.20 1.17
N ALA C 259 -4.87 -50.86 2.12
CA ALA C 259 -5.28 -50.68 3.50
C ALA C 259 -4.10 -50.76 4.43
N ILE C 260 -4.23 -50.11 5.56
CA ILE C 260 -3.42 -50.39 6.74
C ILE C 260 -4.33 -51.13 7.69
N GLY C 261 -3.84 -52.23 8.24
CA GLY C 261 -4.41 -52.82 9.43
C GLY C 261 -3.48 -52.50 10.58
N ARG C 262 -4.04 -51.91 11.64
CA ARG C 262 -3.23 -51.55 12.78
C ARG C 262 -3.90 -52.05 14.04
N LEU C 263 -3.10 -52.34 15.04
CA LEU C 263 -3.59 -52.76 16.35
C LEU C 263 -3.71 -51.56 17.27
N GLN C 264 -4.73 -51.61 18.10
CA GLN C 264 -4.95 -50.59 19.08
C GLN C 264 -4.93 -51.27 20.44
N VAL C 265 -3.73 -51.70 20.87
CA VAL C 265 -3.61 -52.59 22.02
C VAL C 265 -4.09 -51.93 23.32
N THR C 266 -3.74 -50.66 23.48
CA THR C 266 -4.12 -49.91 24.66
C THR C 266 -5.64 -49.79 24.75
N SER C 267 -6.33 -50.88 24.44
CA SER C 267 -7.78 -50.91 24.47
C SER C 267 -8.33 -52.22 25.04
N SER C 268 -7.53 -53.28 24.97
CA SER C 268 -7.95 -54.56 25.48
C SER C 268 -7.62 -54.69 26.95
N PRO C 269 -8.33 -55.56 27.67
CA PRO C 269 -7.93 -55.91 29.03
C PRO C 269 -7.26 -57.30 29.11
N PRO C 280 -7.86 -68.28 37.23
CA PRO C 280 -8.27 -67.06 37.95
C PRO C 280 -7.64 -66.98 39.32
N THR C 281 -7.84 -65.85 39.99
CA THR C 281 -7.26 -65.64 41.32
C THR C 281 -8.15 -64.70 42.12
N GLU C 282 -8.96 -63.91 41.41
CA GLU C 282 -9.79 -62.90 42.03
C GLU C 282 -11.03 -62.76 41.16
N PHE C 283 -12.00 -61.98 41.65
CA PHE C 283 -13.17 -61.70 40.82
C PHE C 283 -13.84 -60.40 41.24
N ILE C 284 -14.43 -59.69 40.26
CA ILE C 284 -15.15 -58.44 40.50
C ILE C 284 -16.58 -58.77 40.89
N SER C 285 -17.18 -57.87 41.66
CA SER C 285 -18.59 -57.95 41.95
C SER C 285 -19.10 -56.53 42.20
N ARG C 286 -20.40 -56.37 42.09
CA ARG C 286 -21.01 -55.09 42.38
C ARG C 286 -22.11 -55.33 43.40
N HIS C 287 -22.30 -54.39 44.30
CA HIS C 287 -23.33 -54.53 45.30
C HIS C 287 -24.13 -53.25 45.37
N ASN C 288 -25.36 -53.37 45.88
CA ASN C 288 -26.10 -52.19 46.28
C ASN C 288 -25.55 -51.67 47.60
N ILE C 289 -26.03 -50.52 48.04
CA ILE C 289 -25.39 -49.95 49.21
C ILE C 289 -25.55 -50.88 50.42
N GLU C 290 -26.58 -51.73 50.42
CA GLU C 290 -26.84 -52.61 51.55
C GLU C 290 -25.98 -53.86 51.55
N GLY C 291 -25.27 -54.17 50.46
CA GLY C 291 -24.37 -55.30 50.41
C GLY C 291 -24.81 -56.52 49.63
N ILE C 292 -25.91 -56.45 48.89
CA ILE C 292 -26.44 -57.60 48.14
C ILE C 292 -25.70 -57.71 46.80
N PHE C 293 -25.08 -58.87 46.55
CA PHE C 293 -24.56 -59.21 45.22
C PHE C 293 -25.57 -58.92 44.11
N THR C 294 -25.27 -57.94 43.26
CA THR C 294 -26.05 -57.69 42.05
C THR C 294 -25.20 -57.91 40.79
N PHE C 295 -24.03 -58.54 40.94
CA PHE C 295 -23.20 -58.95 39.81
C PHE C 295 -21.98 -59.75 40.27
N VAL C 296 -21.66 -60.87 39.63
CA VAL C 296 -20.35 -61.49 39.79
C VAL C 296 -19.87 -62.00 38.43
N ASP C 297 -18.71 -61.53 37.99
CA ASP C 297 -18.07 -62.12 36.82
C ASP C 297 -17.78 -63.60 37.05
N HIS C 298 -17.63 -64.33 35.96
CA HIS C 298 -17.54 -65.77 36.00
C HIS C 298 -16.37 -66.29 36.84
N ARG C 299 -15.32 -65.48 37.06
CA ARG C 299 -14.15 -66.02 37.76
C ARG C 299 -14.47 -66.52 39.16
N CYS C 300 -15.62 -66.11 39.72
CA CYS C 300 -15.97 -66.56 41.06
C CYS C 300 -16.10 -68.08 41.11
N VAL C 301 -16.55 -68.70 40.01
CA VAL C 301 -16.59 -70.17 39.94
C VAL C 301 -15.25 -70.77 40.35
N ALA C 302 -14.16 -70.27 39.76
CA ALA C 302 -12.86 -70.86 40.07
C ALA C 302 -12.26 -70.32 41.38
N THR C 303 -12.76 -69.22 41.94
CA THR C 303 -12.08 -68.72 43.11
C THR C 303 -12.71 -69.27 44.39
N VAL C 304 -14.05 -69.22 44.48
CA VAL C 304 -14.76 -69.67 45.67
C VAL C 304 -15.81 -70.73 45.34
N GLY C 305 -15.65 -71.39 44.17
CA GLY C 305 -16.38 -72.60 43.83
C GLY C 305 -17.80 -72.45 43.33
N TYR C 306 -18.48 -71.34 43.62
CA TYR C 306 -19.89 -71.15 43.30
C TYR C 306 -20.11 -70.61 41.88
N GLN C 307 -21.29 -70.87 41.38
CA GLN C 307 -21.75 -70.25 40.15
C GLN C 307 -22.27 -68.83 40.42
N PRO C 308 -22.16 -67.94 39.43
CA PRO C 308 -22.60 -66.54 39.63
C PRO C 308 -23.98 -66.37 40.22
N GLN C 309 -24.96 -67.15 39.75
CA GLN C 309 -26.33 -66.99 40.22
C GLN C 309 -26.49 -67.50 41.65
N GLU C 310 -25.62 -68.40 42.11
CA GLU C 310 -25.63 -68.86 43.49
C GLU C 310 -25.13 -67.79 44.46
N LEU C 311 -24.49 -66.72 43.97
CA LEU C 311 -24.15 -65.58 44.81
C LEU C 311 -25.14 -64.44 44.66
N LEU C 312 -25.62 -64.19 43.45
CA LEU C 312 -26.54 -63.09 43.17
C LEU C 312 -27.71 -63.04 44.15
N GLY C 313 -28.17 -61.82 44.45
CA GLY C 313 -29.32 -61.62 45.32
C GLY C 313 -29.12 -61.80 46.83
N LYS C 314 -28.07 -62.47 47.26
CA LYS C 314 -27.73 -62.65 48.67
C LYS C 314 -26.81 -61.53 49.15
N ASN C 315 -26.69 -61.37 50.46
CA ASN C 315 -25.76 -60.37 50.99
C ASN C 315 -24.36 -60.98 51.10
N ILE C 316 -23.35 -60.11 51.06
CA ILE C 316 -21.99 -60.63 51.10
C ILE C 316 -21.71 -61.29 52.44
N VAL C 317 -22.20 -60.68 53.53
CA VAL C 317 -21.96 -61.18 54.87
C VAL C 317 -22.53 -62.56 55.05
N GLU C 318 -23.53 -62.93 54.23
CA GLU C 318 -24.13 -64.27 54.27
C GLU C 318 -23.18 -65.38 53.84
N PHE C 319 -22.11 -65.05 53.09
CA PHE C 319 -21.05 -66.00 52.78
C PHE C 319 -19.84 -65.81 53.68
N CYS C 320 -20.00 -65.03 54.74
CA CYS C 320 -18.92 -64.59 55.60
C CYS C 320 -18.96 -65.31 56.94
N HIS C 321 -17.83 -65.91 57.34
CA HIS C 321 -17.69 -66.57 58.63
C HIS C 321 -18.12 -65.64 59.77
N PRO C 322 -18.81 -66.16 60.79
CA PRO C 322 -19.49 -65.27 61.72
C PRO C 322 -18.56 -64.32 62.46
N GLU C 323 -17.37 -64.80 62.85
CA GLU C 323 -16.46 -63.94 63.62
C GLU C 323 -16.08 -62.69 62.84
N ASP C 324 -16.07 -62.79 61.50
CA ASP C 324 -15.61 -61.74 60.61
C ASP C 324 -16.72 -60.82 60.14
N GLN C 325 -17.98 -61.22 60.36
CA GLN C 325 -19.12 -60.49 59.80
C GLN C 325 -19.18 -59.06 60.31
N GLN C 326 -18.93 -58.85 61.60
CA GLN C 326 -19.06 -57.48 62.06
C GLN C 326 -18.06 -56.59 61.36
N LEU C 327 -16.86 -57.10 61.12
CA LEU C 327 -15.88 -56.32 60.37
C LEU C 327 -16.38 -56.06 58.96
N LEU C 328 -16.98 -57.07 58.31
CA LEU C 328 -17.41 -56.91 56.92
C LEU C 328 -18.53 -55.87 56.79
N ARG C 329 -19.54 -55.98 57.66
CA ARG C 329 -20.59 -54.95 57.72
C ARG C 329 -19.99 -53.58 57.93
N ASP C 330 -19.02 -53.48 58.84
CA ASP C 330 -18.41 -52.19 59.13
C ASP C 330 -17.72 -51.63 57.88
N SER C 331 -17.01 -52.51 57.15
CA SER C 331 -16.30 -52.09 55.95
C SER C 331 -17.24 -51.54 54.91
N PHE C 332 -18.38 -52.21 54.70
CA PHE C 332 -19.34 -51.73 53.71
C PHE C 332 -19.93 -50.39 54.10
N GLN C 333 -20.47 -50.31 55.32
CA GLN C 333 -21.07 -49.04 55.74
C GLN C 333 -20.04 -47.92 55.70
N GLN C 334 -18.74 -48.25 55.74
CA GLN C 334 -17.70 -47.25 55.58
C GLN C 334 -17.48 -46.85 54.11
N VAL C 335 -17.34 -47.84 53.21
CA VAL C 335 -17.05 -47.51 51.80
C VAL C 335 -18.18 -46.71 51.21
N VAL C 336 -19.40 -46.86 51.76
CA VAL C 336 -20.48 -45.98 51.35
C VAL C 336 -20.10 -44.53 51.61
N LYS C 337 -19.58 -44.24 52.80
CA LYS C 337 -19.26 -42.88 53.16
C LYS C 337 -17.93 -42.36 52.63
N LEU C 338 -17.02 -43.22 52.14
CA LEU C 338 -15.78 -42.55 51.74
C LEU C 338 -15.93 -41.72 50.48
N LYS C 339 -17.13 -41.68 49.89
CA LYS C 339 -17.41 -40.93 48.67
C LYS C 339 -16.39 -41.24 47.57
N GLY C 340 -16.04 -42.52 47.45
CA GLY C 340 -15.20 -42.94 46.37
C GLY C 340 -13.91 -43.65 46.70
N GLN C 341 -13.24 -43.31 47.79
CA GLN C 341 -11.91 -43.87 47.99
C GLN C 341 -12.01 -45.37 48.25
N VAL C 342 -10.93 -46.07 48.02
CA VAL C 342 -10.95 -47.52 48.14
C VAL C 342 -10.68 -47.89 49.58
N LEU C 343 -11.33 -48.97 50.02
CA LEU C 343 -11.18 -49.53 51.36
C LEU C 343 -11.11 -51.04 51.26
N SER C 344 -10.10 -51.67 51.85
CA SER C 344 -10.03 -53.13 51.78
C SER C 344 -10.17 -53.78 53.15
N VAL C 345 -10.59 -55.04 53.13
CA VAL C 345 -10.74 -55.81 54.35
C VAL C 345 -10.60 -57.28 54.02
N MET C 346 -10.05 -58.04 54.96
CA MET C 346 -9.87 -59.48 54.85
C MET C 346 -10.83 -60.17 55.79
N PHE C 347 -11.47 -61.22 55.29
CA PHE C 347 -12.41 -62.01 56.05
C PHE C 347 -12.45 -63.42 55.49
N ARG C 348 -13.24 -64.27 56.13
CA ARG C 348 -13.29 -65.67 55.76
C ARG C 348 -14.57 -65.96 54.98
N PHE C 349 -14.42 -66.62 53.84
CA PHE C 349 -15.47 -66.76 52.84
C PHE C 349 -15.79 -68.23 52.65
N ARG C 350 -17.07 -68.60 52.73
CA ARG C 350 -17.48 -70.00 52.60
C ARG C 350 -17.58 -70.36 51.12
N SER C 351 -16.65 -71.19 50.64
CA SER C 351 -16.69 -71.65 49.26
C SER C 351 -17.81 -72.67 49.10
N LYS C 352 -17.97 -73.22 47.89
CA LYS C 352 -19.04 -74.21 47.70
C LYS C 352 -18.67 -75.53 48.36
N THR C 353 -17.41 -75.92 48.25
CA THR C 353 -16.85 -76.92 49.14
C THR C 353 -16.83 -76.33 50.56
N ARG C 354 -16.95 -77.20 51.56
CA ARG C 354 -17.29 -76.76 52.92
C ARG C 354 -16.40 -75.64 53.47
N GLU C 355 -15.18 -75.46 52.95
CA GLU C 355 -14.08 -74.77 53.61
C GLU C 355 -14.22 -73.25 53.59
N TRP C 356 -13.48 -72.61 54.50
CA TRP C 356 -13.33 -71.16 54.58
C TRP C 356 -12.04 -70.73 53.87
N LEU C 357 -12.16 -69.74 52.99
CA LEU C 357 -11.02 -69.16 52.29
C LEU C 357 -10.75 -67.77 52.85
N TRP C 358 -9.48 -67.45 53.09
CA TRP C 358 -9.16 -66.08 53.47
C TRP C 358 -9.17 -65.17 52.25
N MET C 359 -9.79 -64.00 52.39
CA MET C 359 -10.16 -63.17 51.25
C MET C 359 -9.96 -61.69 51.55
N ARG C 360 -9.22 -61.03 50.67
CA ARG C 360 -8.97 -59.60 50.80
C ARG C 360 -9.83 -58.94 49.73
N THR C 361 -11.05 -58.61 50.11
CA THR C 361 -11.92 -57.84 49.23
C THR C 361 -11.59 -56.38 49.39
N SER C 362 -11.15 -55.70 48.34
CA SER C 362 -11.05 -54.25 48.39
C SER C 362 -12.15 -53.69 47.52
N SER C 363 -12.85 -52.68 48.02
CA SER C 363 -13.99 -52.15 47.32
C SER C 363 -14.08 -50.64 47.48
N PHE C 364 -14.96 -50.03 46.70
CA PHE C 364 -15.08 -48.59 46.69
C PHE C 364 -16.45 -48.28 46.12
N THR C 365 -16.87 -47.03 46.26
CA THR C 365 -18.19 -46.64 45.81
C THR C 365 -18.10 -46.07 44.40
N PHE C 366 -18.93 -46.60 43.50
CA PHE C 366 -18.82 -46.24 42.09
C PHE C 366 -19.72 -45.03 41.84
N GLN C 367 -19.12 -43.87 41.68
CA GLN C 367 -19.93 -42.67 41.56
C GLN C 367 -19.88 -42.14 40.14
N ASN C 368 -21.07 -42.02 39.54
CA ASN C 368 -21.25 -41.44 38.21
C ASN C 368 -20.55 -40.08 38.10
N PRO C 369 -19.71 -39.88 37.10
CA PRO C 369 -18.94 -38.63 37.01
C PRO C 369 -19.78 -37.40 36.74
N TYR C 370 -21.09 -37.53 36.49
CA TYR C 370 -21.95 -36.37 36.23
C TYR C 370 -22.89 -36.11 37.41
N SER C 371 -23.83 -37.01 37.69
CA SER C 371 -24.77 -36.77 38.78
C SER C 371 -24.14 -36.97 40.16
N ASP C 372 -22.99 -37.63 40.20
CA ASP C 372 -22.26 -38.01 41.38
C ASP C 372 -23.01 -39.04 42.22
N GLU C 373 -24.10 -39.61 41.72
CA GLU C 373 -24.84 -40.62 42.47
C GLU C 373 -24.16 -41.98 42.45
N ILE C 374 -24.52 -42.80 43.44
CA ILE C 374 -23.91 -44.11 43.65
C ILE C 374 -24.54 -45.10 42.68
N GLU C 375 -23.76 -45.59 41.72
CA GLU C 375 -24.27 -46.62 40.81
C GLU C 375 -24.26 -47.97 41.51
N TYR C 376 -23.24 -48.24 42.33
CA TYR C 376 -23.02 -49.45 43.10
C TYR C 376 -21.68 -49.41 43.81
N ILE C 377 -21.33 -50.53 44.44
CA ILE C 377 -20.09 -50.69 45.17
C ILE C 377 -19.29 -51.76 44.45
N ILE C 378 -18.10 -51.41 43.96
CA ILE C 378 -17.31 -52.36 43.20
C ILE C 378 -16.34 -53.08 44.14
N CYS C 379 -16.55 -54.37 44.36
CA CYS C 379 -15.59 -55.18 45.10
C CYS C 379 -14.68 -55.92 44.17
N THR C 380 -13.42 -56.02 44.57
CA THR C 380 -12.45 -56.89 43.92
C THR C 380 -12.08 -57.93 44.98
N ASN C 381 -12.71 -59.09 44.91
CA ASN C 381 -12.54 -60.10 45.93
C ASN C 381 -11.40 -61.01 45.52
N THR C 382 -10.40 -61.15 46.40
CA THR C 382 -9.15 -61.82 46.08
C THR C 382 -8.84 -62.90 47.12
N ASN C 383 -8.24 -64.00 46.68
CA ASN C 383 -7.75 -65.03 47.61
C ASN C 383 -6.36 -64.67 48.05
N VAL C 384 -6.09 -64.84 49.34
CA VAL C 384 -4.75 -64.62 49.84
C VAL C 384 -4.03 -65.95 50.02
N ASN D 12 29.47 -2.96 4.01
CA ASN D 12 30.06 -3.09 2.67
C ASN D 12 30.93 -4.36 2.52
N ALA D 13 31.72 -4.68 3.55
CA ALA D 13 32.28 -6.02 3.62
C ALA D 13 31.25 -6.99 4.16
N ALA D 14 30.37 -6.48 5.03
CA ALA D 14 29.24 -7.27 5.50
C ALA D 14 28.29 -7.65 4.39
N ARG D 15 28.09 -6.78 3.39
CA ARG D 15 27.32 -7.21 2.23
C ARG D 15 27.95 -8.46 1.61
N TRP D 16 29.26 -8.45 1.44
CA TRP D 16 29.89 -9.57 0.77
C TRP D 16 29.74 -10.84 1.61
N ARG D 17 29.98 -10.69 2.92
CA ARG D 17 29.79 -11.80 3.85
C ARG D 17 28.36 -12.35 3.76
N ARG D 18 27.36 -11.47 3.87
CA ARG D 18 25.97 -11.90 3.81
C ARG D 18 25.62 -12.50 2.45
N GLY D 19 26.22 -12.02 1.36
CA GLY D 19 25.97 -12.64 0.07
C GLY D 19 26.44 -14.08 0.04
N LYS D 20 27.67 -14.33 0.48
CA LYS D 20 28.17 -15.70 0.54
C LYS D 20 27.27 -16.57 1.45
N GLU D 21 26.81 -15.99 2.57
CA GLU D 21 25.90 -16.71 3.46
C GLU D 21 24.62 -17.10 2.74
N ASN D 22 24.03 -16.15 2.02
CA ASN D 22 22.80 -16.48 1.30
C ASN D 22 23.02 -17.66 0.37
N LEU D 23 24.07 -17.60 -0.46
CA LEU D 23 24.40 -18.78 -1.26
C LEU D 23 24.41 -20.08 -0.47
N GLU D 24 25.03 -20.08 0.73
CA GLU D 24 25.01 -21.32 1.48
C GLU D 24 23.59 -21.69 1.88
N PHE D 25 22.76 -20.70 2.21
CA PHE D 25 21.37 -20.99 2.53
C PHE D 25 20.64 -21.67 1.40
N PHE D 26 20.85 -21.21 0.17
CA PHE D 26 20.11 -21.82 -0.95
C PHE D 26 20.67 -23.17 -1.33
N GLU D 27 21.97 -23.40 -1.13
CA GLU D 27 22.49 -24.76 -1.26
C GLU D 27 21.85 -25.69 -0.26
N LEU D 28 21.78 -25.23 1.00
CA LEU D 28 21.17 -26.05 2.04
C LEU D 28 19.70 -26.31 1.76
N ALA D 29 19.00 -25.33 1.17
CA ALA D 29 17.60 -25.54 0.79
C ALA D 29 17.47 -26.63 -0.27
N LYS D 30 18.28 -26.55 -1.33
CA LYS D 30 18.27 -27.62 -2.33
C LYS D 30 18.49 -28.98 -1.67
N LEU D 31 19.33 -29.05 -0.64
CA LEU D 31 19.63 -30.38 -0.12
C LEU D 31 18.56 -30.92 0.81
N LEU D 32 17.56 -30.13 1.17
CA LEU D 32 16.51 -30.66 2.03
C LEU D 32 15.65 -31.70 1.31
N PRO D 33 15.17 -32.75 2.04
CA PRO D 33 14.24 -33.73 1.47
C PRO D 33 12.83 -33.17 1.34
N LEU D 34 12.70 -32.13 0.55
CA LEU D 34 11.42 -31.53 0.20
C LEU D 34 11.35 -31.33 -1.30
N PRO D 35 10.15 -31.12 -1.86
CA PRO D 35 10.04 -30.74 -3.26
C PRO D 35 10.80 -29.44 -3.48
N GLY D 36 11.39 -29.30 -4.67
CA GLY D 36 12.11 -28.07 -4.96
C GLY D 36 11.30 -26.84 -4.65
N ALA D 37 10.02 -26.84 -5.05
CA ALA D 37 9.20 -25.63 -4.97
C ALA D 37 8.88 -25.21 -3.54
N ILE D 38 8.85 -26.13 -2.58
CA ILE D 38 8.66 -25.68 -1.20
C ILE D 38 9.96 -25.10 -0.67
N SER D 39 11.04 -25.89 -0.70
CA SER D 39 12.27 -25.47 -0.04
C SER D 39 12.75 -24.15 -0.62
N SER D 40 12.77 -24.05 -1.95
CA SER D 40 13.33 -22.88 -2.61
C SER D 40 12.62 -21.60 -2.23
N GLN D 41 11.48 -21.67 -1.56
CA GLN D 41 10.78 -20.49 -1.11
C GLN D 41 10.94 -20.22 0.39
N LEU D 42 11.29 -21.24 1.17
CA LEU D 42 11.27 -21.17 2.63
C LEU D 42 12.10 -20.00 3.11
N ASP D 43 11.80 -19.54 4.32
CA ASP D 43 12.63 -18.50 4.88
C ASP D 43 13.87 -19.13 5.50
N LYS D 44 14.91 -18.31 5.68
CA LYS D 44 16.20 -18.80 6.14
C LYS D 44 16.08 -19.54 7.48
N ALA D 45 15.42 -18.92 8.46
CA ALA D 45 15.17 -19.56 9.76
C ALA D 45 14.64 -21.00 9.61
N SER D 46 13.69 -21.22 8.70
CA SER D 46 13.17 -22.56 8.56
C SER D 46 14.14 -23.49 7.83
N ILE D 47 14.96 -22.99 6.91
CA ILE D 47 15.95 -23.87 6.28
C ILE D 47 16.91 -24.42 7.34
N VAL D 48 17.33 -23.57 8.27
CA VAL D 48 18.17 -24.13 9.32
C VAL D 48 17.38 -25.07 10.21
N ARG D 49 16.13 -24.71 10.55
CA ARG D 49 15.35 -25.60 11.41
C ARG D 49 15.13 -26.97 10.77
N LEU D 50 14.70 -26.98 9.50
CA LEU D 50 14.48 -28.24 8.80
C LEU D 50 15.77 -29.04 8.65
N SER D 51 16.90 -28.36 8.43
CA SER D 51 18.19 -29.06 8.35
C SER D 51 18.55 -29.77 9.67
N VAL D 52 18.47 -29.04 10.77
CA VAL D 52 18.70 -29.62 12.08
C VAL D 52 17.76 -30.77 12.33
N THR D 53 16.45 -30.51 12.27
CA THR D 53 15.48 -31.56 12.58
C THR D 53 15.69 -32.76 11.70
N TYR D 54 16.15 -32.56 10.47
CA TYR D 54 16.36 -33.69 9.58
C TYR D 54 17.53 -34.56 10.03
N LEU D 55 18.67 -33.95 10.37
CA LEU D 55 19.80 -34.74 10.86
C LEU D 55 19.43 -35.46 12.15
N ARG D 56 18.76 -34.76 13.07
CA ARG D 56 18.18 -35.38 14.27
C ARG D 56 17.30 -36.59 13.93
N LEU D 57 16.43 -36.45 12.92
CA LEU D 57 15.55 -37.55 12.54
C LEU D 57 16.25 -38.83 12.10
N ARG D 58 17.34 -38.66 11.35
CA ARG D 58 18.14 -39.78 10.89
C ARG D 58 18.72 -40.53 12.09
N ARG D 59 19.28 -39.78 13.03
CA ARG D 59 19.82 -40.39 14.25
C ARG D 59 18.70 -41.09 14.99
N PHE D 60 17.53 -40.46 15.10
CA PHE D 60 16.41 -41.07 15.84
C PHE D 60 15.91 -42.33 15.16
N ALA D 61 15.95 -42.37 13.83
CA ALA D 61 15.50 -43.57 13.15
C ALA D 61 16.51 -44.70 13.28
N ALA D 62 17.80 -44.34 13.37
CA ALA D 62 18.82 -45.36 13.59
C ALA D 62 18.61 -46.06 14.92
N LEU D 63 18.45 -45.28 15.99
CA LEU D 63 18.08 -45.84 17.29
C LEU D 63 16.71 -46.49 17.21
N GLY D 64 16.26 -47.11 18.30
CA GLY D 64 14.98 -47.78 18.23
C GLY D 64 15.00 -49.05 17.40
N ALA D 65 14.31 -50.08 17.89
CA ALA D 65 14.44 -51.43 17.37
C ALA D 65 13.21 -51.84 16.61
N PRO D 66 13.37 -52.16 15.31
CA PRO D 66 14.65 -52.11 14.61
C PRO D 66 14.95 -50.70 14.18
N PRO D 67 16.19 -50.43 13.80
CA PRO D 67 16.46 -49.21 13.05
C PRO D 67 15.59 -49.13 11.81
N TRP D 68 15.10 -47.93 11.52
CA TRP D 68 14.18 -47.72 10.40
C TRP D 68 14.93 -47.91 9.08
N GLY D 69 14.62 -48.99 8.37
CA GLY D 69 15.33 -49.37 7.16
C GLY D 69 16.58 -50.21 7.38
N ALA D 88 14.07 -59.25 -1.16
CA ALA D 88 13.93 -59.49 -2.58
C ALA D 88 12.84 -60.58 -2.80
N LEU D 89 12.63 -60.97 -4.06
CA LEU D 89 11.48 -61.74 -4.55
C LEU D 89 10.18 -60.99 -4.31
N VAL D 90 10.00 -60.41 -3.13
CA VAL D 90 9.01 -59.35 -2.97
C VAL D 90 9.77 -58.05 -3.23
N SER D 91 9.77 -57.69 -4.51
CA SER D 91 10.58 -56.63 -5.11
C SER D 91 9.80 -56.07 -6.30
N GLU D 92 9.09 -56.95 -7.01
CA GLU D 92 8.17 -56.47 -8.04
C GLU D 92 6.82 -56.08 -7.46
N VAL D 93 6.45 -56.57 -6.28
CA VAL D 93 5.25 -56.06 -5.63
C VAL D 93 5.62 -54.91 -4.68
N PHE D 94 6.90 -54.78 -4.29
CA PHE D 94 7.29 -53.83 -3.24
C PHE D 94 7.60 -52.42 -3.74
N GLU D 95 8.08 -52.26 -4.96
CA GLU D 95 8.35 -50.93 -5.49
C GLU D 95 7.09 -50.28 -6.07
N GLN D 96 6.05 -51.05 -6.32
CA GLN D 96 4.87 -50.49 -6.95
C GLN D 96 3.98 -49.73 -5.98
N HIS D 97 4.52 -49.32 -4.83
CA HIS D 97 3.77 -48.60 -3.82
C HIS D 97 4.32 -47.23 -3.52
N LEU D 98 5.62 -47.03 -3.76
CA LEU D 98 6.25 -45.72 -3.82
C LEU D 98 5.98 -44.91 -2.54
N GLY D 99 5.66 -45.59 -1.44
CA GLY D 99 5.50 -44.95 -0.13
C GLY D 99 4.14 -44.32 0.09
N GLY D 100 3.55 -43.81 -1.00
CA GLY D 100 2.28 -43.10 -0.91
C GLY D 100 1.16 -43.91 -0.28
N HIS D 101 1.07 -45.19 -0.64
CA HIS D 101 -0.03 -46.00 -0.12
C HIS D 101 -0.10 -45.98 1.39
N ILE D 102 1.06 -46.05 2.06
CA ILE D 102 1.03 -46.12 3.52
C ILE D 102 0.33 -44.89 4.08
N LEU D 103 0.82 -43.69 3.73
CA LEU D 103 0.28 -42.46 4.29
C LEU D 103 -1.18 -42.28 3.95
N GLN D 104 -1.54 -42.54 2.69
CA GLN D 104 -2.92 -42.34 2.24
C GLN D 104 -3.87 -43.41 2.76
N SER D 105 -3.38 -44.51 3.31
CA SER D 105 -4.33 -45.49 3.82
C SER D 105 -4.76 -45.19 5.25
N LEU D 106 -4.01 -44.38 5.99
CA LEU D 106 -4.40 -44.03 7.35
C LEU D 106 -5.52 -42.99 7.40
N ASP D 107 -6.34 -43.10 8.46
CA ASP D 107 -7.32 -42.07 8.81
C ASP D 107 -6.78 -41.02 9.75
N GLY D 108 -5.47 -40.85 9.79
CA GLY D 108 -4.87 -39.86 10.66
C GLY D 108 -3.46 -39.59 10.21
N PHE D 109 -2.71 -38.94 11.06
CA PHE D 109 -1.35 -38.57 10.72
C PHE D 109 -0.38 -39.33 11.62
N VAL D 110 0.87 -39.40 11.17
CA VAL D 110 1.96 -40.12 11.84
C VAL D 110 2.97 -39.09 12.28
N PHE D 111 3.47 -39.21 13.50
CA PHE D 111 4.45 -38.24 13.96
C PHE D 111 5.37 -38.89 14.96
N ALA D 112 6.53 -38.26 15.12
CA ALA D 112 7.54 -38.69 16.08
C ALA D 112 8.10 -37.45 16.74
N LEU D 113 7.98 -37.40 18.07
CA LEU D 113 8.55 -36.39 18.95
C LEU D 113 9.84 -36.96 19.57
N ASN D 114 10.81 -36.08 19.85
CA ASN D 114 12.02 -36.49 20.56
C ASN D 114 11.83 -36.29 22.07
N GLN D 115 12.88 -36.55 22.86
CA GLN D 115 12.75 -36.52 24.31
C GLN D 115 12.18 -35.18 24.76
N GLU D 116 12.53 -34.09 24.07
CA GLU D 116 12.00 -32.77 24.41
C GLU D 116 10.52 -32.64 24.02
N GLY D 117 10.16 -33.05 22.82
CA GLY D 117 8.79 -32.81 22.41
C GLY D 117 8.74 -32.09 21.08
N LYS D 118 9.90 -31.89 20.47
CA LYS D 118 9.93 -31.30 19.14
C LYS D 118 9.47 -32.34 18.11
N PHE D 119 8.67 -31.90 17.15
CA PHE D 119 8.31 -32.78 16.05
C PHE D 119 9.58 -33.11 15.30
N LEU D 120 9.99 -34.37 15.32
CA LEU D 120 11.03 -34.81 14.40
C LEU D 120 10.44 -35.26 13.08
N TYR D 121 9.24 -35.80 13.10
CA TYR D 121 8.60 -36.07 11.84
C TYR D 121 7.10 -35.90 12.03
N ILE D 122 6.47 -35.21 11.10
CA ILE D 122 5.02 -35.29 11.00
C ILE D 122 4.64 -35.34 9.54
N SER D 123 3.82 -36.33 9.21
CA SER D 123 3.47 -36.62 7.83
C SER D 123 2.59 -35.52 7.26
N GLU D 124 2.89 -35.11 6.01
CA GLU D 124 2.16 -34.06 5.32
C GLU D 124 0.65 -34.21 5.50
N THR D 125 0.17 -35.44 5.63
CA THR D 125 -1.27 -35.66 5.79
C THR D 125 -1.86 -34.96 7.03
N VAL D 126 -1.04 -34.38 7.92
CA VAL D 126 -1.59 -33.60 9.03
C VAL D 126 -2.42 -32.45 8.50
N SER D 127 -1.99 -31.85 7.38
CA SER D 127 -2.76 -30.75 6.80
C SER D 127 -4.19 -31.17 6.51
N ILE D 128 -4.40 -32.44 6.16
CA ILE D 128 -5.74 -32.91 5.87
C ILE D 128 -6.65 -32.70 7.06
N TYR D 129 -6.14 -32.91 8.27
CA TYR D 129 -6.97 -32.99 9.47
C TYR D 129 -6.92 -31.76 10.37
N LEU D 130 -5.76 -31.15 10.53
CA LEU D 130 -5.67 -29.89 11.25
C LEU D 130 -5.34 -28.69 10.38
N GLY D 131 -4.99 -28.91 9.11
CA GLY D 131 -4.61 -27.79 8.26
C GLY D 131 -3.31 -27.12 8.61
N LEU D 132 -2.56 -27.64 9.56
CA LEU D 132 -1.23 -27.12 9.79
C LEU D 132 -0.28 -27.79 8.80
N SER D 133 0.80 -27.11 8.46
CA SER D 133 1.70 -27.71 7.48
C SER D 133 2.75 -28.60 8.14
N GLN D 134 3.12 -29.66 7.44
CA GLN D 134 4.30 -30.41 7.85
C GLN D 134 5.51 -29.48 7.97
N VAL D 135 5.62 -28.45 7.12
CA VAL D 135 6.82 -27.62 7.18
C VAL D 135 6.81 -26.70 8.40
N GLU D 136 5.64 -26.31 8.86
CA GLU D 136 5.60 -25.47 10.04
C GLU D 136 5.88 -26.27 11.29
N LEU D 137 5.30 -27.47 11.41
CA LEU D 137 5.43 -28.27 12.63
C LEU D 137 6.79 -28.97 12.73
N THR D 138 7.37 -29.41 11.63
CA THR D 138 8.62 -30.14 11.70
C THR D 138 9.66 -29.27 12.40
N GLY D 139 10.17 -29.72 13.54
CA GLY D 139 11.11 -28.93 14.33
C GLY D 139 10.49 -28.10 15.45
N SER D 140 9.17 -27.97 15.49
CA SER D 140 8.45 -27.15 16.46
C SER D 140 8.10 -27.96 17.68
N SER D 141 7.83 -27.26 18.78
CA SER D 141 7.39 -27.97 19.98
C SER D 141 5.94 -28.38 19.83
N VAL D 142 5.62 -29.64 20.18
CA VAL D 142 4.24 -30.10 20.08
C VAL D 142 3.34 -29.23 20.92
N PHE D 143 3.86 -28.66 22.01
CA PHE D 143 3.04 -27.89 22.93
C PHE D 143 2.50 -26.58 22.32
N ASP D 144 3.20 -26.02 21.31
CA ASP D 144 2.64 -24.87 20.59
C ASP D 144 1.39 -25.21 19.83
N TYR D 145 0.96 -26.45 19.83
CA TYR D 145 -0.24 -26.83 19.09
C TYR D 145 -1.19 -27.61 19.98
N ILE D 146 -0.86 -27.78 21.24
CA ILE D 146 -1.76 -28.37 22.21
C ILE D 146 -2.52 -27.24 22.87
N HIS D 147 -3.81 -27.47 23.08
CA HIS D 147 -4.62 -26.62 23.95
C HIS D 147 -3.88 -26.50 25.29
N PRO D 148 -3.73 -25.29 25.84
CA PRO D 148 -2.95 -25.17 27.08
C PRO D 148 -3.56 -25.93 28.23
N GLY D 149 -4.89 -26.10 28.25
CA GLY D 149 -5.50 -26.81 29.36
C GLY D 149 -5.03 -28.24 29.48
N ASP D 150 -4.66 -28.87 28.37
CA ASP D 150 -4.11 -30.21 28.34
C ASP D 150 -2.61 -30.32 28.51
N HIS D 151 -1.85 -29.23 28.62
CA HIS D 151 -0.39 -29.36 28.68
C HIS D 151 0.05 -30.35 29.76
N SER D 152 -0.49 -30.19 30.98
CA SER D 152 -0.11 -31.08 32.08
C SER D 152 -0.24 -32.53 31.64
N GLU D 153 -1.42 -32.92 31.15
CA GLU D 153 -1.64 -34.31 30.80
C GLU D 153 -0.63 -34.78 29.75
N VAL D 154 -0.39 -33.94 28.73
CA VAL D 154 0.60 -34.31 27.72
C VAL D 154 1.96 -34.49 28.38
N LEU D 155 2.34 -33.54 29.24
CA LEU D 155 3.65 -33.64 29.89
C LEU D 155 3.82 -34.98 30.59
N GLU D 156 2.74 -35.52 31.17
CA GLU D 156 2.87 -36.79 31.89
C GLU D 156 3.07 -37.94 30.90
N GLN D 157 2.23 -38.00 29.86
CA GLN D 157 2.26 -39.13 28.94
C GLN D 157 3.62 -39.28 28.32
N LEU D 158 4.36 -38.18 28.13
CA LEU D 158 5.71 -38.25 27.58
C LEU D 158 6.78 -38.50 28.62
N GLY D 159 6.50 -38.23 29.90
CA GLY D 159 7.48 -38.37 30.98
C GLY D 159 8.37 -37.16 31.17
N LEU D 160 7.75 -36.02 31.55
CA LEU D 160 8.40 -34.71 31.62
C LEU D 160 7.95 -33.82 32.79
N GLN D 204 4.52 -49.21 28.34
CA GLN D 204 5.02 -47.99 27.71
C GLN D 204 4.20 -47.60 26.49
N GLU D 205 3.17 -48.37 26.19
CA GLU D 205 2.21 -47.91 25.22
C GLU D 205 1.50 -46.68 25.75
N ARG D 206 1.15 -45.76 24.86
CA ARG D 206 0.47 -44.52 25.20
C ARG D 206 -0.84 -44.40 24.43
N SER D 207 -1.84 -43.78 25.07
CA SER D 207 -3.13 -43.55 24.40
C SER D 207 -3.91 -42.46 25.15
N PHE D 208 -3.83 -41.24 24.66
CA PHE D 208 -4.50 -40.13 25.32
C PHE D 208 -5.21 -39.25 24.31
N PHE D 209 -6.11 -38.43 24.81
CA PHE D 209 -6.83 -37.46 23.98
C PHE D 209 -6.37 -36.06 24.33
N VAL D 210 -6.12 -35.24 23.31
CA VAL D 210 -5.62 -33.88 23.52
C VAL D 210 -6.22 -32.99 22.46
N ARG D 211 -6.37 -31.71 22.80
CA ARG D 211 -6.91 -30.76 21.85
C ARG D 211 -5.75 -30.07 21.13
N MET D 212 -5.76 -30.12 19.81
CA MET D 212 -4.67 -29.54 19.04
C MET D 212 -5.27 -28.45 18.17
N LYS D 213 -4.45 -27.42 17.85
CA LYS D 213 -5.01 -26.32 17.07
C LYS D 213 -5.36 -26.78 15.67
N SER D 214 -6.57 -26.47 15.26
CA SER D 214 -7.03 -26.72 13.91
C SER D 214 -7.22 -25.38 13.23
N THR D 215 -6.87 -25.32 11.96
CA THR D 215 -7.05 -24.08 11.21
C THR D 215 -8.02 -24.34 10.07
N LEU D 216 -9.17 -24.92 10.41
CA LEU D 216 -10.19 -25.38 9.47
C LEU D 216 -11.54 -24.84 9.89
N GLY D 227 -11.26 -23.14 18.05
CA GLY D 227 -10.44 -23.62 16.94
C GLY D 227 -9.42 -24.65 17.34
N TYR D 228 -9.88 -25.68 18.06
CA TYR D 228 -9.12 -26.84 18.49
C TYR D 228 -9.87 -28.09 18.10
N LYS D 229 -9.16 -29.22 18.02
CA LYS D 229 -9.76 -30.51 17.70
C LYS D 229 -9.27 -31.58 18.67
N VAL D 230 -10.17 -32.49 19.03
CA VAL D 230 -9.80 -33.61 19.89
C VAL D 230 -9.05 -34.62 19.03
N ILE D 231 -7.84 -34.91 19.43
CA ILE D 231 -6.92 -35.77 18.72
C ILE D 231 -6.66 -36.94 19.64
N HIS D 232 -7.07 -38.13 19.21
CA HIS D 232 -6.72 -39.36 19.90
C HIS D 232 -5.32 -39.75 19.46
N VAL D 233 -4.36 -39.66 20.37
CA VAL D 233 -2.99 -40.05 20.11
C VAL D 233 -2.79 -41.44 20.67
N THR D 234 -2.20 -42.32 19.86
CA THR D 234 -1.88 -43.68 20.26
C THR D 234 -0.46 -43.96 19.79
N GLY D 235 0.40 -44.42 20.70
CA GLY D 235 1.77 -44.64 20.28
C GLY D 235 2.65 -45.30 21.30
N ARG D 236 3.95 -45.03 21.24
CA ARG D 236 4.88 -45.66 22.17
C ARG D 236 5.99 -44.70 22.56
N LEU D 237 6.46 -44.85 23.80
CA LEU D 237 7.52 -44.10 24.44
C LEU D 237 8.75 -45.00 24.54
N ARG D 238 9.93 -44.43 24.72
CA ARG D 238 11.16 -45.23 24.60
C ARG D 238 12.01 -45.31 25.89
N ALA D 239 11.48 -44.78 27.02
CA ALA D 239 12.15 -44.57 28.33
C ALA D 239 13.26 -43.52 28.34
N LEU D 242 11.92 -40.72 26.70
CA LEU D 242 12.94 -40.59 25.64
C LEU D 242 12.48 -40.47 24.12
N GLY D 243 11.20 -40.24 23.88
CA GLY D 243 10.72 -39.99 22.53
C GLY D 243 9.37 -40.63 22.30
N LEU D 244 8.39 -39.95 21.70
CA LEU D 244 7.10 -40.57 21.44
C LEU D 244 6.97 -40.81 19.94
N VAL D 245 6.44 -41.97 19.56
CA VAL D 245 6.21 -42.33 18.15
C VAL D 245 4.75 -42.75 18.03
N ALA D 246 3.97 -42.06 17.20
CA ALA D 246 2.54 -42.28 17.37
C ALA D 246 1.71 -41.85 16.18
N LEU D 247 0.43 -42.20 16.28
CA LEU D 247 -0.60 -41.84 15.32
C LEU D 247 -1.64 -40.96 15.99
N GLY D 248 -1.98 -39.85 15.32
CA GLY D 248 -3.04 -38.96 15.76
C GLY D 248 -4.26 -39.10 14.85
N HIS D 249 -5.44 -39.19 15.47
CA HIS D 249 -6.70 -39.38 14.79
C HIS D 249 -7.70 -38.32 15.22
N THR D 250 -8.42 -37.72 14.26
CA THR D 250 -9.53 -36.86 14.61
C THR D 250 -10.61 -37.86 14.96
N LEU D 251 -11.62 -37.41 15.71
CA LEU D 251 -12.75 -38.26 16.06
C LEU D 251 -13.96 -37.84 15.23
N PRO D 252 -14.46 -38.80 14.38
CA PRO D 252 -15.57 -38.35 13.53
C PRO D 252 -16.88 -38.89 14.10
N LEU D 259 -21.52 -38.38 9.44
CA LEU D 259 -22.35 -39.35 10.15
C LEU D 259 -22.62 -40.58 9.29
N PRO D 260 -21.55 -41.20 8.81
CA PRO D 260 -21.67 -42.40 7.97
C PRO D 260 -21.77 -43.71 8.74
N LEU D 261 -23.00 -44.16 8.99
CA LEU D 261 -23.19 -45.43 9.67
C LEU D 261 -22.71 -46.55 8.76
N HIS D 262 -22.59 -47.75 9.32
CA HIS D 262 -22.38 -48.91 8.45
C HIS D 262 -23.07 -50.12 9.09
N GLY D 263 -22.63 -51.32 8.74
CA GLY D 263 -23.41 -52.51 9.08
C GLY D 263 -23.39 -52.89 10.55
N HIS D 264 -22.21 -52.97 11.14
CA HIS D 264 -22.09 -53.38 12.53
C HIS D 264 -21.87 -52.18 13.44
N MET D 265 -22.78 -51.19 13.37
CA MET D 265 -22.63 -49.98 14.17
C MET D 265 -23.97 -49.49 14.69
N ILE D 266 -24.10 -49.34 16.00
CA ILE D 266 -25.34 -48.95 16.67
C ILE D 266 -25.23 -47.50 17.15
N VAL D 267 -26.25 -46.71 16.89
CA VAL D 267 -26.29 -45.35 17.42
C VAL D 267 -27.06 -45.39 18.73
N PHE D 268 -26.53 -44.72 19.75
CA PHE D 268 -27.32 -44.41 20.94
C PHE D 268 -27.32 -42.92 21.13
N ARG D 269 -28.44 -42.39 21.60
CA ARG D 269 -28.44 -41.04 22.11
C ARG D 269 -28.61 -41.16 23.62
N LEU D 270 -27.65 -40.59 24.35
CA LEU D 270 -27.50 -40.70 25.78
C LEU D 270 -27.54 -39.33 26.42
N SER D 271 -27.89 -39.35 27.71
CA SER D 271 -27.74 -38.20 28.57
C SER D 271 -26.26 -38.01 28.92
N LEU D 272 -25.95 -36.89 29.59
CA LEU D 272 -24.59 -36.72 30.06
C LEU D 272 -24.22 -37.70 31.17
N GLY D 273 -25.19 -38.36 31.78
CA GLY D 273 -24.95 -39.42 32.73
C GLY D 273 -25.00 -40.80 32.14
N LEU D 274 -25.00 -40.92 30.79
CA LEU D 274 -24.92 -42.21 30.10
C LEU D 274 -26.12 -43.10 30.37
N THR D 275 -27.27 -42.46 30.63
CA THR D 275 -28.56 -43.11 30.55
C THR D 275 -29.07 -43.07 29.11
N ILE D 276 -29.77 -44.14 28.70
CA ILE D 276 -30.11 -44.36 27.31
C ILE D 276 -31.39 -43.60 26.95
N LEU D 277 -31.26 -42.60 26.07
CA LEU D 277 -32.44 -41.91 25.56
C LEU D 277 -33.02 -42.60 24.33
N ALA D 278 -32.22 -42.82 23.30
CA ALA D 278 -32.74 -43.39 22.08
C ALA D 278 -31.79 -44.47 21.60
N CYS D 279 -32.38 -45.49 21.01
CA CYS D 279 -31.64 -46.68 20.62
C CYS D 279 -32.22 -47.22 19.33
N GLU D 280 -31.36 -47.40 18.32
CA GLU D 280 -31.83 -47.60 16.97
C GLU D 280 -32.24 -49.06 16.76
N SER D 281 -33.48 -49.29 16.34
CA SER D 281 -34.10 -50.62 16.39
C SER D 281 -33.20 -51.71 15.80
N ARG D 282 -32.23 -51.32 14.97
CA ARG D 282 -31.22 -52.23 14.45
C ARG D 282 -30.45 -52.96 15.55
N VAL D 283 -30.50 -52.47 16.79
CA VAL D 283 -29.86 -53.14 17.91
C VAL D 283 -30.30 -54.58 17.98
N SER D 284 -31.55 -54.86 17.57
CA SER D 284 -32.11 -56.20 17.72
C SER D 284 -31.42 -57.19 16.81
N ASP D 285 -30.69 -56.67 15.81
CA ASP D 285 -29.85 -57.46 14.94
C ASP D 285 -28.62 -57.99 15.66
N HIS D 286 -28.22 -57.36 16.78
CA HIS D 286 -27.05 -57.82 17.52
C HIS D 286 -27.30 -58.15 18.98
N MET D 287 -28.43 -57.76 19.57
CA MET D 287 -28.59 -57.94 21.01
C MET D 287 -29.99 -58.44 21.37
N ASP D 288 -30.12 -58.97 22.59
CA ASP D 288 -31.40 -59.52 23.02
C ASP D 288 -32.39 -58.43 23.40
N MET D 289 -31.91 -57.27 23.83
CA MET D 289 -32.82 -56.17 24.07
C MET D 289 -33.10 -55.42 22.78
N GLY D 290 -34.33 -54.95 22.63
CA GLY D 290 -34.67 -53.96 21.65
C GLY D 290 -34.75 -52.60 22.32
N PRO D 291 -34.93 -51.53 21.54
CA PRO D 291 -34.97 -50.18 22.11
C PRO D 291 -35.97 -49.99 23.24
N SER D 292 -36.99 -50.84 23.29
CA SER D 292 -37.94 -50.80 24.40
C SER D 292 -37.27 -51.14 25.73
N GLU D 293 -36.52 -52.26 25.77
CA GLU D 293 -35.94 -52.80 26.99
C GLU D 293 -34.59 -52.19 27.36
N LEU D 294 -34.14 -51.16 26.63
CA LEU D 294 -32.89 -50.47 26.89
C LEU D 294 -33.07 -49.02 27.31
N VAL D 295 -34.04 -48.31 26.70
CA VAL D 295 -34.20 -46.88 26.97
C VAL D 295 -34.54 -46.67 28.43
N GLY D 296 -33.98 -45.60 29.01
CA GLY D 296 -34.21 -45.26 30.39
C GLY D 296 -33.14 -45.76 31.35
N ARG D 297 -32.41 -46.79 30.98
CA ARG D 297 -31.39 -47.34 31.85
C ARG D 297 -30.04 -46.66 31.60
N SER D 298 -29.12 -46.88 32.54
CA SER D 298 -27.79 -46.31 32.48
C SER D 298 -26.83 -47.34 31.90
N CYS D 299 -25.90 -46.86 31.07
CA CYS D 299 -24.93 -47.75 30.46
C CYS D 299 -24.12 -48.49 31.51
N TYR D 300 -23.98 -47.88 32.70
CA TYR D 300 -23.25 -48.45 33.81
C TYR D 300 -23.92 -49.70 34.37
N GLN D 301 -25.22 -49.87 34.14
CA GLN D 301 -25.87 -51.14 34.48
C GLN D 301 -25.50 -52.25 33.51
N PHE D 302 -25.18 -51.90 32.26
CA PHE D 302 -24.95 -52.92 31.25
C PHE D 302 -23.48 -53.21 31.03
N VAL D 303 -22.62 -52.27 31.36
CA VAL D 303 -21.20 -52.52 31.22
C VAL D 303 -20.82 -53.63 32.17
N HIS D 304 -20.25 -54.69 31.62
CA HIS D 304 -19.70 -55.76 32.45
C HIS D 304 -18.78 -55.18 33.53
N GLY D 305 -18.81 -55.81 34.70
CA GLY D 305 -18.16 -55.23 35.87
C GLY D 305 -16.66 -55.02 35.71
N GLN D 306 -16.00 -55.84 34.90
CA GLN D 306 -14.58 -55.64 34.73
C GLN D 306 -14.27 -54.38 33.93
N ASP D 307 -15.27 -53.87 33.22
CA ASP D 307 -15.15 -52.67 32.41
C ASP D 307 -15.87 -51.48 33.02
N ALA D 308 -16.56 -51.67 34.14
CA ALA D 308 -17.21 -50.54 34.80
C ALA D 308 -16.24 -49.38 35.02
N THR D 309 -15.07 -49.67 35.58
CA THR D 309 -14.14 -48.57 35.90
C THR D 309 -13.56 -47.95 34.64
N ARG D 310 -13.27 -48.76 33.63
CA ARG D 310 -12.70 -48.25 32.39
C ARG D 310 -13.71 -47.36 31.66
N ILE D 311 -14.96 -47.80 31.57
CA ILE D 311 -15.99 -46.93 30.99
C ILE D 311 -16.10 -45.64 31.77
N ARG D 312 -16.06 -45.73 33.10
CA ARG D 312 -16.15 -44.52 33.92
C ARG D 312 -15.05 -43.54 33.57
N GLN D 313 -13.81 -44.02 33.51
CA GLN D 313 -12.70 -43.16 33.12
C GLN D 313 -12.96 -42.51 31.77
N SER D 314 -13.47 -43.30 30.82
CA SER D 314 -13.83 -42.73 29.51
C SER D 314 -14.88 -41.65 29.63
N HIS D 315 -15.86 -41.88 30.51
CA HIS D 315 -16.90 -40.91 30.75
C HIS D 315 -16.32 -39.62 31.33
N LEU D 316 -15.30 -39.73 32.18
CA LEU D 316 -14.64 -38.51 32.65
C LEU D 316 -14.00 -37.75 31.49
N ASP D 317 -13.19 -38.42 30.67
CA ASP D 317 -12.59 -37.66 29.55
C ASP D 317 -13.64 -37.19 28.56
N LEU D 318 -14.76 -37.89 28.45
CA LEU D 318 -15.85 -37.44 27.56
C LEU D 318 -16.41 -36.10 28.01
N LEU D 319 -16.64 -35.95 29.33
CA LEU D 319 -17.11 -34.66 29.84
C LEU D 319 -16.00 -33.61 29.78
N ASP D 320 -14.75 -34.03 29.87
CA ASP D 320 -13.66 -33.07 29.92
C ASP D 320 -13.41 -32.47 28.54
N LYS D 321 -13.40 -33.29 27.47
CA LYS D 321 -13.01 -32.80 26.16
C LYS D 321 -14.07 -32.88 25.07
N GLY D 322 -15.22 -33.51 25.30
CA GLY D 322 -16.33 -33.45 24.37
C GLY D 322 -16.45 -34.61 23.43
N GLN D 323 -15.37 -35.35 23.22
CA GLN D 323 -15.36 -36.53 22.37
C GLN D 323 -14.53 -37.59 23.06
N VAL D 324 -14.77 -38.87 22.77
CA VAL D 324 -13.92 -39.93 23.30
C VAL D 324 -14.11 -41.22 22.52
N VAL D 325 -13.12 -42.11 22.64
CA VAL D 325 -13.21 -43.48 22.15
C VAL D 325 -12.96 -44.41 23.33
N THR D 326 -13.88 -45.35 23.55
CA THR D 326 -13.67 -46.31 24.63
C THR D 326 -12.72 -47.42 24.20
N GLY D 327 -12.32 -48.24 25.15
CA GLY D 327 -11.59 -49.44 24.80
C GLY D 327 -12.58 -50.50 24.47
N TYR D 328 -12.08 -51.69 24.19
CA TYR D 328 -12.96 -52.84 24.01
C TYR D 328 -13.65 -53.15 25.33
N TYR D 329 -14.98 -53.08 25.37
CA TYR D 329 -15.69 -53.37 26.59
C TYR D 329 -16.82 -54.36 26.30
N ARG D 330 -17.39 -54.93 27.37
CA ARG D 330 -18.43 -55.94 27.26
C ARG D 330 -19.78 -55.33 27.63
N TRP D 331 -20.78 -55.58 26.80
CA TRP D 331 -22.14 -55.14 27.05
C TRP D 331 -23.02 -56.38 27.30
N LEU D 332 -23.67 -56.40 28.46
CA LEU D 332 -24.42 -57.56 28.91
C LEU D 332 -25.72 -57.72 28.11
N GLN D 333 -26.12 -58.97 27.88
CA GLN D 333 -27.34 -59.28 27.15
C GLN D 333 -28.49 -59.45 28.12
N ARG D 334 -29.62 -60.00 27.66
CA ARG D 334 -30.80 -60.14 28.51
C ARG D 334 -30.93 -61.53 29.12
N ALA D 335 -30.58 -62.57 28.37
CA ALA D 335 -30.53 -63.93 28.93
C ALA D 335 -29.29 -64.09 29.80
N GLY D 336 -28.12 -63.88 29.21
CA GLY D 336 -26.86 -63.98 29.90
C GLY D 336 -25.76 -63.46 29.00
N GLY D 337 -24.52 -63.64 29.43
CA GLY D 337 -23.40 -63.21 28.62
C GLY D 337 -23.41 -61.76 28.13
N PHE D 338 -22.66 -61.48 27.05
CA PHE D 338 -22.36 -60.13 26.60
C PHE D 338 -21.89 -60.14 25.14
N VAL D 339 -21.85 -58.95 24.54
CA VAL D 339 -21.23 -58.71 23.24
C VAL D 339 -20.20 -57.59 23.37
N TRP D 340 -19.11 -57.71 22.62
CA TRP D 340 -18.00 -56.78 22.69
C TRP D 340 -18.20 -55.56 21.79
N LEU D 341 -17.89 -54.39 22.32
CA LEU D 341 -18.07 -53.13 21.60
C LEU D 341 -16.87 -52.22 21.78
N GLN D 342 -16.64 -51.37 20.80
CA GLN D 342 -15.88 -50.16 21.00
C GLN D 342 -16.73 -48.98 20.57
N SER D 343 -16.70 -47.88 21.31
CA SER D 343 -17.65 -46.81 21.04
C SER D 343 -16.97 -45.45 21.00
N VAL D 344 -17.41 -44.63 20.04
CA VAL D 344 -16.99 -43.24 19.90
C VAL D 344 -18.16 -42.39 20.35
N ALA D 345 -17.90 -41.39 21.18
CA ALA D 345 -18.96 -40.64 21.83
C ALA D 345 -18.62 -39.16 21.79
N THR D 346 -19.60 -38.33 21.42
CA THR D 346 -19.42 -36.89 21.35
C THR D 346 -20.62 -36.21 22.00
N VAL D 347 -20.41 -35.00 22.51
CA VAL D 347 -21.48 -34.26 23.17
C VAL D 347 -22.02 -33.21 22.21
N ALA D 348 -23.33 -32.96 22.34
CA ALA D 348 -24.10 -32.05 21.50
C ALA D 348 -25.17 -31.27 22.30
N HIS D 357 -27.96 -30.43 26.35
CA HIS D 357 -26.78 -31.19 25.92
C HIS D 357 -26.98 -32.70 25.95
N HIS D 358 -26.55 -33.39 24.88
CA HIS D 358 -26.77 -34.82 24.76
C HIS D 358 -25.52 -35.47 24.17
N VAL D 359 -25.46 -36.79 24.25
CA VAL D 359 -24.27 -37.56 23.91
C VAL D 359 -24.64 -38.53 22.81
N LEU D 360 -23.87 -38.51 21.73
CA LEU D 360 -23.99 -39.51 20.68
C LEU D 360 -22.96 -40.59 20.92
N TRP D 361 -23.43 -41.83 20.92
CA TRP D 361 -22.66 -42.98 21.39
C TRP D 361 -22.75 -43.98 20.25
N VAL D 362 -21.77 -43.92 19.36
CA VAL D 362 -21.73 -44.74 18.17
C VAL D 362 -20.88 -45.96 18.48
N SER D 363 -21.48 -47.14 18.47
CA SER D 363 -20.82 -48.36 18.92
C SER D 363 -20.55 -49.31 17.77
N HIS D 364 -19.28 -49.50 17.45
CA HIS D 364 -18.89 -50.62 16.61
C HIS D 364 -19.05 -51.92 17.39
N VAL D 365 -19.84 -52.85 16.85
CA VAL D 365 -20.04 -54.17 17.44
C VAL D 365 -18.95 -55.12 16.98
N LEU D 366 -18.27 -55.75 17.95
CA LEU D 366 -17.07 -56.51 17.64
C LEU D 366 -17.23 -58.00 17.69
N SER D 367 -18.31 -58.52 18.27
CA SER D 367 -18.44 -59.96 18.33
C SER D 367 -19.90 -60.33 18.46
N ASN D 368 -20.16 -61.60 18.24
CA ASN D 368 -21.47 -62.13 18.58
C ASN D 368 -21.52 -62.31 20.10
N ALA D 369 -22.66 -62.74 20.63
CA ALA D 369 -22.71 -62.96 22.07
C ALA D 369 -21.81 -64.12 22.45
N GLU D 370 -21.16 -64.00 23.61
CA GLU D 370 -20.21 -64.99 24.11
C GLU D 370 -20.66 -65.42 25.49
N GLY D 371 -20.54 -66.72 25.77
CA GLY D 371 -20.96 -67.29 27.04
C GLY D 371 -22.33 -66.91 27.59
N SER D 372 -23.39 -66.97 26.79
CA SER D 372 -24.71 -66.52 27.23
C SER D 372 -25.40 -67.53 28.15
N GLN D 373 -24.79 -68.69 28.36
CA GLN D 373 -25.39 -69.77 29.15
C GLN D 373 -25.36 -69.46 30.64
N THR D 374 -24.45 -68.61 31.09
CA THR D 374 -24.33 -68.24 32.49
C THR D 374 -24.69 -66.78 32.64
N PRO D 375 -25.69 -66.44 33.45
CA PRO D 375 -25.94 -65.03 33.76
C PRO D 375 -24.94 -64.51 34.79
N LEU D 376 -24.82 -63.17 34.83
CA LEU D 376 -23.79 -62.49 35.62
C LEU D 376 -24.36 -61.34 36.43
N ASP D 377 -25.36 -60.63 35.91
CA ASP D 377 -25.98 -59.53 36.62
C ASP D 377 -27.36 -59.95 37.11
N ALA D 378 -27.94 -59.12 37.98
CA ALA D 378 -29.31 -59.34 38.44
C ALA D 378 -30.31 -59.31 37.29
N PHE D 379 -30.26 -58.26 36.45
CA PHE D 379 -31.25 -58.03 35.41
C PHE D 379 -31.35 -59.15 34.37
N GLN D 380 -30.44 -60.13 34.39
CA GLN D 380 -30.51 -61.31 33.52
C GLN D 380 -31.25 -62.49 34.17
N LEU D 381 -32.14 -62.20 35.13
CA LEU D 381 -32.93 -63.23 35.85
C LEU D 381 -34.40 -62.77 36.01
N GLU E 18 2.33 77.04 -45.29
CA GLU E 18 1.73 76.48 -44.09
C GLU E 18 1.28 74.99 -44.28
N ARG E 19 1.60 74.45 -45.48
CA ARG E 19 1.07 73.17 -45.97
C ARG E 19 1.68 71.94 -45.29
N ARG E 20 2.48 72.11 -44.24
CA ARG E 20 2.97 70.94 -43.51
C ARG E 20 1.86 70.29 -42.70
N ARG E 21 0.64 70.80 -42.81
CA ARG E 21 -0.51 70.23 -42.09
C ARG E 21 -1.24 69.22 -42.97
N ARG E 22 -1.99 69.70 -43.95
CA ARG E 22 -2.93 68.90 -44.76
C ARG E 22 -2.34 67.53 -45.12
N ASN E 23 -1.02 67.51 -45.39
CA ASN E 23 -0.31 66.31 -45.82
C ASN E 23 -0.14 65.30 -44.70
N LYS E 24 -0.10 65.75 -43.45
CA LYS E 24 -0.09 64.81 -42.33
C LYS E 24 -1.43 64.10 -42.21
N MET E 25 -2.52 64.86 -42.29
CA MET E 25 -3.84 64.29 -42.08
C MET E 25 -4.24 63.38 -43.23
N THR E 26 -3.87 63.71 -44.46
CA THR E 26 -4.20 62.82 -45.58
C THR E 26 -3.59 61.42 -45.38
N ALA E 27 -2.40 61.34 -44.78
CA ALA E 27 -1.84 60.06 -44.39
C ALA E 27 -2.56 59.46 -43.18
N TYR E 28 -3.07 60.33 -42.28
CA TYR E 28 -3.92 59.84 -41.20
C TYR E 28 -5.15 59.12 -41.76
N ILE E 29 -5.86 59.79 -42.68
CA ILE E 29 -7.07 59.23 -43.27
C ILE E 29 -6.75 57.94 -44.01
N THR E 30 -5.58 57.88 -44.66
CA THR E 30 -5.22 56.63 -45.33
C THR E 30 -5.01 55.50 -44.33
N GLU E 31 -4.35 55.79 -43.19
CA GLU E 31 -4.18 54.77 -42.15
C GLU E 31 -5.52 54.29 -41.62
N LEU E 32 -6.43 55.25 -41.39
CA LEU E 32 -7.78 54.94 -40.97
C LEU E 32 -8.48 54.06 -42.01
N SER E 33 -8.30 54.38 -43.30
CA SER E 33 -8.90 53.60 -44.38
C SER E 33 -8.42 52.16 -44.36
N ASP E 34 -7.15 51.93 -44.04
CA ASP E 34 -6.66 50.56 -43.94
C ASP E 34 -7.21 49.88 -42.70
N MET E 35 -7.34 50.62 -41.59
CA MET E 35 -7.81 49.99 -40.36
C MET E 35 -9.30 49.67 -40.36
N VAL E 36 -10.09 50.32 -41.21
CA VAL E 36 -11.51 49.99 -41.36
C VAL E 36 -11.63 48.87 -42.38
N PRO E 37 -12.25 47.74 -42.04
CA PRO E 37 -12.34 46.63 -43.00
C PRO E 37 -13.24 46.93 -44.21
N THR E 38 -14.50 47.34 -43.98
CA THR E 38 -15.42 47.68 -45.06
C THR E 38 -14.88 48.75 -45.99
N CYS E 39 -13.76 49.37 -45.64
CA CYS E 39 -13.24 50.56 -46.30
C CYS E 39 -11.89 50.34 -46.94
N SER E 40 -11.10 49.39 -46.45
CA SER E 40 -9.75 49.03 -46.91
C SER E 40 -9.76 47.98 -47.99
N ALA E 41 -10.66 47.00 -47.88
CA ALA E 41 -10.71 45.88 -48.80
C ALA E 41 -11.25 46.30 -50.15
N LEU E 42 -10.98 47.54 -50.55
CA LEU E 42 -11.42 48.07 -51.83
C LEU E 42 -10.19 48.32 -52.68
N ALA E 43 -10.31 48.07 -53.99
CA ALA E 43 -9.22 48.36 -54.92
C ALA E 43 -8.89 49.86 -54.96
N ARG E 44 -9.91 50.71 -54.93
CA ARG E 44 -9.70 52.14 -54.97
C ARG E 44 -9.92 52.71 -53.58
N LYS E 45 -9.02 53.59 -53.14
CA LYS E 45 -9.23 54.28 -51.87
C LYS E 45 -10.34 55.30 -52.04
N PRO E 46 -11.44 55.15 -51.32
CA PRO E 46 -12.61 55.98 -51.56
C PRO E 46 -12.46 57.41 -51.08
N ASP E 47 -13.60 58.10 -51.09
CA ASP E 47 -13.69 59.48 -50.68
C ASP E 47 -13.20 59.66 -49.25
N LYS E 48 -12.74 60.86 -48.91
CA LYS E 48 -12.43 61.14 -47.51
C LYS E 48 -13.67 61.00 -46.64
N LEU E 49 -14.75 61.73 -47.01
CA LEU E 49 -16.01 61.68 -46.29
C LEU E 49 -16.51 60.26 -46.15
N THR E 50 -16.28 59.44 -47.16
CA THR E 50 -16.74 58.07 -47.05
C THR E 50 -15.85 57.28 -46.10
N ILE E 51 -14.55 57.63 -46.04
CA ILE E 51 -13.65 56.97 -45.08
C ILE E 51 -14.13 57.25 -43.67
N LEU E 52 -14.45 58.52 -43.39
CA LEU E 52 -14.97 58.87 -42.08
C LEU E 52 -16.24 58.10 -41.80
N ARG E 53 -17.24 58.24 -42.66
CA ARG E 53 -18.53 57.58 -42.45
C ARG E 53 -18.37 56.09 -42.14
N MET E 54 -17.52 55.39 -42.91
CA MET E 54 -17.37 53.95 -42.68
C MET E 54 -16.65 53.65 -41.37
N ALA E 55 -15.61 54.44 -41.02
CA ALA E 55 -15.02 54.33 -39.69
C ALA E 55 -16.07 54.55 -38.59
N VAL E 56 -16.94 55.55 -38.78
CA VAL E 56 -17.98 55.85 -37.80
C VAL E 56 -18.86 54.63 -37.55
N SER E 57 -19.30 53.96 -38.63
CA SER E 57 -20.19 52.82 -38.41
C SER E 57 -19.41 51.63 -37.83
N HIS E 58 -18.17 51.43 -38.28
CA HIS E 58 -17.34 50.35 -37.77
C HIS E 58 -17.14 50.48 -36.26
N MET E 59 -16.83 51.69 -35.80
CA MET E 59 -16.66 51.91 -34.37
C MET E 59 -17.97 51.82 -33.64
N LYS E 60 -19.08 52.25 -34.27
CA LYS E 60 -20.38 52.09 -33.65
C LYS E 60 -20.68 50.61 -33.37
N SER E 61 -20.09 49.68 -34.12
CA SER E 61 -20.27 48.27 -33.81
C SER E 61 -19.23 47.70 -32.83
N LEU E 62 -18.50 48.53 -32.10
CA LEU E 62 -17.57 48.02 -31.09
C LEU E 62 -17.65 48.88 -29.82
N ARG E 63 -17.37 50.18 -29.99
CA ARG E 63 -17.40 51.28 -29.00
C ARG E 63 -16.40 51.10 -27.87
N SER E 73 -19.09 55.34 -11.77
CA SER E 73 -17.77 54.98 -11.25
C SER E 73 -16.61 55.62 -12.03
N TYR E 74 -15.39 55.10 -11.86
CA TYR E 74 -14.23 55.46 -12.68
C TYR E 74 -13.97 54.34 -13.68
N LYS E 75 -14.11 54.67 -14.97
CA LYS E 75 -13.84 53.70 -16.03
C LYS E 75 -12.69 54.17 -16.91
N PRO E 76 -11.51 53.53 -16.83
CA PRO E 76 -10.36 54.00 -17.60
C PRO E 76 -10.64 53.91 -19.09
N SER E 77 -9.80 54.60 -19.86
CA SER E 77 -10.03 54.85 -21.27
C SER E 77 -9.13 53.97 -22.11
N PHE E 78 -9.68 53.52 -23.24
CA PHE E 78 -9.03 52.69 -24.27
C PHE E 78 -9.02 51.20 -23.95
N LEU E 79 -8.83 50.84 -22.70
CA LEU E 79 -8.74 49.43 -22.32
C LEU E 79 -9.80 49.12 -21.28
N THR E 80 -10.51 48.01 -21.45
CA THR E 80 -11.44 47.62 -20.39
C THR E 80 -10.67 47.25 -19.14
N ASP E 81 -11.38 47.27 -18.01
CA ASP E 81 -10.76 46.92 -16.74
C ASP E 81 -10.12 45.52 -16.81
N GLN E 82 -10.80 44.60 -17.47
CA GLN E 82 -10.22 43.28 -17.72
C GLN E 82 -8.99 43.36 -18.64
N GLU E 83 -9.15 43.99 -19.80
CA GLU E 83 -8.01 44.20 -20.70
C GLU E 83 -6.81 44.77 -19.96
N LEU E 84 -7.05 45.73 -19.05
CA LEU E 84 -5.96 46.31 -18.29
C LEU E 84 -5.31 45.29 -17.36
N LYS E 85 -6.13 44.48 -16.68
CA LYS E 85 -5.63 43.39 -15.83
C LYS E 85 -4.67 42.49 -16.60
N HIS E 86 -5.03 42.14 -17.84
CA HIS E 86 -4.11 41.36 -18.66
C HIS E 86 -2.94 42.20 -19.13
N LEU E 87 -3.11 43.51 -19.28
CA LEU E 87 -1.97 44.34 -19.67
C LEU E 87 -0.88 44.31 -18.61
N ILE E 88 -1.22 44.62 -17.35
CA ILE E 88 -0.23 44.53 -16.27
C ILE E 88 0.27 43.10 -16.13
N LEU E 89 -0.59 42.11 -16.37
CA LEU E 89 -0.12 40.72 -16.37
C LEU E 89 1.02 40.54 -17.36
N GLU E 90 0.81 40.98 -18.62
CA GLU E 90 1.83 40.81 -19.67
C GLU E 90 3.08 41.61 -19.35
N ALA E 91 2.92 42.82 -18.83
CA ALA E 91 4.05 43.74 -18.76
C ALA E 91 4.94 43.49 -17.56
N ALA E 92 4.35 43.27 -16.37
CA ALA E 92 5.24 43.12 -15.23
C ALA E 92 4.76 42.12 -14.21
N ASP E 93 3.96 41.13 -14.64
CA ASP E 93 3.53 40.02 -13.78
C ASP E 93 3.02 40.58 -12.46
N GLY E 94 1.94 41.35 -12.56
CA GLY E 94 1.37 42.03 -11.43
C GLY E 94 -0.07 41.61 -11.24
N PHE E 95 -0.49 41.56 -10.00
CA PHE E 95 -1.86 41.23 -9.69
C PHE E 95 -2.38 42.22 -8.68
N LEU E 96 -3.68 42.48 -8.76
CA LEU E 96 -4.34 43.36 -7.81
C LEU E 96 -4.78 42.52 -6.62
N PHE E 97 -4.49 43.00 -5.42
CA PHE E 97 -5.01 42.37 -4.21
C PHE E 97 -5.36 43.45 -3.21
N ILE E 98 -6.29 43.15 -2.32
CA ILE E 98 -6.70 44.07 -1.26
C ILE E 98 -6.62 43.30 0.05
N VAL E 99 -6.03 43.93 1.07
CA VAL E 99 -5.87 43.34 2.40
C VAL E 99 -6.35 44.34 3.43
N SER E 100 -6.70 43.86 4.62
CA SER E 100 -7.12 44.74 5.70
C SER E 100 -5.91 45.21 6.49
N CYS E 101 -5.93 46.47 6.92
CA CYS E 101 -4.78 47.11 7.55
C CYS E 101 -4.53 46.68 8.98
N GLU E 102 -5.19 45.67 9.51
CA GLU E 102 -4.83 45.24 10.85
C GLU E 102 -4.56 43.75 10.82
N THR E 103 -5.62 42.97 10.64
CA THR E 103 -5.52 41.52 10.62
C THR E 103 -4.61 41.02 9.50
N GLY E 104 -4.57 41.74 8.38
CA GLY E 104 -3.91 41.28 7.18
C GLY E 104 -4.76 40.39 6.31
N ARG E 105 -6.07 40.35 6.56
CA ARG E 105 -6.97 39.43 5.85
C ARG E 105 -7.09 39.81 4.38
N VAL E 106 -6.71 38.90 3.48
CA VAL E 106 -6.91 39.15 2.06
C VAL E 106 -8.41 39.20 1.76
N VAL E 107 -8.93 40.40 1.49
CA VAL E 107 -10.32 40.62 1.11
C VAL E 107 -10.54 40.50 -0.39
N TYR E 108 -9.53 40.79 -1.22
CA TYR E 108 -9.71 40.58 -2.66
C TYR E 108 -8.42 40.06 -3.26
N VAL E 109 -8.53 39.19 -4.27
CA VAL E 109 -7.40 38.91 -5.18
C VAL E 109 -7.93 38.83 -6.60
N SER E 110 -7.16 39.37 -7.53
CA SER E 110 -7.40 39.11 -8.94
C SER E 110 -7.03 37.67 -9.26
N ASP E 111 -7.65 37.12 -10.29
CA ASP E 111 -7.28 35.77 -10.71
C ASP E 111 -5.87 35.76 -11.28
N SER E 112 -5.33 36.93 -11.62
CA SER E 112 -3.92 37.00 -11.97
C SER E 112 -3.01 36.55 -10.85
N VAL E 113 -3.55 36.32 -9.63
CA VAL E 113 -2.71 35.75 -8.58
C VAL E 113 -2.22 34.37 -8.99
N THR E 114 -2.98 33.71 -9.85
CA THR E 114 -2.62 32.35 -10.23
C THR E 114 -1.49 32.28 -11.26
N PRO E 115 -1.55 33.03 -12.38
CA PRO E 115 -0.40 32.99 -13.31
C PRO E 115 0.86 33.57 -12.69
N VAL E 116 0.72 34.49 -11.74
CA VAL E 116 1.90 35.17 -11.22
C VAL E 116 2.54 34.36 -10.11
N LEU E 117 1.73 33.87 -9.15
CA LEU E 117 2.27 33.19 -7.97
C LEU E 117 2.09 31.67 -7.97
N ASN E 118 1.35 31.12 -8.93
CA ASN E 118 1.02 29.69 -8.95
C ASN E 118 0.43 29.25 -7.63
N GLN E 119 -0.44 30.05 -7.09
CA GLN E 119 -1.42 30.03 -6.04
C GLN E 119 -2.82 29.93 -6.64
N PRO E 120 -3.68 29.05 -6.14
CA PRO E 120 -5.09 29.12 -6.51
C PRO E 120 -5.76 30.32 -5.86
N GLN E 121 -6.72 30.90 -6.57
CA GLN E 121 -7.38 32.08 -6.06
C GLN E 121 -7.94 31.87 -4.65
N SER E 122 -8.31 30.64 -4.33
CA SER E 122 -8.91 30.31 -3.03
C SER E 122 -7.90 30.40 -1.90
N GLU E 123 -6.67 29.95 -2.12
CA GLU E 123 -5.69 29.91 -1.04
C GLU E 123 -5.46 31.30 -0.47
N TRP E 124 -5.26 32.27 -1.35
CA TRP E 124 -5.08 33.67 -0.97
C TRP E 124 -6.36 34.26 -0.38
N PHE E 125 -7.50 33.92 -0.98
CA PHE E 125 -8.76 34.53 -0.57
C PHE E 125 -9.09 34.18 0.87
N GLY E 126 -9.34 35.21 1.68
CA GLY E 126 -9.66 35.02 3.08
C GLY E 126 -8.46 34.79 3.97
N SER E 127 -7.37 34.25 3.43
CA SER E 127 -6.16 34.04 4.22
C SER E 127 -5.52 35.37 4.58
N THR E 128 -4.49 35.30 5.39
CA THR E 128 -3.81 36.51 5.78
C THR E 128 -2.55 36.68 4.94
N LEU E 129 -2.15 37.95 4.75
CA LEU E 129 -0.95 38.22 3.99
C LEU E 129 0.28 37.70 4.72
N TYR E 130 0.33 37.86 6.05
CA TYR E 130 1.51 37.39 6.78
C TYR E 130 1.74 35.90 6.56
N ASP E 131 0.68 35.14 6.28
CA ASP E 131 0.81 33.74 5.95
C ASP E 131 1.40 33.53 4.57
N GLN E 132 1.29 34.52 3.69
CA GLN E 132 1.69 34.37 2.31
C GLN E 132 3.13 34.80 2.00
N VAL E 133 3.74 35.59 2.87
CA VAL E 133 5.07 36.12 2.64
C VAL E 133 6.07 35.22 3.36
N HIS E 134 7.35 35.48 3.16
CA HIS E 134 8.39 34.75 3.87
C HIS E 134 8.36 35.04 5.36
N PRO E 135 8.65 34.04 6.21
CA PRO E 135 8.69 34.27 7.66
C PRO E 135 9.49 35.49 8.10
N ASP E 136 10.64 35.79 7.47
CA ASP E 136 11.43 36.97 7.83
C ASP E 136 10.83 38.30 7.38
N ASP E 137 10.00 38.29 6.33
CA ASP E 137 9.50 39.54 5.77
C ASP E 137 8.24 40.04 6.47
N VAL E 138 7.82 39.39 7.55
CA VAL E 138 6.53 39.76 8.13
C VAL E 138 6.65 41.03 8.95
N ASP E 139 7.69 41.14 9.75
CA ASP E 139 7.87 42.34 10.56
C ASP E 139 7.86 43.59 9.67
N LYS E 140 8.64 43.60 8.58
CA LYS E 140 8.65 44.77 7.71
C LYS E 140 7.27 44.99 7.11
N LEU E 141 6.54 43.91 6.83
CA LEU E 141 5.15 44.02 6.36
C LEU E 141 4.22 44.46 7.48
N ARG E 142 4.47 43.97 8.71
CA ARG E 142 3.61 44.32 9.83
C ARG E 142 3.48 45.83 9.98
N GLU E 143 4.55 46.56 9.66
CA GLU E 143 4.59 48.00 9.84
C GLU E 143 3.92 48.77 8.70
N GLN E 144 3.67 48.13 7.57
CA GLN E 144 2.92 48.85 6.53
C GLN E 144 1.45 49.01 6.84
N LEU E 145 0.99 48.51 7.98
CA LEU E 145 -0.43 48.49 8.33
C LEU E 145 -0.61 48.94 9.79
N SER E 146 -0.96 50.23 10.00
CA SER E 146 -1.25 50.71 11.36
C SER E 146 -2.11 51.99 11.47
N MET E 175 -0.84 57.45 7.43
CA MET E 175 -1.94 56.50 7.67
C MET E 175 -3.30 57.21 7.59
N CYS E 176 -3.57 57.86 6.47
CA CYS E 176 -4.84 58.57 6.28
C CYS E 176 -5.67 57.87 5.21
N MET E 177 -6.39 58.64 4.37
CA MET E 177 -7.08 58.13 3.18
C MET E 177 -6.37 58.58 1.91
N GLY E 178 -6.32 57.71 0.91
CA GLY E 178 -5.47 57.93 -0.25
C GLY E 178 -3.97 57.97 0.05
N SER E 179 -3.59 57.68 1.31
CA SER E 179 -2.20 57.61 1.73
C SER E 179 -1.50 56.45 1.04
N ARG E 180 -0.20 56.63 0.77
CA ARG E 180 0.54 55.70 -0.08
C ARG E 180 1.31 54.64 0.73
N ARG E 181 1.58 53.52 0.05
CA ARG E 181 2.45 52.47 0.59
C ARG E 181 3.27 51.86 -0.54
N SER E 182 4.51 51.47 -0.21
CA SER E 182 5.32 50.67 -1.14
C SER E 182 6.28 49.84 -0.30
N PHE E 183 6.42 48.56 -0.64
CA PHE E 183 7.36 47.71 0.07
C PHE E 183 7.75 46.55 -0.82
N ILE E 184 8.98 46.06 -0.64
CA ILE E 184 9.43 44.87 -1.34
C ILE E 184 9.37 43.74 -0.34
N CYS E 185 8.78 42.61 -0.72
CA CYS E 185 8.84 41.46 0.16
C CYS E 185 8.57 40.20 -0.64
N ARG E 186 9.16 39.12 -0.19
CA ARG E 186 9.07 37.82 -0.82
C ARG E 186 7.71 37.19 -0.54
N MET E 187 7.32 36.29 -1.44
CA MET E 187 6.01 35.64 -1.37
C MET E 187 6.12 34.19 -1.81
N ARG E 188 5.35 33.32 -1.13
CA ARG E 188 5.38 31.87 -1.35
C ARG E 188 4.69 31.49 -2.65
N CYS E 189 5.32 30.57 -3.39
CA CYS E 189 4.86 30.12 -4.70
C CYS E 189 3.83 28.96 -4.62
N ARG E 210 8.79 30.63 -9.65
CA ARG E 210 10.13 30.10 -9.43
C ARG E 210 11.01 31.09 -8.67
N ASN E 211 11.66 30.61 -7.61
CA ASN E 211 12.48 31.42 -6.69
C ASN E 211 13.49 32.30 -7.44
N GLY E 212 13.68 33.52 -6.93
CA GLY E 212 14.58 34.46 -7.55
C GLY E 212 15.29 35.39 -6.57
N LEU E 213 15.52 34.95 -5.35
CA LEU E 213 16.37 35.71 -4.45
C LEU E 213 17.57 34.86 -4.01
N GLY E 214 17.99 33.95 -4.89
CA GLY E 214 19.09 33.05 -4.61
C GLY E 214 19.04 31.87 -5.55
N SER E 215 20.16 31.14 -5.59
CA SER E 215 20.32 29.96 -6.43
C SER E 215 19.47 28.80 -5.90
N VAL E 216 18.14 28.95 -5.98
CA VAL E 216 17.13 27.99 -5.50
C VAL E 216 17.40 27.43 -4.10
N GLY E 219 15.21 20.96 -2.60
CA GLY E 219 13.92 20.52 -2.12
C GLY E 219 13.23 21.49 -1.18
N GLU E 220 13.76 22.72 -1.11
CA GLU E 220 13.23 23.76 -0.22
C GLU E 220 12.07 24.48 -0.92
N PRO E 221 11.34 25.36 -0.23
CA PRO E 221 10.26 26.09 -0.90
C PRO E 221 10.77 27.30 -1.68
N HIS E 222 10.01 27.66 -2.72
CA HIS E 222 10.32 28.82 -3.56
C HIS E 222 9.69 30.09 -3.01
N PHE E 223 10.44 31.19 -3.08
CA PHE E 223 9.93 32.51 -2.70
C PHE E 223 10.36 33.50 -3.77
N VAL E 224 9.40 34.26 -4.34
CA VAL E 224 9.71 35.28 -5.35
C VAL E 224 9.60 36.68 -4.77
N VAL E 225 10.43 37.59 -5.29
CA VAL E 225 10.48 38.95 -4.77
C VAL E 225 9.33 39.76 -5.39
N VAL E 226 8.43 40.27 -4.55
CA VAL E 226 7.25 40.97 -5.04
C VAL E 226 7.26 42.40 -4.57
N HIS E 227 7.09 43.30 -5.54
CA HIS E 227 7.10 44.74 -5.34
C HIS E 227 5.65 45.22 -5.20
N CYS E 228 5.29 45.60 -4.00
CA CYS E 228 3.94 46.01 -3.69
C CYS E 228 3.86 47.53 -3.64
N THR E 229 2.97 48.09 -4.44
CA THR E 229 2.67 49.51 -4.35
C THR E 229 1.17 49.62 -4.21
N GLY E 230 0.70 50.54 -3.38
CA GLY E 230 -0.74 50.61 -3.18
C GLY E 230 -1.13 51.86 -2.41
N TYR E 231 -2.45 51.98 -2.19
CA TYR E 231 -3.02 53.10 -1.44
C TYR E 231 -3.99 52.60 -0.36
N ILE E 232 -4.29 53.48 0.62
CA ILE E 232 -5.18 53.16 1.73
C ILE E 232 -6.62 53.59 1.38
N LYS E 233 -7.61 52.79 1.77
CA LYS E 233 -8.99 53.09 1.38
C LYS E 233 -9.94 52.40 2.35
N ALA E 234 -10.60 53.18 3.21
CA ALA E 234 -11.53 52.60 4.17
C ALA E 234 -12.69 51.89 3.47
N TRP E 235 -13.42 51.08 4.24
CA TRP E 235 -14.66 50.45 3.76
C TRP E 235 -15.43 49.79 4.89
N PHE E 255 -10.55 50.66 7.01
CA PHE E 255 -9.19 50.88 6.48
C PHE E 255 -8.54 49.64 5.87
N CYS E 256 -8.11 49.75 4.62
CA CYS E 256 -7.45 48.62 3.97
C CYS E 256 -6.51 49.11 2.86
N LEU E 257 -5.64 48.21 2.42
CA LEU E 257 -4.61 48.49 1.42
C LEU E 257 -5.04 47.86 0.11
N VAL E 258 -5.20 48.70 -0.91
CA VAL E 258 -5.41 48.26 -2.29
C VAL E 258 -4.07 48.30 -2.98
N ALA E 259 -3.60 47.16 -3.50
CA ALA E 259 -2.20 47.07 -3.88
C ALA E 259 -2.01 46.25 -5.15
N ILE E 260 -0.97 46.58 -5.89
CA ILE E 260 -0.47 45.72 -6.94
C ILE E 260 0.79 45.10 -6.40
N GLY E 261 0.89 43.79 -6.51
CA GLY E 261 2.16 43.09 -6.35
C GLY E 261 2.65 42.74 -7.73
N ARG E 262 3.91 43.10 -8.01
CA ARG E 262 4.47 42.82 -9.34
C ARG E 262 5.86 42.20 -9.19
N LEU E 263 6.24 41.45 -10.22
CA LEU E 263 7.53 40.78 -10.28
C LEU E 263 8.50 41.63 -11.08
N GLN E 264 9.74 41.67 -10.64
CA GLN E 264 10.78 42.41 -11.36
C GLN E 264 11.86 41.40 -11.70
N VAL E 265 11.53 40.50 -12.63
CA VAL E 265 12.35 39.31 -12.89
C VAL E 265 13.74 39.71 -13.42
N THR E 266 13.77 40.76 -14.23
CA THR E 266 15.02 41.24 -14.80
C THR E 266 15.89 41.90 -13.72
N SER E 267 16.17 41.16 -12.65
CA SER E 267 16.98 41.67 -11.55
C SER E 267 17.74 40.57 -10.84
N SER E 268 17.08 39.43 -10.62
CA SER E 268 17.71 38.31 -9.93
C SER E 268 18.71 37.62 -10.83
N PRO E 269 19.81 37.11 -10.30
CA PRO E 269 20.78 36.47 -11.18
C PRO E 269 20.52 34.97 -11.34
N PRO E 280 27.27 23.25 -11.12
CA PRO E 280 28.47 23.44 -10.29
C PRO E 280 29.75 23.30 -11.12
N THR E 281 29.83 24.02 -12.25
CA THR E 281 30.83 23.74 -13.28
C THR E 281 32.00 24.71 -13.28
N GLU E 282 31.85 25.92 -12.73
CA GLU E 282 32.87 26.96 -12.72
C GLU E 282 32.69 27.80 -11.46
N PHE E 283 33.67 28.65 -11.17
CA PHE E 283 33.54 29.51 -10.00
C PHE E 283 34.32 30.80 -10.19
N ILE E 284 33.75 31.90 -9.67
CA ILE E 284 34.26 33.26 -9.79
C ILE E 284 35.28 33.52 -8.70
N SER E 285 36.24 34.38 -8.99
CA SER E 285 37.16 34.84 -7.95
C SER E 285 37.64 36.24 -8.29
N ARG E 286 38.16 36.91 -7.27
CA ARG E 286 38.76 38.22 -7.39
C ARG E 286 40.15 38.09 -6.81
N HIS E 287 41.11 38.80 -7.38
CA HIS E 287 42.49 38.74 -6.92
C HIS E 287 43.03 40.16 -6.90
N ASN E 288 44.13 40.36 -6.17
CA ASN E 288 44.88 41.60 -6.41
C ASN E 288 45.78 41.40 -7.64
N ILE E 289 46.51 42.47 -7.99
CA ILE E 289 47.32 42.47 -9.21
C ILE E 289 48.38 41.39 -9.17
N GLU E 290 48.79 40.95 -7.98
CA GLU E 290 49.77 39.91 -7.79
C GLU E 290 49.20 38.50 -7.84
N GLY E 291 47.89 38.34 -7.83
CA GLY E 291 47.30 37.02 -7.92
C GLY E 291 46.74 36.44 -6.63
N ILE E 292 46.71 37.22 -5.55
CA ILE E 292 46.25 36.71 -4.26
C ILE E 292 44.73 36.70 -4.26
N PHE E 293 44.15 35.51 -4.09
CA PHE E 293 42.73 35.32 -3.82
C PHE E 293 42.19 36.30 -2.76
N THR E 294 41.34 37.23 -3.20
CA THR E 294 40.60 38.14 -2.31
C THR E 294 39.09 37.91 -2.42
N PHE E 295 38.65 36.83 -3.05
CA PHE E 295 37.25 36.42 -3.01
C PHE E 295 37.14 35.09 -3.73
N VAL E 296 36.40 34.15 -3.16
CA VAL E 296 36.13 32.92 -3.88
C VAL E 296 34.66 32.58 -3.73
N ASP E 297 33.97 32.50 -4.85
CA ASP E 297 32.59 32.05 -4.88
C ASP E 297 32.54 30.63 -4.33
N HIS E 298 31.43 30.31 -3.65
CA HIS E 298 31.31 29.05 -2.92
C HIS E 298 31.35 27.82 -3.84
N ARG E 299 31.03 27.98 -5.12
CA ARG E 299 31.02 26.81 -6.01
C ARG E 299 32.36 26.11 -6.06
N CYS E 300 33.44 26.77 -5.62
CA CYS E 300 34.75 26.15 -5.64
C CYS E 300 34.76 24.87 -4.80
N VAL E 301 33.92 24.80 -3.76
CA VAL E 301 33.79 23.56 -3.00
C VAL E 301 33.60 22.38 -3.93
N ALA E 302 32.66 22.51 -4.86
CA ALA E 302 32.36 21.43 -5.79
C ALA E 302 33.28 21.38 -7.00
N THR E 303 34.07 22.42 -7.27
CA THR E 303 34.86 22.49 -8.50
C THR E 303 36.25 21.92 -8.34
N VAL E 304 36.98 22.40 -7.33
CA VAL E 304 38.35 21.99 -7.07
C VAL E 304 38.53 21.56 -5.62
N GLY E 305 37.43 21.22 -4.93
CA GLY E 305 37.51 20.57 -3.64
C GLY E 305 37.75 21.43 -2.41
N TYR E 306 38.22 22.67 -2.57
CA TYR E 306 38.55 23.52 -1.43
C TYR E 306 37.33 24.30 -0.91
N GLN E 307 37.37 24.63 0.40
CA GLN E 307 36.44 25.61 0.92
C GLN E 307 37.04 26.99 0.67
N PRO E 308 36.20 27.99 0.44
CA PRO E 308 36.71 29.33 0.07
C PRO E 308 37.88 29.84 0.90
N GLN E 309 37.88 29.66 2.22
CA GLN E 309 38.98 30.18 3.03
C GLN E 309 40.28 29.41 2.82
N GLU E 310 40.21 28.14 2.41
CA GLU E 310 41.44 27.43 2.09
C GLU E 310 42.07 27.95 0.80
N LEU E 311 41.35 28.77 0.04
CA LEU E 311 41.88 29.42 -1.15
C LEU E 311 42.26 30.89 -0.91
N LEU E 312 41.44 31.61 -0.12
CA LEU E 312 41.67 33.00 0.21
C LEU E 312 43.06 33.25 0.76
N GLY E 313 43.59 34.43 0.48
CA GLY E 313 44.88 34.82 1.00
C GLY E 313 46.08 34.20 0.32
N LYS E 314 45.91 33.06 -0.34
CA LYS E 314 47.00 32.45 -1.08
C LYS E 314 47.02 32.96 -2.51
N ASN E 315 48.16 32.81 -3.17
CA ASN E 315 48.24 33.23 -4.57
C ASN E 315 47.72 32.12 -5.48
N ILE E 316 47.21 32.50 -6.66
CA ILE E 316 46.62 31.48 -7.51
C ILE E 316 47.68 30.53 -8.03
N VAL E 317 48.89 31.04 -8.28
CA VAL E 317 50.00 30.25 -8.79
C VAL E 317 50.41 29.14 -7.82
N GLU E 318 50.13 29.29 -6.52
CA GLU E 318 50.42 28.21 -5.57
C GLU E 318 49.64 26.95 -5.87
N PHE E 319 48.54 27.05 -6.59
CA PHE E 319 47.76 25.89 -6.94
C PHE E 319 48.03 25.42 -8.37
N CYS E 320 49.03 25.97 -9.02
CA CYS E 320 49.24 25.72 -10.43
C CYS E 320 50.38 24.74 -10.60
N HIS E 321 50.13 23.68 -11.37
CA HIS E 321 51.16 22.70 -11.66
C HIS E 321 52.44 23.40 -12.11
N PRO E 322 53.61 22.96 -11.66
CA PRO E 322 54.80 23.82 -11.81
C PRO E 322 55.12 24.14 -13.26
N GLU E 323 54.90 23.19 -14.16
CA GLU E 323 55.19 23.42 -15.57
C GLU E 323 54.37 24.57 -16.13
N ASP E 324 53.19 24.85 -15.54
CA ASP E 324 52.31 25.91 -16.03
C ASP E 324 52.44 27.23 -15.26
N GLN E 325 53.14 27.24 -14.11
CA GLN E 325 53.09 28.43 -13.25
C GLN E 325 53.59 29.68 -13.98
N GLN E 326 54.68 29.56 -14.73
CA GLN E 326 55.19 30.71 -15.47
C GLN E 326 54.16 31.22 -16.48
N LEU E 327 53.40 30.33 -17.11
CA LEU E 327 52.35 30.84 -17.98
C LEU E 327 51.36 31.67 -17.16
N LEU E 328 50.94 31.14 -16.00
CA LEU E 328 49.88 31.80 -15.25
C LEU E 328 50.35 33.15 -14.73
N ARG E 329 51.55 33.18 -14.11
CA ARG E 329 52.15 34.44 -13.70
C ARG E 329 52.21 35.41 -14.85
N ASP E 330 52.51 34.92 -16.06
CA ASP E 330 52.54 35.82 -17.21
C ASP E 330 51.14 36.34 -17.52
N SER E 331 50.15 35.46 -17.61
CA SER E 331 48.82 35.91 -18.00
C SER E 331 48.28 36.93 -17.02
N PHE E 332 48.52 36.73 -15.72
CA PHE E 332 48.07 37.71 -14.75
C PHE E 332 48.70 39.07 -15.02
N GLN E 333 50.02 39.10 -15.19
CA GLN E 333 50.67 40.37 -15.46
C GLN E 333 50.15 41.01 -16.75
N GLN E 334 49.64 40.21 -17.67
CA GLN E 334 49.09 40.75 -18.91
C GLN E 334 47.69 41.33 -18.68
N VAL E 335 46.84 40.67 -17.88
CA VAL E 335 45.47 41.18 -17.75
C VAL E 335 45.47 42.56 -17.13
N VAL E 336 46.50 42.90 -16.37
CA VAL E 336 46.66 44.28 -15.90
C VAL E 336 46.85 45.22 -17.09
N LYS E 337 47.74 44.86 -18.01
CA LYS E 337 48.07 45.72 -19.14
C LYS E 337 46.97 45.75 -20.18
N LEU E 338 46.03 44.79 -20.15
CA LEU E 338 44.93 44.80 -21.11
C LEU E 338 43.87 45.84 -20.79
N LYS E 339 44.03 46.56 -19.67
CA LYS E 339 43.18 47.68 -19.24
C LYS E 339 41.67 47.39 -19.30
N GLY E 340 41.26 46.13 -19.14
CA GLY E 340 39.84 45.86 -19.15
C GLY E 340 39.44 44.65 -19.96
N GLN E 341 40.17 44.39 -21.05
CA GLN E 341 39.79 43.32 -21.95
C GLN E 341 40.07 41.97 -21.31
N VAL E 342 39.34 40.98 -21.70
CA VAL E 342 39.44 39.66 -21.09
C VAL E 342 40.53 38.85 -21.80
N LEU E 343 41.21 38.00 -21.01
CA LEU E 343 42.26 37.06 -21.45
C LEU E 343 42.06 35.74 -20.72
N SER E 344 42.03 34.62 -21.45
CA SER E 344 41.88 33.32 -20.81
C SER E 344 43.17 32.51 -20.96
N VAL E 345 43.39 31.58 -20.05
CA VAL E 345 44.57 30.75 -20.13
C VAL E 345 44.28 29.42 -19.46
N MET E 346 44.96 28.37 -19.94
CA MET E 346 44.78 27.01 -19.44
C MET E 346 45.98 26.62 -18.60
N PHE E 347 45.69 25.99 -17.46
CA PHE E 347 46.72 25.49 -16.58
C PHE E 347 46.14 24.31 -15.81
N ARG E 348 46.97 23.69 -14.99
CA ARG E 348 46.59 22.51 -14.22
C ARG E 348 46.48 22.92 -12.75
N PHE E 349 45.36 22.55 -12.13
CA PHE E 349 45.01 23.05 -10.79
C PHE E 349 44.97 21.87 -9.82
N ARG E 350 45.72 21.98 -8.72
CA ARG E 350 45.79 20.89 -7.74
C ARG E 350 44.58 20.99 -6.82
N SER E 351 43.65 20.05 -6.96
CA SER E 351 42.47 20.07 -6.09
C SER E 351 42.84 19.60 -4.69
N LYS E 352 41.84 19.58 -3.79
CA LYS E 352 42.12 19.09 -2.44
C LYS E 352 42.38 17.60 -2.51
N THR E 353 41.61 16.90 -3.33
CA THR E 353 42.03 15.59 -3.79
C THR E 353 43.30 15.77 -4.64
N ARG E 354 44.18 14.77 -4.63
CA ARG E 354 45.55 14.99 -5.09
C ARG E 354 45.64 15.43 -6.55
N GLU E 355 44.63 15.13 -7.38
CA GLU E 355 44.72 15.17 -8.84
C GLU E 355 44.88 16.59 -9.40
N TRP E 356 45.41 16.67 -10.61
CA TRP E 356 45.52 17.93 -11.34
C TRP E 356 44.33 18.02 -12.28
N LEU E 357 43.58 19.12 -12.21
CA LEU E 357 42.46 19.35 -13.10
C LEU E 357 42.82 20.38 -14.15
N TRP E 358 42.50 20.07 -15.42
CA TRP E 358 42.73 21.04 -16.49
C TRP E 358 41.71 22.15 -16.38
N MET E 359 42.18 23.38 -16.51
CA MET E 359 41.35 24.50 -16.13
C MET E 359 41.64 25.67 -17.06
N ARG E 360 40.58 26.21 -17.67
CA ARG E 360 40.63 27.39 -18.52
C ARG E 360 39.99 28.52 -17.72
N THR E 361 40.82 29.38 -17.15
CA THR E 361 40.31 30.54 -16.42
C THR E 361 40.46 31.76 -17.28
N SER E 362 39.35 32.47 -17.47
CA SER E 362 39.32 33.75 -18.15
C SER E 362 39.18 34.88 -17.13
N SER E 363 40.01 35.91 -17.28
CA SER E 363 40.03 36.99 -16.32
C SER E 363 40.22 38.31 -17.05
N PHE E 364 40.01 39.41 -16.31
CA PHE E 364 40.10 40.76 -16.82
C PHE E 364 40.23 41.70 -15.63
N THR E 365 40.57 42.95 -15.90
CA THR E 365 40.79 43.92 -14.82
C THR E 365 39.50 44.73 -14.59
N PHE E 366 39.05 44.79 -13.33
CA PHE E 366 37.76 45.42 -12.96
C PHE E 366 38.00 46.90 -12.64
N GLN E 367 37.68 47.78 -13.57
CA GLN E 367 38.05 49.18 -13.41
C GLN E 367 36.85 50.03 -12.98
N ASN E 368 37.02 50.74 -11.87
CA ASN E 368 35.98 51.59 -11.30
C ASN E 368 35.48 52.57 -12.35
N PRO E 369 34.19 52.55 -12.68
CA PRO E 369 33.69 53.34 -13.81
C PRO E 369 33.84 54.85 -13.66
N TYR E 370 34.26 55.35 -12.51
CA TYR E 370 34.50 56.78 -12.34
C TYR E 370 35.98 57.09 -12.26
N SER E 371 36.65 56.56 -11.23
CA SER E 371 38.06 56.81 -10.98
C SER E 371 39.00 56.02 -11.90
N ASP E 372 38.51 54.98 -12.58
CA ASP E 372 39.30 54.10 -13.44
C ASP E 372 40.33 53.30 -12.65
N GLU E 373 40.26 53.31 -11.33
CA GLU E 373 41.17 52.53 -10.51
C GLU E 373 40.83 51.05 -10.59
N ILE E 374 41.80 50.18 -10.32
CA ILE E 374 41.60 48.74 -10.36
C ILE E 374 41.03 48.30 -9.03
N GLU E 375 39.78 47.84 -9.02
CA GLU E 375 39.26 47.35 -7.75
C GLU E 375 39.83 45.95 -7.44
N TYR E 376 40.02 45.14 -8.46
CA TYR E 376 40.58 43.80 -8.34
C TYR E 376 40.54 43.13 -9.70
N ILE E 377 40.94 41.86 -9.78
CA ILE E 377 40.99 41.11 -11.03
C ILE E 377 39.98 39.98 -10.94
N ILE E 378 39.04 39.93 -11.87
CA ILE E 378 37.96 38.94 -11.85
C ILE E 378 38.33 37.76 -12.73
N CYS E 379 38.55 36.59 -12.13
CA CYS E 379 38.74 35.33 -12.83
C CYS E 379 37.46 34.51 -12.83
N THR E 380 37.18 33.83 -13.93
CA THR E 380 36.14 32.79 -13.98
C THR E 380 36.85 31.47 -14.26
N ASN E 381 37.10 30.71 -13.20
CA ASN E 381 37.90 29.49 -13.29
C ASN E 381 36.95 28.34 -13.58
N THR E 382 37.22 27.62 -14.66
CA THR E 382 36.29 26.62 -15.20
C THR E 382 36.98 25.28 -15.44
N ASN E 383 36.21 24.21 -15.26
CA ASN E 383 36.68 22.88 -15.59
C ASN E 383 36.42 22.58 -17.05
N VAL E 384 37.41 21.97 -17.71
CA VAL E 384 37.29 21.59 -19.11
C VAL E 384 36.85 20.13 -19.25
N ARG F 11 -16.14 75.33 -55.73
CA ARG F 11 -16.23 76.66 -55.12
C ARG F 11 -17.08 76.65 -53.84
N ASN F 12 -18.36 76.32 -54.04
CA ASN F 12 -19.41 76.44 -53.05
C ASN F 12 -19.88 75.07 -52.54
N ALA F 13 -19.80 74.04 -53.39
CA ALA F 13 -19.98 72.67 -52.94
C ALA F 13 -18.87 72.20 -52.04
N ALA F 14 -17.68 72.79 -52.15
CA ALA F 14 -16.61 72.43 -51.23
C ALA F 14 -16.98 72.72 -49.78
N ARG F 15 -17.66 73.85 -49.52
CA ARG F 15 -18.06 74.06 -48.15
C ARG F 15 -19.00 72.95 -47.68
N TRP F 16 -19.97 72.54 -48.52
CA TRP F 16 -20.93 71.53 -48.08
C TRP F 16 -20.24 70.20 -47.79
N ARG F 17 -19.27 69.83 -48.64
CA ARG F 17 -18.42 68.67 -48.39
C ARG F 17 -17.70 68.80 -47.03
N ARG F 18 -17.06 69.94 -46.79
CA ARG F 18 -16.37 70.14 -45.52
C ARG F 18 -17.31 70.06 -44.34
N GLY F 19 -18.55 70.51 -44.50
CA GLY F 19 -19.53 70.38 -43.44
C GLY F 19 -19.87 68.94 -43.12
N LYS F 20 -20.16 68.14 -44.15
CA LYS F 20 -20.46 66.74 -43.86
C LYS F 20 -19.29 66.02 -43.22
N GLU F 21 -18.07 66.27 -43.70
CA GLU F 21 -16.92 65.63 -43.08
C GLU F 21 -16.70 66.11 -41.63
N ASN F 22 -16.81 67.42 -41.37
CA ASN F 22 -16.71 67.89 -39.97
C ASN F 22 -17.72 67.14 -39.11
N LEU F 23 -19.00 67.19 -39.48
CA LEU F 23 -20.04 66.41 -38.80
C LEU F 23 -19.60 64.98 -38.50
N GLU F 24 -19.03 64.28 -39.49
CA GLU F 24 -18.55 62.94 -39.21
C GLU F 24 -17.39 62.97 -38.22
N PHE F 25 -16.52 63.98 -38.29
CA PHE F 25 -15.42 64.09 -37.33
C PHE F 25 -15.96 64.16 -35.92
N PHE F 26 -16.95 65.03 -35.70
CA PHE F 26 -17.63 65.10 -34.43
C PHE F 26 -18.08 63.71 -34.00
N GLU F 27 -18.85 63.03 -34.85
CA GLU F 27 -19.31 61.67 -34.52
C GLU F 27 -18.15 60.80 -34.06
N LEU F 28 -17.08 60.81 -34.84
CA LEU F 28 -15.93 59.98 -34.55
C LEU F 28 -15.34 60.33 -33.18
N ALA F 29 -15.40 61.61 -32.80
CA ALA F 29 -14.94 62.03 -31.47
C ALA F 29 -15.80 61.42 -30.37
N LYS F 30 -17.14 61.50 -30.50
CA LYS F 30 -18.01 60.87 -29.52
C LYS F 30 -17.67 59.41 -29.34
N LEU F 31 -17.33 58.70 -30.44
CA LEU F 31 -17.16 57.26 -30.33
C LEU F 31 -15.81 56.85 -29.76
N LEU F 32 -14.91 57.77 -29.50
CA LEU F 32 -13.67 57.37 -28.87
C LEU F 32 -13.93 56.84 -27.46
N PRO F 33 -13.22 55.89 -27.03
CA PRO F 33 -13.33 55.44 -25.63
C PRO F 33 -12.64 56.40 -24.66
N LEU F 34 -13.06 57.65 -24.69
CA LEU F 34 -12.55 58.71 -23.84
C LEU F 34 -13.72 59.35 -23.10
N PRO F 35 -13.45 60.02 -21.99
CA PRO F 35 -14.52 60.78 -21.34
C PRO F 35 -15.05 61.84 -22.27
N GLY F 36 -16.35 62.14 -22.14
CA GLY F 36 -16.95 63.18 -22.96
C GLY F 36 -16.14 64.46 -22.96
N ALA F 37 -15.65 64.85 -21.78
CA ALA F 37 -14.97 66.13 -21.60
C ALA F 37 -13.62 66.20 -22.31
N ILE F 38 -12.95 65.06 -22.52
CA ILE F 38 -11.71 65.05 -23.27
C ILE F 38 -11.98 65.10 -24.77
N SER F 39 -12.81 64.18 -25.25
CA SER F 39 -13.10 64.04 -26.67
C SER F 39 -13.73 65.31 -27.25
N SER F 40 -14.65 65.95 -26.53
CA SER F 40 -15.32 67.12 -27.09
C SER F 40 -14.39 68.29 -27.35
N GLN F 41 -13.19 68.29 -26.78
CA GLN F 41 -12.22 69.36 -27.01
C GLN F 41 -11.02 68.92 -27.85
N LEU F 42 -11.14 67.85 -28.63
CA LEU F 42 -10.08 67.43 -29.52
C LEU F 42 -10.13 68.26 -30.81
N ASP F 43 -8.99 68.29 -31.53
CA ASP F 43 -8.88 68.81 -32.90
C ASP F 43 -9.00 67.66 -33.91
N LYS F 44 -9.23 68.02 -35.19
CA LYS F 44 -9.40 66.98 -36.22
C LYS F 44 -8.22 66.04 -36.28
N ALA F 45 -7.01 66.60 -36.45
CA ALA F 45 -5.80 65.79 -36.55
C ALA F 45 -5.77 64.72 -35.46
N SER F 46 -6.02 65.13 -34.24
CA SER F 46 -5.92 64.17 -33.14
C SER F 46 -7.10 63.21 -33.07
N ILE F 47 -8.29 63.58 -33.57
CA ILE F 47 -9.40 62.60 -33.60
C ILE F 47 -9.08 61.46 -34.54
N VAL F 48 -8.53 61.77 -35.72
CA VAL F 48 -8.20 60.66 -36.61
C VAL F 48 -7.00 59.89 -36.05
N ARG F 49 -6.03 60.61 -35.45
CA ARG F 49 -4.89 59.89 -34.88
C ARG F 49 -5.37 58.89 -33.83
N LEU F 50 -6.22 59.34 -32.92
CA LEU F 50 -6.72 58.42 -31.90
C LEU F 50 -7.55 57.29 -32.48
N SER F 51 -8.44 57.58 -33.45
CA SER F 51 -9.27 56.51 -34.00
C SER F 51 -8.44 55.40 -34.62
N VAL F 52 -7.44 55.78 -35.42
CA VAL F 52 -6.50 54.81 -35.99
C VAL F 52 -5.83 54.04 -34.87
N THR F 53 -5.20 54.76 -33.94
CA THR F 53 -4.42 54.13 -32.87
C THR F 53 -5.25 53.22 -32.00
N TYR F 54 -6.52 53.56 -31.76
CA TYR F 54 -7.39 52.66 -30.98
C TYR F 54 -7.71 51.39 -31.75
N LEU F 55 -7.94 51.48 -33.08
CA LEU F 55 -8.13 50.25 -33.87
C LEU F 55 -6.87 49.37 -33.86
N ARG F 56 -5.71 49.99 -34.12
CA ARG F 56 -4.43 49.29 -33.98
C ARG F 56 -4.32 48.66 -32.61
N LEU F 57 -4.75 49.37 -31.57
CA LEU F 57 -4.69 48.85 -30.21
C LEU F 57 -5.53 47.61 -30.06
N ARG F 58 -6.77 47.67 -30.54
CA ARG F 58 -7.63 46.50 -30.53
C ARG F 58 -6.91 45.29 -31.10
N ARG F 59 -6.40 45.40 -32.34
CA ARG F 59 -5.76 44.23 -32.95
C ARG F 59 -4.57 43.79 -32.14
N PHE F 60 -3.81 44.74 -31.58
CA PHE F 60 -2.64 44.42 -30.76
C PHE F 60 -3.04 43.68 -29.48
N ALA F 61 -4.21 43.98 -28.93
CA ALA F 61 -4.65 43.27 -27.76
C ALA F 61 -5.08 41.86 -28.12
N ALA F 62 -5.59 41.69 -29.34
CA ALA F 62 -5.94 40.34 -29.79
C ALA F 62 -4.71 39.45 -29.87
N LEU F 63 -3.66 39.92 -30.53
CA LEU F 63 -2.39 39.21 -30.58
C LEU F 63 -1.85 39.05 -29.16
N GLY F 64 -0.75 38.30 -29.03
CA GLY F 64 -0.20 38.10 -27.71
C GLY F 64 -1.06 37.23 -26.82
N ALA F 65 -0.41 36.32 -26.08
CA ALA F 65 -1.11 35.27 -25.36
C ALA F 65 -1.07 35.49 -23.85
N PRO F 66 -2.25 35.53 -23.20
CA PRO F 66 -3.55 35.38 -23.86
C PRO F 66 -4.03 36.67 -24.51
N PRO F 67 -5.05 36.58 -25.36
CA PRO F 67 -5.79 37.79 -25.75
C PRO F 67 -6.41 38.47 -24.53
N TRP F 68 -6.32 39.79 -24.50
CA TRP F 68 -6.79 40.57 -23.35
C TRP F 68 -8.32 40.51 -23.29
N GLY F 69 -8.85 39.82 -22.28
CA GLY F 69 -10.29 39.53 -22.17
C GLY F 69 -10.75 38.26 -22.87
N SER F 91 -17.04 42.26 -1.70
CA SER F 91 -16.67 41.22 -2.68
C SER F 91 -17.03 41.63 -4.10
N GLU F 92 -18.17 42.29 -4.25
CA GLU F 92 -18.69 42.54 -5.58
C GLU F 92 -18.18 43.84 -6.17
N VAL F 93 -18.39 44.95 -5.45
CA VAL F 93 -18.05 46.27 -6.00
C VAL F 93 -16.56 46.37 -6.30
N PHE F 94 -15.71 45.65 -5.54
CA PHE F 94 -14.26 45.71 -5.77
C PHE F 94 -13.87 45.11 -7.11
N GLU F 95 -14.73 44.29 -7.70
CA GLU F 95 -14.42 43.65 -8.98
C GLU F 95 -14.88 44.46 -10.17
N GLN F 96 -15.86 45.36 -9.99
CA GLN F 96 -16.41 46.10 -11.12
C GLN F 96 -15.42 47.12 -11.67
N HIS F 97 -14.82 47.93 -10.80
CA HIS F 97 -13.83 48.94 -11.22
C HIS F 97 -12.40 48.48 -10.96
N LEU F 98 -12.09 47.29 -11.49
CA LEU F 98 -10.75 46.71 -11.39
C LEU F 98 -9.71 47.63 -12.02
N GLY F 99 -10.01 48.21 -13.18
CA GLY F 99 -9.04 49.08 -13.83
C GLY F 99 -8.74 50.33 -13.03
N GLY F 100 -9.75 50.90 -12.37
CA GLY F 100 -9.48 52.06 -11.54
C GLY F 100 -8.47 51.76 -10.45
N HIS F 101 -8.69 50.65 -9.74
CA HIS F 101 -7.75 50.24 -8.70
C HIS F 101 -6.38 49.95 -9.29
N ILE F 102 -6.33 49.29 -10.44
CA ILE F 102 -5.06 48.94 -11.06
C ILE F 102 -4.24 50.20 -11.32
N LEU F 103 -4.81 51.14 -12.08
CA LEU F 103 -4.05 52.32 -12.45
C LEU F 103 -3.67 53.13 -11.24
N GLN F 104 -4.60 53.29 -10.30
CA GLN F 104 -4.31 54.12 -9.15
C GLN F 104 -3.37 53.43 -8.17
N SER F 105 -3.11 52.13 -8.33
CA SER F 105 -2.21 51.43 -7.42
C SER F 105 -0.75 51.42 -7.85
N LEU F 106 -0.46 51.64 -9.12
CA LEU F 106 0.92 51.68 -9.56
C LEU F 106 1.59 52.99 -9.19
N ASP F 107 2.88 52.92 -8.90
CA ASP F 107 3.65 54.14 -8.73
C ASP F 107 4.30 54.57 -10.04
N GLY F 108 3.69 54.19 -11.15
CA GLY F 108 4.14 54.57 -12.46
C GLY F 108 3.03 54.38 -13.46
N PHE F 109 3.39 54.49 -14.74
CA PHE F 109 2.40 54.40 -15.79
C PHE F 109 2.63 53.15 -16.62
N VAL F 110 1.58 52.72 -17.29
CA VAL F 110 1.60 51.50 -18.07
C VAL F 110 1.49 51.91 -19.51
N PHE F 111 2.30 51.29 -20.37
CA PHE F 111 2.22 51.62 -21.76
C PHE F 111 2.57 50.40 -22.57
N ALA F 112 2.12 50.43 -23.82
CA ALA F 112 2.43 49.40 -24.81
C ALA F 112 2.75 50.09 -26.13
N LEU F 113 3.96 49.87 -26.63
CA LEU F 113 4.45 50.32 -27.93
C LEU F 113 4.29 49.23 -28.99
N ASN F 114 4.12 49.65 -30.25
CA ASN F 114 4.14 48.72 -31.38
C ASN F 114 5.56 48.62 -31.94
N GLN F 115 5.73 47.77 -32.96
CA GLN F 115 7.05 47.49 -33.51
C GLN F 115 7.77 48.77 -33.92
N GLU F 116 7.03 49.74 -34.45
CA GLU F 116 7.65 50.98 -34.93
C GLU F 116 8.18 51.82 -33.78
N GLY F 117 7.40 51.92 -32.72
CA GLY F 117 7.74 52.79 -31.61
C GLY F 117 6.62 53.76 -31.31
N LYS F 118 5.48 53.63 -31.99
CA LYS F 118 4.31 54.43 -31.63
C LYS F 118 3.64 53.89 -30.36
N PHE F 119 3.20 54.81 -29.50
CA PHE F 119 2.36 54.45 -28.36
C PHE F 119 1.01 53.92 -28.86
N LEU F 120 0.75 52.64 -28.66
CA LEU F 120 -0.62 52.18 -28.82
C LEU F 120 -1.42 52.32 -27.52
N TYR F 121 -0.77 52.30 -26.37
CA TYR F 121 -1.48 52.60 -25.14
C TYR F 121 -0.53 53.32 -24.20
N ILE F 122 -1.02 54.35 -23.55
CA ILE F 122 -0.35 54.86 -22.37
C ILE F 122 -1.43 55.31 -21.38
N SER F 123 -1.30 54.84 -20.15
CA SER F 123 -2.30 55.08 -19.12
C SER F 123 -2.33 56.54 -18.74
N GLU F 124 -3.53 57.08 -18.58
CA GLU F 124 -3.79 58.47 -18.23
C GLU F 124 -2.84 58.97 -17.13
N THR F 125 -2.47 58.07 -16.22
CA THR F 125 -1.58 58.41 -15.10
C THR F 125 -0.18 58.84 -15.54
N VAL F 126 0.18 58.77 -16.82
CA VAL F 126 1.45 59.36 -17.23
C VAL F 126 1.47 60.82 -16.86
N SER F 127 0.32 61.48 -16.92
CA SER F 127 0.27 62.90 -16.59
C SER F 127 0.81 63.18 -15.19
N ILE F 128 0.58 62.25 -14.25
CA ILE F 128 1.04 62.44 -12.88
C ILE F 128 2.55 62.63 -12.82
N TYR F 129 3.30 61.89 -13.68
CA TYR F 129 4.74 61.71 -13.57
C TYR F 129 5.57 62.46 -14.59
N LEU F 130 5.15 62.50 -15.85
CA LEU F 130 5.86 63.27 -16.85
C LEU F 130 5.06 64.48 -17.26
N GLY F 131 3.83 64.61 -16.78
CA GLY F 131 3.03 65.75 -17.16
C GLY F 131 2.61 65.83 -18.61
N LEU F 132 2.87 64.80 -19.41
CA LEU F 132 2.39 64.71 -20.79
C LEU F 132 0.98 64.14 -20.84
N SER F 133 0.23 64.51 -21.88
CA SER F 133 -1.16 64.07 -21.94
C SER F 133 -1.25 62.67 -22.49
N GLN F 134 -2.14 61.86 -21.92
CA GLN F 134 -2.43 60.60 -22.58
C GLN F 134 -2.86 60.84 -24.03
N VAL F 135 -3.60 61.92 -24.25
CA VAL F 135 -4.14 62.18 -25.57
C VAL F 135 -3.07 62.69 -26.50
N GLU F 136 -2.05 63.35 -25.95
CA GLU F 136 -0.97 63.86 -26.77
C GLU F 136 -0.07 62.76 -27.30
N LEU F 137 0.28 61.78 -26.46
CA LEU F 137 1.23 60.72 -26.82
C LEU F 137 0.61 59.59 -27.64
N THR F 138 -0.63 59.22 -27.35
CA THR F 138 -1.23 58.05 -27.97
C THR F 138 -1.19 58.17 -29.49
N GLY F 139 -0.55 57.21 -30.15
CA GLY F 139 -0.40 57.23 -31.58
C GLY F 139 0.86 57.85 -32.09
N SER F 140 1.59 58.58 -31.26
CA SER F 140 2.84 59.23 -31.65
C SER F 140 4.01 58.32 -31.36
N SER F 141 5.14 58.58 -32.01
CA SER F 141 6.32 57.76 -31.80
C SER F 141 7.02 58.10 -30.50
N VAL F 142 7.47 57.07 -29.78
CA VAL F 142 8.13 57.25 -28.48
C VAL F 142 9.35 58.15 -28.61
N PHE F 143 10.00 58.13 -29.76
CA PHE F 143 11.22 58.88 -29.91
C PHE F 143 11.00 60.39 -29.85
N ASP F 144 9.80 60.89 -30.15
CA ASP F 144 9.50 62.31 -29.96
C ASP F 144 9.49 62.72 -28.51
N TYR F 145 9.63 61.77 -27.56
CA TYR F 145 9.59 62.07 -26.13
C TYR F 145 10.79 61.52 -25.36
N ILE F 146 11.74 60.89 -26.06
CA ILE F 146 13.02 60.43 -25.56
C ILE F 146 14.07 61.51 -25.79
N HIS F 147 14.91 61.71 -24.78
CA HIS F 147 16.16 62.43 -24.95
C HIS F 147 16.96 61.83 -26.13
N PRO F 148 17.52 62.66 -26.99
CA PRO F 148 18.22 62.11 -28.17
C PRO F 148 19.41 61.21 -27.82
N GLY F 149 20.14 61.53 -26.75
CA GLY F 149 21.30 60.73 -26.41
C GLY F 149 20.95 59.27 -26.12
N ASP F 150 19.74 59.02 -25.64
CA ASP F 150 19.27 57.66 -25.44
C ASP F 150 18.57 57.03 -26.64
N HIS F 151 18.32 57.77 -27.71
CA HIS F 151 17.54 57.21 -28.82
C HIS F 151 18.13 55.89 -29.29
N SER F 152 19.44 55.89 -29.54
CA SER F 152 20.14 54.70 -29.98
C SER F 152 19.84 53.52 -29.07
N GLU F 153 20.10 53.67 -27.77
CA GLU F 153 19.90 52.56 -26.86
C GLU F 153 18.46 52.09 -26.87
N VAL F 154 17.51 53.03 -26.94
CA VAL F 154 16.10 52.64 -26.93
C VAL F 154 15.82 51.68 -28.08
N LEU F 155 16.30 52.05 -29.28
CA LEU F 155 16.12 51.22 -30.46
C LEU F 155 16.58 49.78 -30.20
N GLU F 156 17.77 49.63 -29.59
CA GLU F 156 18.32 48.28 -29.45
C GLU F 156 17.44 47.40 -28.59
N GLN F 157 16.77 47.99 -27.59
CA GLN F 157 15.89 47.20 -26.74
C GLN F 157 14.67 46.73 -27.50
N LEU F 158 14.22 47.50 -28.51
CA LEU F 158 13.04 47.15 -29.27
C LEU F 158 13.34 46.29 -30.49
N GLY F 159 14.58 46.24 -30.95
CA GLY F 159 14.92 45.49 -32.16
C GLY F 159 14.75 46.23 -33.47
N LEU F 160 15.51 47.32 -33.64
CA LEU F 160 15.47 48.21 -34.81
C LEU F 160 16.88 48.73 -35.11
N GLN F 204 13.74 37.49 -23.45
CA GLN F 204 13.24 38.66 -24.17
C GLN F 204 12.60 39.78 -23.30
N GLU F 205 12.61 39.61 -21.97
CA GLU F 205 12.22 40.71 -21.08
C GLU F 205 13.16 41.89 -21.29
N ARG F 206 12.63 43.09 -21.11
CA ARG F 206 13.46 44.29 -21.24
C ARG F 206 13.37 45.08 -19.94
N SER F 207 14.47 45.76 -19.62
CA SER F 207 14.53 46.58 -18.41
C SER F 207 15.71 47.54 -18.61
N PHE F 208 15.39 48.79 -18.97
CA PHE F 208 16.39 49.80 -19.30
C PHE F 208 15.96 51.12 -18.69
N PHE F 209 16.90 52.07 -18.61
CA PHE F 209 16.61 53.40 -18.11
C PHE F 209 16.72 54.41 -19.24
N VAL F 210 15.78 55.34 -19.30
CA VAL F 210 15.77 56.29 -20.40
C VAL F 210 15.17 57.61 -19.93
N ARG F 211 15.64 58.72 -20.50
CA ARG F 211 15.18 60.05 -20.16
C ARG F 211 14.04 60.49 -21.07
N MET F 212 12.91 60.89 -20.45
CA MET F 212 11.69 61.26 -21.17
C MET F 212 11.28 62.71 -20.87
N LYS F 213 10.54 63.30 -21.79
CA LYS F 213 10.16 64.70 -21.65
C LYS F 213 9.19 64.86 -20.48
N SER F 214 9.53 65.74 -19.55
CA SER F 214 8.66 66.03 -18.42
C SER F 214 8.24 67.49 -18.49
N THR F 215 7.02 67.78 -18.06
CA THR F 215 6.62 69.18 -18.02
C THR F 215 6.30 69.50 -16.56
N LEU F 216 7.26 69.18 -15.69
CA LEU F 216 7.05 69.24 -14.25
C LEU F 216 8.14 70.08 -13.59
N SER F 226 17.64 69.56 -19.97
CA SER F 226 16.83 70.22 -18.94
C SER F 226 15.57 69.42 -18.52
N GLY F 227 14.50 69.59 -19.30
CA GLY F 227 13.16 69.05 -19.10
C GLY F 227 12.98 67.57 -19.38
N TYR F 228 13.80 66.74 -18.73
CA TYR F 228 13.78 65.30 -18.87
C TYR F 228 13.68 64.61 -17.50
N LYS F 229 13.25 63.35 -17.50
CA LYS F 229 13.20 62.54 -16.28
C LYS F 229 13.66 61.13 -16.60
N VAL F 230 14.41 60.53 -15.68
CA VAL F 230 14.83 59.15 -15.88
C VAL F 230 13.69 58.22 -15.51
N ILE F 231 13.34 57.35 -16.45
CA ILE F 231 12.24 56.42 -16.35
C ILE F 231 12.87 55.04 -16.37
N HIS F 232 12.58 54.25 -15.35
CA HIS F 232 12.91 52.83 -15.40
C HIS F 232 11.79 52.14 -16.17
N VAL F 233 12.11 51.59 -17.35
CA VAL F 233 11.15 50.80 -18.11
C VAL F 233 11.46 49.34 -17.85
N THR F 234 10.42 48.59 -17.48
CA THR F 234 10.51 47.15 -17.27
C THR F 234 9.30 46.53 -17.95
N GLY F 235 9.55 45.57 -18.84
CA GLY F 235 8.47 44.97 -19.58
C GLY F 235 8.94 43.82 -20.44
N ARG F 236 8.27 43.59 -21.58
CA ARG F 236 8.56 42.45 -22.44
C ARG F 236 8.44 42.83 -23.90
N LEU F 237 9.19 42.13 -24.74
CA LEU F 237 9.20 42.29 -26.19
C LEU F 237 8.45 41.12 -26.81
N ARG F 238 7.78 41.33 -27.93
CA ARG F 238 6.90 40.29 -28.45
C ARG F 238 7.48 39.41 -29.56
N ALA F 239 8.70 39.66 -30.03
CA ALA F 239 9.25 38.99 -31.21
C ALA F 239 8.44 39.33 -32.46
N LEU F 242 6.31 41.72 -33.24
CA LEU F 242 7.05 42.66 -32.38
C LEU F 242 6.14 43.58 -31.51
N GLY F 243 6.75 44.55 -30.83
CA GLY F 243 6.03 45.42 -29.90
C GLY F 243 6.46 45.21 -28.45
N LEU F 244 6.58 46.32 -27.71
CA LEU F 244 6.98 46.33 -26.29
C LEU F 244 5.81 46.59 -25.36
N VAL F 245 5.72 45.85 -24.26
CA VAL F 245 4.66 46.08 -23.28
C VAL F 245 5.29 46.22 -21.90
N ALA F 246 5.12 47.36 -21.26
CA ALA F 246 5.98 47.65 -20.11
C ALA F 246 5.39 48.67 -19.15
N LEU F 247 6.09 48.80 -18.03
CA LEU F 247 5.84 49.76 -16.99
C LEU F 247 6.97 50.77 -16.97
N GLY F 248 6.62 52.04 -16.89
CA GLY F 248 7.59 53.08 -16.67
C GLY F 248 7.41 53.62 -15.27
N HIS F 249 8.52 53.74 -14.56
CA HIS F 249 8.54 54.22 -13.19
C HIS F 249 9.50 55.39 -13.09
N THR F 250 9.04 56.47 -12.46
CA THR F 250 9.94 57.57 -12.20
C THR F 250 10.94 57.18 -11.11
N LEU F 251 12.05 57.90 -11.09
CA LEU F 251 13.12 57.64 -10.15
C LEU F 251 13.34 58.85 -9.19
N PRO F 252 13.28 58.60 -7.87
CA PRO F 252 12.99 57.28 -7.30
C PRO F 252 11.51 57.05 -6.97
N LEU F 259 11.86 62.33 0.10
CA LEU F 259 12.75 61.45 0.89
C LEU F 259 11.98 60.55 1.86
N PRO F 260 10.89 59.83 1.41
CA PRO F 260 10.16 58.99 2.38
C PRO F 260 10.74 57.59 2.52
N LEU F 261 11.67 57.49 3.48
CA LEU F 261 12.32 56.25 3.85
C LEU F 261 11.49 55.54 4.92
N HIS F 262 11.09 54.30 4.66
CA HIS F 262 10.46 53.53 5.74
C HIS F 262 11.53 52.81 6.54
N GLY F 263 11.15 51.74 7.25
CA GLY F 263 12.05 51.09 8.18
C GLY F 263 13.13 50.22 7.58
N HIS F 264 12.78 49.38 6.61
CA HIS F 264 13.76 48.44 6.07
C HIS F 264 14.48 48.97 4.83
N MET F 265 15.04 50.17 4.91
CA MET F 265 15.85 50.74 3.84
C MET F 265 16.90 51.66 4.43
N ILE F 266 18.17 51.48 4.02
CA ILE F 266 19.31 52.23 4.53
C ILE F 266 19.74 53.26 3.51
N VAL F 267 20.10 54.47 3.98
CA VAL F 267 20.68 55.48 3.11
C VAL F 267 22.19 55.41 3.19
N PHE F 268 22.86 55.48 2.05
CA PHE F 268 24.29 55.70 1.96
C PHE F 268 24.52 57.00 1.22
N ARG F 269 25.53 57.76 1.62
CA ARG F 269 26.00 58.86 0.79
C ARG F 269 27.35 58.42 0.27
N LEU F 270 27.52 58.46 -1.04
CA LEU F 270 28.66 57.92 -1.74
C LEU F 270 29.32 59.01 -2.58
N SER F 271 30.59 58.83 -2.87
CA SER F 271 31.23 59.60 -3.93
C SER F 271 30.73 59.07 -5.27
N LEU F 272 31.10 59.75 -6.35
CA LEU F 272 30.74 59.16 -7.64
C LEU F 272 31.52 57.88 -7.94
N GLY F 273 32.58 57.61 -7.19
CA GLY F 273 33.31 56.38 -7.35
C GLY F 273 32.85 55.28 -6.44
N LEU F 274 31.69 55.47 -5.80
CA LEU F 274 31.04 54.45 -4.98
C LEU F 274 31.88 54.09 -3.75
N THR F 275 32.77 54.97 -3.31
CA THR F 275 33.32 54.85 -1.96
C THR F 275 32.36 55.55 -1.00
N ILE F 276 32.27 54.98 0.19
CA ILE F 276 31.25 55.40 1.14
C ILE F 276 31.70 56.67 1.84
N LEU F 277 30.96 57.76 1.63
CA LEU F 277 31.20 59.03 2.30
C LEU F 277 30.55 59.03 3.69
N ALA F 278 29.27 58.64 3.73
CA ALA F 278 28.45 58.60 4.93
C ALA F 278 27.54 57.38 4.87
N CYS F 279 27.15 56.88 6.05
CA CYS F 279 26.28 55.73 6.18
C CYS F 279 25.33 55.96 7.34
N GLU F 280 24.08 55.54 7.18
CA GLU F 280 23.13 55.56 8.29
C GLU F 280 23.53 54.56 9.37
N SER F 281 23.16 54.90 10.62
CA SER F 281 23.37 53.97 11.73
C SER F 281 22.38 52.81 11.70
N ARG F 282 21.24 52.99 11.02
CA ARG F 282 20.29 51.91 10.85
C ARG F 282 20.95 50.70 10.23
N VAL F 283 22.10 50.88 9.57
CA VAL F 283 22.82 49.76 8.99
C VAL F 283 23.09 48.65 10.02
N SER F 284 23.19 49.01 11.29
CA SER F 284 23.49 48.02 12.32
C SER F 284 22.33 47.10 12.60
N ASP F 285 21.11 47.54 12.29
CA ASP F 285 19.92 46.73 12.46
C ASP F 285 19.85 45.58 11.49
N HIS F 286 20.61 45.66 10.40
CA HIS F 286 20.62 44.64 9.37
C HIS F 286 21.98 44.04 9.11
N MET F 287 23.05 44.66 9.61
CA MET F 287 24.39 44.25 9.26
C MET F 287 25.32 44.31 10.47
N ASP F 288 26.46 43.66 10.35
CA ASP F 288 27.44 43.62 11.42
C ASP F 288 28.47 44.73 11.26
N MET F 289 28.19 45.68 10.38
CA MET F 289 29.09 46.80 10.14
C MET F 289 28.39 48.14 10.37
N GLY F 290 28.66 48.74 11.53
CA GLY F 290 28.06 49.99 11.88
C GLY F 290 28.76 50.93 10.92
N PRO F 291 28.25 52.15 10.81
CA PRO F 291 28.86 53.13 9.88
C PRO F 291 30.36 53.36 10.03
N SER F 292 30.94 53.03 11.20
CA SER F 292 32.38 53.16 11.36
C SER F 292 33.10 52.27 10.37
N GLU F 293 32.72 51.01 10.32
CA GLU F 293 33.38 49.96 9.57
C GLU F 293 32.95 49.95 8.13
N LEU F 294 32.17 50.94 7.70
CA LEU F 294 31.73 51.04 6.31
C LEU F 294 32.31 52.26 5.61
N VAL F 295 32.35 53.42 6.26
CA VAL F 295 32.85 54.62 5.59
C VAL F 295 34.33 54.45 5.29
N GLY F 296 34.76 54.94 4.13
CA GLY F 296 36.12 54.84 3.67
C GLY F 296 36.36 53.70 2.71
N ARG F 297 35.55 52.64 2.78
CA ARG F 297 35.71 51.51 1.88
C ARG F 297 34.84 51.69 0.64
N SER F 298 35.14 50.92 -0.41
CA SER F 298 34.43 51.04 -1.68
C SER F 298 33.35 49.97 -1.78
N CYS F 299 32.21 50.34 -2.38
CA CYS F 299 31.10 49.41 -2.49
C CYS F 299 31.49 48.15 -3.23
N TYR F 300 32.51 48.24 -4.10
CA TYR F 300 32.96 47.08 -4.83
C TYR F 300 33.63 46.03 -3.95
N GLN F 301 34.14 46.43 -2.80
CA GLN F 301 34.68 45.49 -1.83
C GLN F 301 33.58 44.69 -1.17
N PHE F 302 32.35 45.19 -1.18
CA PHE F 302 31.25 44.53 -0.47
C PHE F 302 30.28 43.72 -1.32
N VAL F 303 30.06 44.03 -2.61
CA VAL F 303 29.15 43.20 -3.41
C VAL F 303 29.76 41.82 -3.59
N HIS F 304 28.97 40.80 -3.33
CA HIS F 304 29.41 39.44 -3.62
C HIS F 304 29.99 39.38 -5.03
N GLY F 305 31.04 38.59 -5.20
CA GLY F 305 31.77 38.63 -6.46
C GLY F 305 30.95 38.25 -7.68
N GLN F 306 29.94 37.40 -7.50
CA GLN F 306 29.13 37.01 -8.63
C GLN F 306 28.29 38.18 -9.14
N ASP F 307 28.12 39.23 -8.34
CA ASP F 307 27.37 40.41 -8.76
C ASP F 307 28.22 41.64 -9.02
N ALA F 308 29.51 41.58 -8.72
CA ALA F 308 30.38 42.73 -8.92
C ALA F 308 30.13 43.38 -10.28
N THR F 309 30.00 42.56 -11.33
CA THR F 309 29.86 43.09 -12.68
C THR F 309 28.51 43.75 -12.90
N ARG F 310 27.46 43.16 -12.35
CA ARG F 310 26.11 43.73 -12.49
C ARG F 310 26.01 45.08 -11.80
N ILE F 311 26.53 45.17 -10.58
CA ILE F 311 26.56 46.46 -9.89
C ILE F 311 27.36 47.47 -10.71
N ARG F 312 28.48 47.03 -11.28
CA ARG F 312 29.28 47.94 -12.09
C ARG F 312 28.47 48.49 -13.25
N GLN F 313 27.75 47.64 -13.97
CA GLN F 313 26.89 48.12 -15.06
C GLN F 313 25.88 49.14 -14.58
N SER F 314 25.27 48.89 -13.41
CA SER F 314 24.38 49.90 -12.86
C SER F 314 25.14 51.20 -12.61
N HIS F 315 26.39 51.09 -12.13
CA HIS F 315 27.19 52.28 -11.88
C HIS F 315 27.40 53.09 -13.15
N LEU F 316 27.61 52.40 -14.27
CA LEU F 316 27.71 53.09 -15.55
C LEU F 316 26.43 53.83 -15.87
N ASP F 317 25.28 53.16 -15.74
CA ASP F 317 24.02 53.85 -16.05
C ASP F 317 23.78 55.03 -15.08
N LEU F 318 24.29 54.94 -13.86
CA LEU F 318 24.18 56.04 -12.91
C LEU F 318 25.00 57.23 -13.36
N LEU F 319 26.25 57.00 -13.80
CA LEU F 319 27.07 58.11 -14.27
C LEU F 319 26.61 58.62 -15.63
N ASP F 320 25.98 57.76 -16.44
CA ASP F 320 25.56 58.12 -17.80
C ASP F 320 24.22 58.86 -17.82
N LYS F 321 23.24 58.43 -17.01
CA LYS F 321 21.90 59.00 -17.10
C LYS F 321 21.41 59.68 -15.81
N GLY F 322 22.16 59.61 -14.72
CA GLY F 322 21.89 60.39 -13.53
C GLY F 322 21.13 59.70 -12.42
N GLN F 323 20.33 58.67 -12.73
CA GLN F 323 19.61 57.89 -11.72
C GLN F 323 19.70 56.43 -12.10
N VAL F 324 19.56 55.54 -11.11
CA VAL F 324 19.60 54.10 -11.40
C VAL F 324 18.90 53.29 -10.32
N VAL F 325 18.51 52.08 -10.69
CA VAL F 325 18.05 51.05 -9.77
C VAL F 325 18.84 49.78 -10.03
N THR F 326 19.45 49.22 -9.00
CA THR F 326 20.18 47.99 -9.25
C THR F 326 19.25 46.79 -9.31
N GLY F 327 19.83 45.65 -9.64
CA GLY F 327 19.11 44.42 -9.46
C GLY F 327 19.28 43.95 -8.04
N TYR F 328 18.70 42.79 -7.73
CA TYR F 328 18.95 42.16 -6.43
C TYR F 328 20.41 41.73 -6.36
N TYR F 329 21.15 42.26 -5.40
CA TYR F 329 22.56 41.91 -5.28
C TYR F 329 22.87 41.50 -3.85
N ARG F 330 24.02 40.88 -3.67
CA ARG F 330 24.42 40.38 -2.38
C ARG F 330 25.48 41.28 -1.78
N TRP F 331 25.24 41.74 -0.56
CA TRP F 331 26.18 42.58 0.17
C TRP F 331 26.75 41.73 1.31
N LEU F 332 28.09 41.65 1.36
CA LEU F 332 28.77 40.76 2.29
C LEU F 332 28.70 41.27 3.74
N GLN F 333 28.59 40.33 4.69
CA GLN F 333 28.60 40.64 6.11
C GLN F 333 30.00 40.45 6.69
N ARG F 334 30.29 41.19 7.78
CA ARG F 334 31.63 41.16 8.37
C ARG F 334 32.05 39.75 8.82
N ALA F 335 31.08 38.87 9.04
CA ALA F 335 31.36 37.52 9.56
C ALA F 335 31.54 36.52 8.42
N GLY F 336 30.50 36.36 7.61
CA GLY F 336 30.51 35.50 6.44
C GLY F 336 29.19 35.72 5.74
N GLY F 337 28.96 34.98 4.67
CA GLY F 337 27.70 35.16 3.99
C GLY F 337 27.38 36.60 3.64
N PHE F 338 26.10 36.92 3.45
CA PHE F 338 25.69 38.18 2.85
C PHE F 338 24.23 38.41 3.19
N VAL F 339 23.74 39.60 2.87
CA VAL F 339 22.31 39.91 2.91
C VAL F 339 21.93 40.46 1.53
N TRP F 340 20.70 40.22 1.10
CA TRP F 340 20.29 40.68 -0.21
C TRP F 340 19.79 42.11 -0.14
N LEU F 341 20.04 42.90 -1.19
CA LEU F 341 19.66 44.30 -1.26
C LEU F 341 19.16 44.62 -2.67
N GLN F 342 18.29 45.63 -2.79
CA GLN F 342 18.12 46.36 -4.04
C GLN F 342 18.31 47.83 -3.74
N SER F 343 19.03 48.57 -4.56
CA SER F 343 19.34 49.95 -4.19
C SER F 343 18.96 50.89 -5.31
N VAL F 344 18.37 52.03 -4.93
CA VAL F 344 18.08 53.11 -5.85
C VAL F 344 19.03 54.25 -5.55
N ALA F 345 19.67 54.79 -6.58
CA ALA F 345 20.79 55.71 -6.39
C ALA F 345 20.64 56.88 -7.33
N THR F 346 20.87 58.08 -6.78
CA THR F 346 20.71 59.32 -7.51
C THR F 346 21.90 60.24 -7.27
N VAL F 347 22.19 61.11 -8.24
CA VAL F 347 23.35 61.98 -8.17
C VAL F 347 22.91 63.38 -7.72
N ALA F 348 23.78 64.04 -6.95
CA ALA F 348 23.45 65.34 -6.41
C ALA F 348 24.70 66.22 -6.32
N HIS F 357 27.57 66.04 -7.72
CA HIS F 357 28.76 65.86 -6.89
C HIS F 357 28.78 64.67 -5.92
N HIS F 358 27.62 64.08 -5.59
CA HIS F 358 27.61 62.93 -4.69
C HIS F 358 26.43 62.03 -5.05
N VAL F 359 26.43 60.81 -4.51
CA VAL F 359 25.49 59.77 -4.88
C VAL F 359 24.70 59.35 -3.64
N LEU F 360 23.38 59.36 -3.74
CA LEU F 360 22.52 58.82 -2.71
C LEU F 360 22.19 57.39 -3.06
N TRP F 361 22.41 56.51 -2.10
CA TRP F 361 22.39 55.08 -2.34
C TRP F 361 21.42 54.53 -1.31
N VAL F 362 20.15 54.45 -1.69
CA VAL F 362 19.11 53.97 -0.80
C VAL F 362 18.94 52.48 -1.06
N SER F 363 19.25 51.66 -0.08
CA SER F 363 19.29 50.23 -0.25
C SER F 363 18.11 49.64 0.50
N HIS F 364 17.17 49.08 -0.24
CA HIS F 364 16.13 48.24 0.33
C HIS F 364 16.73 46.92 0.77
N VAL F 365 16.46 46.57 2.02
CA VAL F 365 16.88 45.30 2.63
C VAL F 365 15.85 44.23 2.27
N LEU F 366 16.31 43.12 1.69
CA LEU F 366 15.47 42.11 1.07
C LEU F 366 15.40 40.79 1.82
N SER F 367 16.36 40.52 2.71
CA SER F 367 16.44 39.27 3.45
C SER F 367 17.42 39.47 4.60
N ASN F 368 17.40 38.53 5.55
CA ASN F 368 18.40 38.45 6.61
C ASN F 368 19.68 37.84 6.07
N ALA F 369 20.66 37.62 6.95
CA ALA F 369 21.92 37.03 6.52
C ALA F 369 21.69 35.60 6.06
N GLU F 370 22.36 35.23 4.97
CA GLU F 370 22.16 33.95 4.31
C GLU F 370 23.54 33.35 4.05
N GLY F 371 23.65 32.02 4.18
CA GLY F 371 24.91 31.30 4.01
C GLY F 371 26.06 31.91 4.81
N SER F 372 25.84 32.11 6.11
CA SER F 372 26.76 32.90 6.94
C SER F 372 28.03 32.15 7.30
N GLN F 373 27.97 30.82 7.38
CA GLN F 373 29.07 30.08 7.99
C GLN F 373 30.32 30.10 7.14
N THR F 374 30.18 29.81 5.86
CA THR F 374 31.31 29.85 4.95
C THR F 374 31.64 31.30 4.57
N PRO F 375 32.85 31.78 4.84
CA PRO F 375 33.25 33.10 4.36
C PRO F 375 33.65 33.03 2.90
N LEU F 376 33.66 34.20 2.25
CA LEU F 376 33.90 34.27 0.81
C LEU F 376 34.97 35.29 0.43
N ASP F 377 35.04 36.42 1.12
CA ASP F 377 36.00 37.47 0.82
C ASP F 377 37.07 37.45 1.91
N ALA F 378 38.20 38.10 1.62
CA ALA F 378 39.29 38.18 2.58
C ALA F 378 38.86 38.90 3.86
N PHE F 379 38.30 40.11 3.72
CA PHE F 379 38.03 40.96 4.88
C PHE F 379 37.09 40.30 5.87
N GLN F 380 36.54 39.13 5.55
CA GLN F 380 35.72 38.38 6.49
C GLN F 380 36.56 37.41 7.33
N LEU F 381 37.86 37.65 7.46
CA LEU F 381 38.75 36.87 8.31
C LEU F 381 39.74 37.82 8.98
#